data_2FGX
#
_entry.id   2FGX
#
_entity_poly.entity_id   1
_entity_poly.type   'polypeptide(L)'
_entity_poly.pdbx_seq_one_letter_code
;MGTSHHHHHHSSGRENLYFQGHMNNQVEPRKLVVYGREGCHLCEEMIASLRVLQKKSWFELEVINIDGNEHLTRLYNDRV
PVLFAVNEDKELCHYFLDSDVIGAYLS
;
_entity_poly.pdbx_strand_id   A
#
# COMPACT_ATOMS: atom_id res chain seq x y z
N MET A 23 -26.96 16.02 -6.91
CA MET A 23 -26.68 15.63 -8.30
C MET A 23 -25.46 14.72 -8.35
N ASN A 24 -24.28 15.28 -8.11
CA ASN A 24 -23.05 14.52 -8.10
C ASN A 24 -22.52 14.39 -6.68
N ASN A 25 -21.73 13.35 -6.46
CA ASN A 25 -21.13 13.10 -5.16
C ASN A 25 -20.12 11.97 -5.29
N GLN A 26 -18.84 12.27 -5.08
CA GLN A 26 -17.81 11.25 -5.19
C GLN A 26 -18.02 10.19 -4.12
N VAL A 27 -17.69 8.95 -4.45
CA VAL A 27 -17.90 7.84 -3.55
C VAL A 27 -16.77 7.76 -2.54
N GLU A 28 -16.90 6.81 -1.63
CA GLU A 28 -15.90 6.61 -0.60
C GLU A 28 -14.69 5.88 -1.17
N PRO A 29 -13.49 6.20 -0.68
CA PRO A 29 -12.24 5.72 -1.26
C PRO A 29 -11.89 4.31 -0.81
N ARG A 30 -10.83 3.77 -1.40
CA ARG A 30 -10.35 2.45 -1.04
C ARG A 30 -9.11 2.59 -0.17
N LYS A 31 -9.00 1.75 0.84
CA LYS A 31 -7.89 1.83 1.79
C LYS A 31 -6.69 1.04 1.28
N LEU A 32 -5.49 1.50 1.59
CA LEU A 32 -4.29 0.80 1.17
C LEU A 32 -3.42 0.44 2.37
N VAL A 33 -2.89 -0.77 2.35
CA VAL A 33 -2.02 -1.25 3.42
C VAL A 33 -0.65 -1.60 2.85
N VAL A 34 0.39 -1.25 3.59
CA VAL A 34 1.74 -1.62 3.21
C VAL A 34 2.31 -2.65 4.15
N TYR A 35 2.54 -3.86 3.64
CA TYR A 35 3.12 -4.92 4.43
C TYR A 35 4.64 -4.77 4.49
N GLY A 36 5.19 -4.88 5.70
CA GLY A 36 6.63 -4.74 5.85
C GLY A 36 7.12 -5.37 7.14
N ARG A 37 8.33 -5.00 7.54
CA ARG A 37 8.93 -5.50 8.77
C ARG A 37 10.02 -4.54 9.25
N GLU A 38 9.85 -4.04 10.46
CA GLU A 38 10.82 -3.13 11.08
C GLU A 38 10.96 -1.83 10.28
N GLY A 39 11.94 -1.01 10.65
CA GLY A 39 12.16 0.24 9.96
C GLY A 39 13.02 0.07 8.73
N CYS A 40 12.39 -0.02 7.57
CA CYS A 40 13.11 -0.12 6.30
C CYS A 40 12.98 1.18 5.52
N HIS A 41 14.06 1.57 4.84
CA HIS A 41 14.06 2.80 4.08
C HIS A 41 13.00 2.81 2.98
N LEU A 42 12.88 1.71 2.26
CA LEU A 42 11.89 1.62 1.19
C LEU A 42 10.48 1.84 1.72
N CYS A 43 10.22 1.38 2.94
CA CYS A 43 8.94 1.62 3.58
C CYS A 43 8.73 3.12 3.79
N GLU A 44 9.73 3.78 4.35
CA GLU A 44 9.68 5.21 4.61
C GLU A 44 9.48 6.00 3.31
N GLU A 45 10.24 5.62 2.28
CA GLU A 45 10.16 6.28 0.99
C GLU A 45 8.75 6.13 0.39
N MET A 46 8.19 4.93 0.50
CA MET A 46 6.85 4.68 -0.01
C MET A 46 5.81 5.42 0.83
N ILE A 47 6.02 5.48 2.14
CA ILE A 47 5.15 6.23 3.02
C ILE A 47 5.09 7.68 2.57
N ALA A 48 6.26 8.28 2.34
CA ALA A 48 6.33 9.65 1.85
C ALA A 48 5.62 9.79 0.51
N SER A 49 5.80 8.79 -0.35
CA SER A 49 5.15 8.77 -1.66
C SER A 49 3.63 8.75 -1.51
N LEU A 50 3.15 7.88 -0.63
CA LEU A 50 1.71 7.70 -0.42
C LEU A 50 1.10 8.90 0.32
N ARG A 51 1.89 9.51 1.19
CA ARG A 51 1.46 10.71 1.89
C ARG A 51 1.19 11.84 0.92
N VAL A 52 2.05 11.94 -0.09
CA VAL A 52 1.86 12.91 -1.17
C VAL A 52 0.61 12.57 -1.97
N LEU A 53 0.46 11.29 -2.30
CA LEU A 53 -0.72 10.82 -3.05
C LEU A 53 -2.00 11.05 -2.26
N GLN A 54 -1.92 10.89 -0.94
CA GLN A 54 -3.08 11.09 -0.06
C GLN A 54 -3.66 12.50 -0.18
N LYS A 55 -2.85 13.43 -0.66
CA LYS A 55 -3.30 14.80 -0.87
C LYS A 55 -4.20 14.90 -2.10
N LYS A 56 -3.93 14.02 -3.07
CA LYS A 56 -4.72 13.96 -4.29
C LYS A 56 -5.85 12.96 -4.13
N SER A 57 -5.50 11.81 -3.59
CA SER A 57 -6.43 10.71 -3.44
C SER A 57 -6.22 10.04 -2.08
N TRP A 58 -7.22 10.10 -1.23
CA TRP A 58 -7.11 9.52 0.10
C TRP A 58 -7.31 8.01 0.03
N PHE A 59 -6.41 7.27 0.67
CA PHE A 59 -6.52 5.82 0.72
C PHE A 59 -6.01 5.29 2.06
N GLU A 60 -5.85 6.19 3.00
CA GLU A 60 -5.27 5.87 4.31
C GLU A 60 -3.89 5.27 4.17
N LEU A 61 -3.28 4.95 5.30
CA LEU A 61 -1.96 4.32 5.28
C LEU A 61 -1.77 3.45 6.52
N GLU A 62 -1.64 2.15 6.30
CA GLU A 62 -1.45 1.22 7.40
C GLU A 62 -0.26 0.30 7.11
N VAL A 63 0.72 0.35 7.98
CA VAL A 63 1.91 -0.50 7.85
C VAL A 63 1.80 -1.69 8.80
N ILE A 64 1.74 -2.89 8.24
CA ILE A 64 1.54 -4.08 9.03
C ILE A 64 2.78 -4.99 8.97
N ASN A 65 3.24 -5.40 10.14
CA ASN A 65 4.40 -6.26 10.27
C ASN A 65 4.07 -7.69 9.87
N ILE A 66 4.75 -8.20 8.85
CA ILE A 66 4.52 -9.56 8.39
C ILE A 66 5.39 -10.55 9.15
N ASP A 67 6.41 -10.03 9.83
CA ASP A 67 7.34 -10.87 10.59
C ASP A 67 6.61 -11.77 11.58
N GLY A 68 5.56 -11.24 12.19
CA GLY A 68 4.74 -12.03 13.07
C GLY A 68 3.90 -13.04 12.32
N ASN A 69 3.18 -12.56 11.31
CA ASN A 69 2.33 -13.43 10.50
C ASN A 69 3.14 -14.14 9.43
N GLU A 70 3.59 -15.34 9.74
CA GLU A 70 4.42 -16.12 8.83
C GLU A 70 3.63 -16.52 7.58
N HIS A 71 2.31 -16.46 7.66
CA HIS A 71 1.46 -16.65 6.47
C HIS A 71 1.73 -15.55 5.45
N LEU A 72 1.84 -14.32 5.94
CA LEU A 72 2.15 -13.18 5.07
C LEU A 72 3.59 -13.25 4.60
N THR A 73 4.47 -13.71 5.47
CA THR A 73 5.87 -13.90 5.12
C THR A 73 6.01 -14.97 4.04
N ARG A 74 5.17 -15.98 4.10
CA ARG A 74 5.15 -17.03 3.09
C ARG A 74 4.75 -16.45 1.74
N LEU A 75 3.86 -15.46 1.76
CA LEU A 75 3.41 -14.79 0.56
C LEU A 75 4.49 -13.87 0.01
N TYR A 76 5.03 -13.02 0.86
CA TYR A 76 5.92 -11.96 0.41
C TYR A 76 7.37 -12.22 0.82
N ASN A 77 7.63 -12.24 2.13
CA ASN A 77 8.99 -12.39 2.70
C ASN A 77 9.95 -11.34 2.16
N ASP A 78 10.55 -11.62 1.00
CA ASP A 78 11.58 -10.78 0.42
C ASP A 78 10.97 -9.62 -0.35
N ARG A 79 9.79 -9.86 -0.90
CA ARG A 79 9.10 -8.84 -1.66
C ARG A 79 8.13 -8.13 -0.74
N VAL A 80 8.68 -7.41 0.22
CA VAL A 80 7.87 -6.68 1.15
C VAL A 80 7.54 -5.32 0.56
N PRO A 81 7.87 -4.20 1.23
CA PRO A 81 7.02 -3.03 1.27
C PRO A 81 5.86 -3.11 0.26
N VAL A 82 4.94 -4.03 0.52
CA VAL A 82 3.93 -4.40 -0.46
C VAL A 82 2.68 -3.58 -0.27
N LEU A 83 2.24 -2.95 -1.35
CA LEU A 83 1.08 -2.10 -1.31
C LEU A 83 -0.17 -2.91 -1.65
N PHE A 84 -0.92 -3.22 -0.60
CA PHE A 84 -2.09 -4.07 -0.69
C PHE A 84 -3.36 -3.24 -0.85
N ALA A 85 -4.24 -3.67 -1.74
CA ALA A 85 -5.50 -2.97 -1.99
C ALA A 85 -6.60 -3.50 -1.09
N VAL A 86 -7.01 -2.68 -0.13
CA VAL A 86 -8.10 -3.02 0.76
C VAL A 86 -9.42 -2.63 0.11
N ASN A 87 -10.50 -3.32 0.48
CA ASN A 87 -11.82 -3.16 -0.16
C ASN A 87 -11.77 -3.77 -1.56
N GLU A 88 -10.83 -4.68 -1.75
CA GLU A 88 -10.61 -5.34 -3.01
C GLU A 88 -9.89 -6.65 -2.78
N ASP A 89 -8.94 -6.64 -1.84
CA ASP A 89 -8.25 -7.83 -1.36
C ASP A 89 -7.31 -8.39 -2.44
N LYS A 90 -6.34 -7.57 -2.85
CA LYS A 90 -5.33 -8.00 -3.82
C LYS A 90 -4.08 -7.13 -3.67
N GLU A 91 -2.94 -7.63 -4.14
CA GLU A 91 -1.72 -6.85 -4.15
C GLU A 91 -1.69 -5.96 -5.38
N LEU A 92 -1.23 -4.71 -5.22
CA LEU A 92 -1.08 -3.81 -6.34
C LEU A 92 0.39 -3.67 -6.71
N CYS A 93 1.15 -3.10 -5.77
CA CYS A 93 2.55 -2.81 -5.99
C CYS A 93 3.38 -3.30 -4.81
N HIS A 94 4.67 -3.04 -4.87
CA HIS A 94 5.59 -3.44 -3.82
C HIS A 94 6.66 -2.38 -3.67
N TYR A 95 7.69 -2.68 -2.88
CA TYR A 95 8.85 -1.80 -2.71
C TYR A 95 9.24 -1.15 -4.04
N PHE A 96 9.48 0.16 -3.97
CA PHE A 96 9.68 0.99 -5.17
C PHE A 96 8.34 1.19 -5.87
N LEU A 97 7.70 2.32 -5.57
CA LEU A 97 6.35 2.62 -6.03
C LEU A 97 6.27 2.65 -7.54
N ASP A 98 5.32 1.90 -8.11
CA ASP A 98 5.12 1.90 -9.55
C ASP A 98 4.36 3.14 -9.98
N SER A 99 3.47 3.59 -9.08
CA SER A 99 2.65 4.79 -9.28
C SER A 99 1.58 4.59 -10.36
N ASP A 100 2.00 4.11 -11.53
CA ASP A 100 1.09 3.92 -12.66
C ASP A 100 -0.07 3.01 -12.29
N VAL A 101 0.24 1.89 -11.66
CA VAL A 101 -0.77 0.90 -11.30
C VAL A 101 -1.77 1.44 -10.28
N ILE A 102 -1.29 2.00 -9.17
CA ILE A 102 -2.20 2.54 -8.18
C ILE A 102 -2.90 3.80 -8.72
N GLY A 103 -2.26 4.48 -9.66
CA GLY A 103 -2.89 5.60 -10.31
C GLY A 103 -4.11 5.18 -11.09
N ALA A 104 -3.97 4.09 -11.85
CA ALA A 104 -5.07 3.52 -12.61
C ALA A 104 -6.14 2.94 -11.68
N TYR A 105 -5.72 2.59 -10.48
CA TYR A 105 -6.59 1.96 -9.50
C TYR A 105 -7.34 2.97 -8.65
N LEU A 106 -6.60 3.84 -7.98
CA LEU A 106 -7.17 4.73 -6.98
C LEU A 106 -8.02 5.83 -7.62
N SER A 107 -7.56 6.36 -8.74
CA SER A 107 -8.21 7.50 -9.37
C SER A 107 -7.83 7.58 -10.84
N MET A 23 -26.44 16.58 -8.37
CA MET A 23 -26.75 15.23 -7.85
C MET A 23 -25.46 14.42 -7.71
N ASN A 24 -24.93 14.36 -6.50
CA ASN A 24 -23.65 13.72 -6.28
C ASN A 24 -23.81 12.25 -5.90
N ASN A 25 -23.62 11.39 -6.88
CA ASN A 25 -23.59 9.95 -6.64
C ASN A 25 -22.15 9.46 -6.70
N GLN A 26 -21.34 9.94 -5.76
CA GLN A 26 -19.92 9.60 -5.74
C GLN A 26 -19.68 8.43 -4.79
N VAL A 27 -18.41 8.07 -4.63
CA VAL A 27 -18.05 6.92 -3.83
C VAL A 27 -17.28 7.32 -2.59
N GLU A 28 -17.22 6.41 -1.65
CA GLU A 28 -16.49 6.61 -0.40
C GLU A 28 -14.99 6.47 -0.63
N PRO A 29 -14.14 6.90 0.32
CA PRO A 29 -12.70 6.82 0.17
C PRO A 29 -12.19 5.40 0.30
N ARG A 30 -11.18 5.08 -0.50
CA ARG A 30 -10.60 3.75 -0.47
C ARG A 30 -9.34 3.75 0.40
N LYS A 31 -8.80 2.58 0.67
CA LYS A 31 -7.68 2.48 1.59
C LYS A 31 -6.57 1.57 1.07
N LEU A 32 -5.35 1.83 1.50
CA LEU A 32 -4.19 1.03 1.14
C LEU A 32 -3.50 0.48 2.38
N VAL A 33 -2.93 -0.70 2.25
CA VAL A 33 -2.15 -1.32 3.31
C VAL A 33 -0.74 -1.62 2.81
N VAL A 34 0.26 -1.27 3.61
CA VAL A 34 1.63 -1.61 3.27
C VAL A 34 2.13 -2.75 4.16
N TYR A 35 2.40 -3.89 3.54
CA TYR A 35 2.94 -5.04 4.25
C TYR A 35 4.46 -4.99 4.23
N GLY A 36 5.05 -4.91 5.41
CA GLY A 36 6.50 -4.82 5.48
C GLY A 36 7.06 -5.61 6.65
N ARG A 37 8.36 -5.85 6.60
CA ARG A 37 9.04 -6.54 7.69
C ARG A 37 10.49 -6.08 7.78
N GLU A 38 10.82 -5.42 8.87
CA GLU A 38 12.19 -4.96 9.16
C GLU A 38 12.73 -4.03 8.05
N GLY A 39 11.83 -3.49 7.24
CA GLY A 39 12.24 -2.60 6.17
C GLY A 39 11.97 -1.16 6.50
N CYS A 40 12.66 -0.66 7.52
CA CYS A 40 12.44 0.69 8.02
C CYS A 40 12.72 1.74 6.94
N HIS A 41 13.85 1.60 6.25
CA HIS A 41 14.26 2.59 5.26
C HIS A 41 13.32 2.57 4.05
N LEU A 42 13.04 1.38 3.55
CA LEU A 42 12.17 1.22 2.38
C LEU A 42 10.75 1.72 2.70
N CYS A 43 10.32 1.49 3.93
CA CYS A 43 9.01 1.95 4.37
C CYS A 43 8.94 3.47 4.32
N GLU A 44 9.97 4.12 4.87
CA GLU A 44 10.05 5.59 4.88
C GLU A 44 9.96 6.16 3.47
N GLU A 45 10.69 5.54 2.55
CA GLU A 45 10.74 6.01 1.17
C GLU A 45 9.37 5.93 0.52
N MET A 46 8.69 4.79 0.67
CA MET A 46 7.36 4.63 0.08
C MET A 46 6.35 5.52 0.78
N ILE A 47 6.47 5.66 2.10
CA ILE A 47 5.57 6.53 2.85
C ILE A 47 5.63 7.95 2.31
N ALA A 48 6.84 8.45 2.05
CA ALA A 48 7.02 9.79 1.50
C ALA A 48 6.26 9.92 0.17
N SER A 49 6.36 8.90 -0.67
CA SER A 49 5.65 8.88 -1.94
C SER A 49 4.14 8.89 -1.74
N LEU A 50 3.68 8.09 -0.77
CA LEU A 50 2.25 7.98 -0.49
C LEU A 50 1.72 9.26 0.15
N ARG A 51 2.55 9.93 0.94
CA ARG A 51 2.18 11.20 1.56
C ARG A 51 1.89 12.24 0.49
N VAL A 52 2.68 12.22 -0.57
CA VAL A 52 2.49 13.13 -1.68
C VAL A 52 1.23 12.78 -2.46
N LEU A 53 1.03 11.49 -2.70
CA LEU A 53 -0.14 11.02 -3.45
C LEU A 53 -1.42 11.26 -2.64
N GLN A 54 -1.32 11.14 -1.32
CA GLN A 54 -2.46 11.41 -0.43
C GLN A 54 -2.97 12.85 -0.58
N LYS A 55 -2.11 13.74 -1.06
CA LYS A 55 -2.47 15.13 -1.26
C LYS A 55 -3.32 15.29 -2.52
N LYS A 56 -3.25 14.28 -3.38
CA LYS A 56 -3.99 14.30 -4.62
C LYS A 56 -5.22 13.39 -4.52
N SER A 57 -5.01 12.23 -3.93
CA SER A 57 -6.05 11.23 -3.78
C SER A 57 -5.90 10.54 -2.43
N TRP A 58 -6.91 10.63 -1.58
CA TRP A 58 -6.84 10.05 -0.26
C TRP A 58 -7.06 8.55 -0.30
N PHE A 59 -6.19 7.81 0.36
CA PHE A 59 -6.29 6.35 0.42
C PHE A 59 -5.84 5.82 1.77
N GLU A 60 -5.75 6.69 2.77
CA GLU A 60 -5.28 6.31 4.10
C GLU A 60 -3.87 5.73 4.03
N LEU A 61 -3.37 5.26 5.16
CA LEU A 61 -2.10 4.55 5.16
C LEU A 61 -2.05 3.54 6.30
N GLU A 62 -2.09 2.27 5.96
CA GLU A 62 -1.99 1.20 6.95
C GLU A 62 -0.59 0.59 6.89
N VAL A 63 -0.06 0.27 8.05
CA VAL A 63 1.27 -0.31 8.16
C VAL A 63 1.21 -1.58 8.99
N ILE A 64 1.55 -2.71 8.36
CA ILE A 64 1.46 -3.99 9.03
C ILE A 64 2.75 -4.78 8.93
N ASN A 65 3.43 -4.93 10.06
CA ASN A 65 4.60 -5.80 10.15
C ASN A 65 4.17 -7.25 10.02
N ILE A 66 4.48 -7.84 8.88
CA ILE A 66 4.09 -9.22 8.61
C ILE A 66 5.07 -10.20 9.23
N ASP A 67 6.17 -9.67 9.75
CA ASP A 67 7.25 -10.50 10.29
C ASP A 67 6.75 -11.40 11.42
N GLY A 68 5.81 -10.89 12.20
CA GLY A 68 5.27 -11.67 13.30
C GLY A 68 4.16 -12.62 12.85
N ASN A 69 3.69 -12.43 11.62
CA ASN A 69 2.60 -13.25 11.10
C ASN A 69 3.15 -14.28 10.11
N GLU A 70 3.12 -15.54 10.52
CA GLU A 70 3.70 -16.62 9.74
C GLU A 70 3.06 -16.72 8.36
N HIS A 71 1.74 -16.62 8.31
CA HIS A 71 1.01 -16.80 7.06
C HIS A 71 1.28 -15.64 6.09
N LEU A 72 1.44 -14.44 6.62
CA LEU A 72 1.69 -13.27 5.78
C LEU A 72 3.12 -13.31 5.23
N THR A 73 4.04 -13.82 6.04
CA THR A 73 5.44 -13.96 5.63
C THR A 73 5.56 -14.92 4.45
N ARG A 74 4.66 -15.91 4.39
CA ARG A 74 4.66 -16.90 3.32
C ARG A 74 4.53 -16.24 1.96
N LEU A 75 3.75 -15.15 1.92
CA LEU A 75 3.46 -14.47 0.68
C LEU A 75 4.48 -13.39 0.35
N TYR A 76 4.76 -12.52 1.31
CA TYR A 76 5.47 -11.28 1.00
C TYR A 76 6.90 -11.25 1.52
N ASN A 77 7.38 -12.36 2.10
CA ASN A 77 8.72 -12.39 2.73
C ASN A 77 9.80 -11.70 1.90
N ASP A 78 9.97 -12.14 0.66
CA ASP A 78 11.07 -11.63 -0.17
C ASP A 78 10.61 -10.54 -1.13
N ARG A 79 9.35 -10.19 -1.05
CA ARG A 79 8.80 -9.14 -1.89
C ARG A 79 7.97 -8.19 -1.04
N VAL A 80 8.60 -7.64 0.01
CA VAL A 80 7.87 -6.85 0.97
C VAL A 80 7.62 -5.41 0.48
N PRO A 81 7.84 -4.37 1.31
CA PRO A 81 6.97 -3.22 1.36
C PRO A 81 5.87 -3.24 0.29
N VAL A 82 4.94 -4.18 0.44
CA VAL A 82 3.95 -4.44 -0.59
C VAL A 82 2.71 -3.60 -0.35
N LEU A 83 2.31 -2.87 -1.38
CA LEU A 83 1.18 -1.98 -1.28
C LEU A 83 -0.09 -2.71 -1.73
N PHE A 84 -0.93 -3.04 -0.75
CA PHE A 84 -2.11 -3.84 -0.95
C PHE A 84 -3.36 -2.97 -1.09
N ALA A 85 -4.23 -3.32 -2.02
CA ALA A 85 -5.48 -2.61 -2.22
C ALA A 85 -6.56 -3.19 -1.31
N VAL A 86 -6.99 -2.39 -0.34
CA VAL A 86 -8.01 -2.81 0.61
C VAL A 86 -9.39 -2.83 -0.06
N ASN A 87 -10.29 -3.65 0.47
CA ASN A 87 -11.68 -3.77 -0.01
C ASN A 87 -11.77 -4.64 -1.25
N GLU A 88 -10.92 -4.36 -2.24
CA GLU A 88 -10.95 -5.12 -3.49
C GLU A 88 -10.06 -6.36 -3.39
N ASP A 89 -9.13 -6.34 -2.44
CA ASP A 89 -8.26 -7.48 -2.14
C ASP A 89 -7.36 -7.84 -3.32
N LYS A 90 -6.25 -7.11 -3.44
CA LYS A 90 -5.23 -7.40 -4.43
C LYS A 90 -3.96 -6.62 -4.12
N GLU A 91 -2.82 -7.26 -4.29
CA GLU A 91 -1.55 -6.57 -4.14
C GLU A 91 -1.29 -5.71 -5.36
N LEU A 92 -1.03 -4.43 -5.16
CA LEU A 92 -0.79 -3.52 -6.26
C LEU A 92 0.70 -3.38 -6.53
N CYS A 93 1.35 -2.58 -5.71
CA CYS A 93 2.75 -2.28 -5.89
C CYS A 93 3.58 -2.97 -4.83
N HIS A 94 4.88 -2.82 -4.92
CA HIS A 94 5.80 -3.38 -3.95
C HIS A 94 6.79 -2.33 -3.51
N TYR A 95 7.82 -2.75 -2.77
CA TYR A 95 8.90 -1.85 -2.38
C TYR A 95 9.34 -1.00 -3.56
N PHE A 96 9.46 0.31 -3.33
CA PHE A 96 9.69 1.29 -4.39
C PHE A 96 8.42 1.45 -5.22
N LEU A 97 7.71 2.55 -4.98
CA LEU A 97 6.39 2.78 -5.54
C LEU A 97 6.40 2.65 -7.07
N ASP A 98 5.57 1.74 -7.58
CA ASP A 98 5.45 1.53 -9.02
C ASP A 98 4.60 2.63 -9.65
N SER A 99 3.78 3.27 -8.81
CA SER A 99 2.98 4.44 -9.19
C SER A 99 1.83 4.11 -10.14
N ASP A 100 2.13 3.57 -11.32
CA ASP A 100 1.10 3.28 -12.32
C ASP A 100 0.04 2.35 -11.77
N VAL A 101 0.48 1.32 -11.07
CA VAL A 101 -0.42 0.29 -10.56
C VAL A 101 -1.37 0.84 -9.50
N ILE A 102 -0.85 1.66 -8.60
CA ILE A 102 -1.72 2.27 -7.59
C ILE A 102 -2.61 3.33 -8.23
N GLY A 103 -2.09 4.05 -9.21
CA GLY A 103 -2.91 5.01 -9.94
C GLY A 103 -4.09 4.33 -10.60
N ALA A 104 -3.86 3.11 -11.07
CA ALA A 104 -4.89 2.31 -11.71
C ALA A 104 -5.99 1.93 -10.71
N TYR A 105 -5.60 1.78 -9.44
CA TYR A 105 -6.57 1.46 -8.38
C TYR A 105 -7.19 2.71 -7.79
N LEU A 106 -6.39 3.77 -7.67
CA LEU A 106 -6.83 5.00 -7.04
C LEU A 106 -7.63 5.88 -8.00
N SER A 107 -8.06 5.29 -9.10
CA SER A 107 -8.94 5.98 -10.02
C SER A 107 -10.37 5.99 -9.49
N MET A 23 -30.79 11.60 -4.22
CA MET A 23 -29.43 12.08 -4.58
C MET A 23 -28.41 11.52 -3.60
N ASN A 24 -27.30 11.03 -4.12
CA ASN A 24 -26.22 10.52 -3.26
C ASN A 24 -24.88 10.57 -3.99
N ASN A 25 -24.12 11.63 -3.78
CA ASN A 25 -22.76 11.70 -4.27
C ASN A 25 -21.82 11.06 -3.25
N GLN A 26 -21.82 9.73 -3.24
CA GLN A 26 -21.06 8.99 -2.26
C GLN A 26 -19.63 8.79 -2.73
N VAL A 27 -18.74 9.64 -2.25
CA VAL A 27 -17.33 9.53 -2.57
C VAL A 27 -16.62 8.68 -1.54
N GLU A 28 -15.82 7.75 -2.03
CA GLU A 28 -15.12 6.82 -1.16
C GLU A 28 -13.70 6.62 -1.65
N PRO A 29 -12.77 6.38 -0.72
CA PRO A 29 -11.36 6.18 -1.03
C PRO A 29 -11.08 4.75 -1.47
N ARG A 30 -9.83 4.46 -1.77
CA ARG A 30 -9.44 3.12 -2.19
C ARG A 30 -8.89 2.34 -1.01
N LYS A 31 -8.06 3.04 -0.22
CA LYS A 31 -7.41 2.47 0.96
C LYS A 31 -6.30 1.50 0.55
N LEU A 32 -5.07 1.86 0.86
CA LEU A 32 -3.92 1.02 0.59
C LEU A 32 -3.36 0.43 1.87
N VAL A 33 -3.13 -0.87 1.84
CA VAL A 33 -2.45 -1.54 2.92
C VAL A 33 -1.04 -1.91 2.48
N VAL A 34 -0.08 -1.56 3.30
CA VAL A 34 1.30 -1.90 3.03
C VAL A 34 1.77 -2.99 3.98
N TYR A 35 1.94 -4.19 3.47
CA TYR A 35 2.49 -5.27 4.26
C TYR A 35 3.99 -5.07 4.40
N GLY A 36 4.45 -4.91 5.63
CA GLY A 36 5.85 -4.65 5.87
C GLY A 36 6.36 -5.34 7.10
N ARG A 37 7.49 -4.89 7.61
CA ARG A 37 8.10 -5.46 8.79
C ARG A 37 9.12 -4.49 9.35
N GLU A 38 9.81 -4.90 10.41
CA GLU A 38 10.83 -4.06 11.02
C GLU A 38 11.99 -3.84 10.07
N GLY A 39 12.12 -2.62 9.56
CA GLY A 39 13.21 -2.29 8.67
C GLY A 39 12.72 -1.79 7.33
N CYS A 40 13.45 -2.12 6.27
CA CYS A 40 13.07 -1.78 4.90
C CYS A 40 13.20 -0.28 4.62
N HIS A 41 14.35 0.10 4.05
CA HIS A 41 14.62 1.48 3.69
C HIS A 41 13.56 1.99 2.72
N LEU A 42 13.17 1.13 1.79
CA LEU A 42 12.17 1.47 0.78
C LEU A 42 10.82 1.79 1.41
N CYS A 43 10.50 1.15 2.53
CA CYS A 43 9.24 1.38 3.21
C CYS A 43 9.08 2.85 3.58
N GLU A 44 10.15 3.43 4.11
CA GLU A 44 10.17 4.84 4.47
C GLU A 44 9.96 5.71 3.24
N GLU A 45 10.62 5.33 2.15
CA GLU A 45 10.54 6.07 0.89
C GLU A 45 9.13 5.98 0.30
N MET A 46 8.52 4.80 0.42
CA MET A 46 7.15 4.60 -0.03
C MET A 46 6.19 5.49 0.75
N ILE A 47 6.29 5.47 2.07
CA ILE A 47 5.41 6.27 2.92
C ILE A 47 5.50 7.76 2.57
N ALA A 48 6.72 8.26 2.42
CA ALA A 48 6.92 9.66 2.07
C ALA A 48 6.34 9.98 0.70
N SER A 49 6.36 8.99 -0.18
CA SER A 49 5.81 9.13 -1.51
C SER A 49 4.28 9.13 -1.47
N LEU A 50 3.71 8.20 -0.70
CA LEU A 50 2.27 8.04 -0.60
C LEU A 50 1.64 9.25 0.08
N ARG A 51 2.36 9.87 1.01
CA ARG A 51 1.89 11.09 1.68
C ARG A 51 1.58 12.18 0.67
N VAL A 52 2.44 12.32 -0.32
CA VAL A 52 2.29 13.34 -1.33
C VAL A 52 1.07 13.07 -2.21
N LEU A 53 0.85 11.80 -2.56
CA LEU A 53 -0.29 11.43 -3.37
C LEU A 53 -1.60 11.56 -2.59
N GLN A 54 -1.54 11.31 -1.29
CA GLN A 54 -2.71 11.44 -0.42
C GLN A 54 -3.25 12.88 -0.45
N LYS A 55 -2.41 13.82 -0.84
CA LYS A 55 -2.80 15.22 -0.92
C LYS A 55 -3.64 15.51 -2.16
N LYS A 56 -3.62 14.58 -3.12
CA LYS A 56 -4.46 14.70 -4.30
C LYS A 56 -5.60 13.69 -4.22
N SER A 57 -5.25 12.48 -3.82
CA SER A 57 -6.19 11.39 -3.75
C SER A 57 -5.96 10.59 -2.47
N TRP A 58 -6.89 10.70 -1.54
CA TRP A 58 -6.77 10.02 -0.26
C TRP A 58 -7.00 8.52 -0.41
N PHE A 59 -6.04 7.74 0.05
CA PHE A 59 -6.16 6.28 0.00
C PHE A 59 -5.71 5.65 1.31
N GLU A 60 -5.66 6.44 2.37
CA GLU A 60 -5.24 5.94 3.68
C GLU A 60 -3.81 5.40 3.63
N LEU A 61 -3.30 5.01 4.78
CA LEU A 61 -2.02 4.34 4.84
C LEU A 61 -1.95 3.40 6.04
N GLU A 62 -1.95 2.11 5.76
CA GLU A 62 -1.93 1.11 6.82
C GLU A 62 -0.71 0.22 6.66
N VAL A 63 0.16 0.24 7.64
CA VAL A 63 1.38 -0.57 7.60
C VAL A 63 1.27 -1.71 8.60
N ILE A 64 1.26 -2.93 8.10
CA ILE A 64 1.04 -4.09 8.93
C ILE A 64 2.29 -4.99 8.96
N ASN A 65 2.80 -5.22 10.16
CA ASN A 65 3.97 -6.08 10.36
C ASN A 65 3.63 -7.53 10.06
N ILE A 66 4.20 -8.06 8.99
CA ILE A 66 4.01 -9.46 8.65
C ILE A 66 4.95 -10.32 9.48
N ASP A 67 6.03 -9.70 9.97
CA ASP A 67 7.04 -10.40 10.75
C ASP A 67 6.47 -10.96 12.06
N GLY A 68 5.34 -10.42 12.48
CA GLY A 68 4.68 -10.90 13.68
C GLY A 68 3.54 -11.85 13.36
N ASN A 69 3.43 -12.23 12.09
CA ASN A 69 2.36 -13.10 11.64
C ASN A 69 2.92 -14.22 10.76
N GLU A 70 2.85 -15.45 11.24
CA GLU A 70 3.38 -16.60 10.51
C GLU A 70 2.71 -16.73 9.15
N HIS A 71 1.40 -16.54 9.11
CA HIS A 71 0.64 -16.71 7.86
C HIS A 71 1.14 -15.74 6.79
N LEU A 72 1.40 -14.50 7.20
CA LEU A 72 1.86 -13.47 6.26
C LEU A 72 3.33 -13.66 5.90
N THR A 73 4.10 -14.18 6.85
CA THR A 73 5.52 -14.47 6.60
C THR A 73 5.65 -15.62 5.60
N ARG A 74 4.63 -16.47 5.54
CA ARG A 74 4.62 -17.58 4.60
C ARG A 74 4.23 -17.08 3.21
N LEU A 75 3.34 -16.08 3.19
CA LEU A 75 2.90 -15.49 1.94
C LEU A 75 4.00 -14.66 1.30
N TYR A 76 4.53 -13.71 2.05
CA TYR A 76 5.44 -12.72 1.50
C TYR A 76 6.88 -12.94 1.96
N ASN A 77 7.11 -12.72 3.26
CA ASN A 77 8.45 -12.69 3.86
C ASN A 77 9.40 -11.75 3.10
N ASP A 78 10.06 -12.26 2.06
CA ASP A 78 11.01 -11.48 1.28
C ASP A 78 10.32 -10.78 0.13
N ARG A 79 9.03 -10.60 0.28
CA ARG A 79 8.22 -9.86 -0.67
C ARG A 79 7.39 -8.86 0.08
N VAL A 80 8.05 -7.95 0.80
CA VAL A 80 7.35 -6.98 1.57
C VAL A 80 7.15 -5.71 0.75
N PRO A 81 7.54 -4.51 1.24
CA PRO A 81 6.80 -3.29 1.01
C PRO A 81 5.72 -3.42 -0.08
N VAL A 82 4.67 -4.15 0.25
CA VAL A 82 3.65 -4.55 -0.72
C VAL A 82 2.41 -3.68 -0.61
N LEU A 83 2.09 -2.97 -1.68
CA LEU A 83 0.87 -2.19 -1.74
C LEU A 83 -0.31 -3.06 -2.12
N PHE A 84 -1.11 -3.39 -1.13
CA PHE A 84 -2.29 -4.19 -1.34
C PHE A 84 -3.49 -3.28 -1.59
N ALA A 85 -4.08 -3.44 -2.76
CA ALA A 85 -5.24 -2.65 -3.13
C ALA A 85 -6.47 -3.15 -2.39
N VAL A 86 -6.89 -2.41 -1.37
CA VAL A 86 -8.08 -2.75 -0.61
C VAL A 86 -9.31 -2.39 -1.43
N ASN A 87 -10.40 -3.13 -1.23
CA ASN A 87 -11.64 -2.91 -1.98
C ASN A 87 -11.43 -3.25 -3.45
N GLU A 88 -10.42 -4.08 -3.70
CA GLU A 88 -10.07 -4.49 -5.06
C GLU A 88 -9.41 -5.86 -5.00
N ASP A 89 -8.49 -6.01 -4.04
CA ASP A 89 -7.80 -7.28 -3.76
C ASP A 89 -6.80 -7.61 -4.86
N LYS A 90 -5.63 -6.99 -4.78
CA LYS A 90 -4.52 -7.28 -5.69
C LYS A 90 -3.30 -6.48 -5.27
N GLU A 91 -2.15 -6.87 -5.79
CA GLU A 91 -0.92 -6.10 -5.60
C GLU A 91 -0.75 -5.11 -6.74
N LEU A 92 -0.50 -3.84 -6.42
CA LEU A 92 -0.19 -2.86 -7.45
C LEU A 92 1.29 -2.92 -7.77
N CYS A 93 2.10 -2.91 -6.72
CA CYS A 93 3.55 -3.01 -6.84
C CYS A 93 4.13 -3.18 -5.45
N HIS A 94 5.40 -3.54 -5.38
CA HIS A 94 6.05 -3.72 -4.09
C HIS A 94 7.50 -3.27 -4.14
N TYR A 95 7.98 -2.74 -3.01
CA TYR A 95 9.35 -2.24 -2.86
C TYR A 95 9.53 -0.89 -3.54
N PHE A 96 9.04 -0.75 -4.75
CA PHE A 96 9.18 0.47 -5.50
C PHE A 96 7.81 0.96 -5.94
N LEU A 97 7.74 2.20 -6.34
CA LEU A 97 6.46 2.84 -6.54
C LEU A 97 6.22 3.17 -8.00
N ASP A 98 5.43 2.34 -8.66
CA ASP A 98 5.00 2.64 -10.03
C ASP A 98 3.84 3.62 -9.99
N SER A 99 4.15 4.90 -10.09
CA SER A 99 3.14 5.95 -10.08
C SER A 99 2.14 5.73 -11.21
N ASP A 100 2.62 5.19 -12.32
CA ASP A 100 1.79 4.87 -13.47
C ASP A 100 0.68 3.89 -13.10
N VAL A 101 1.03 2.91 -12.28
CA VAL A 101 0.08 1.88 -11.86
C VAL A 101 -0.89 2.40 -10.80
N ILE A 102 -0.36 3.03 -9.75
CA ILE A 102 -1.21 3.53 -8.67
C ILE A 102 -2.16 4.61 -9.19
N GLY A 103 -1.70 5.41 -10.14
CA GLY A 103 -2.54 6.43 -10.74
C GLY A 103 -3.67 5.81 -11.55
N ALA A 104 -3.37 4.69 -12.20
CA ALA A 104 -4.36 3.95 -12.98
C ALA A 104 -5.45 3.40 -12.06
N TYR A 105 -5.05 3.04 -10.84
CA TYR A 105 -5.96 2.45 -9.88
C TYR A 105 -6.69 3.52 -9.07
N LEU A 106 -5.95 4.46 -8.52
CA LEU A 106 -6.49 5.46 -7.62
C LEU A 106 -7.50 6.37 -8.33
N SER A 107 -7.15 6.82 -9.51
CA SER A 107 -8.00 7.71 -10.26
C SER A 107 -8.48 7.06 -11.55
N MET A 23 -30.74 12.62 -3.84
CA MET A 23 -29.55 12.26 -4.65
C MET A 23 -28.60 11.37 -3.85
N ASN A 24 -27.63 10.80 -4.54
CA ASN A 24 -26.57 10.05 -3.89
C ASN A 24 -25.29 10.19 -4.69
N ASN A 25 -24.36 10.99 -4.20
CA ASN A 25 -23.10 11.25 -4.89
C ASN A 25 -22.13 10.10 -4.63
N GLN A 26 -22.26 9.50 -3.45
CA GLN A 26 -21.43 8.38 -3.02
C GLN A 26 -19.95 8.72 -3.09
N VAL A 27 -19.45 9.34 -2.03
CA VAL A 27 -18.05 9.69 -1.96
C VAL A 27 -17.30 8.71 -1.07
N GLU A 28 -16.73 7.72 -1.71
CA GLU A 28 -16.00 6.68 -1.01
C GLU A 28 -14.65 6.49 -1.68
N PRO A 29 -13.56 6.63 -0.91
CA PRO A 29 -12.21 6.63 -1.42
C PRO A 29 -11.60 5.24 -1.48
N ARG A 30 -10.31 5.19 -1.76
CA ARG A 30 -9.59 3.93 -1.79
C ARG A 30 -8.75 3.80 -0.53
N LYS A 31 -8.28 2.60 -0.27
CA LYS A 31 -7.47 2.35 0.93
C LYS A 31 -6.35 1.37 0.59
N LEU A 32 -5.13 1.74 0.94
CA LEU A 32 -3.97 0.90 0.71
C LEU A 32 -3.36 0.40 2.00
N VAL A 33 -2.94 -0.85 1.99
CA VAL A 33 -2.17 -1.41 3.09
C VAL A 33 -0.75 -1.70 2.60
N VAL A 34 0.24 -1.23 3.33
CA VAL A 34 1.60 -1.57 3.03
C VAL A 34 2.08 -2.69 3.94
N TYR A 35 2.36 -3.83 3.32
CA TYR A 35 2.87 -4.97 4.06
C TYR A 35 4.38 -4.94 4.12
N GLY A 36 4.92 -5.00 5.33
CA GLY A 36 6.35 -4.96 5.49
C GLY A 36 6.77 -5.55 6.83
N ARG A 37 7.99 -5.26 7.22
CA ARG A 37 8.52 -5.76 8.49
C ARG A 37 9.53 -4.77 9.06
N GLU A 38 9.80 -4.87 10.36
CA GLU A 38 10.67 -3.92 11.05
C GLU A 38 12.08 -3.97 10.49
N GLY A 39 12.47 -2.90 9.81
CA GLY A 39 13.80 -2.84 9.22
C GLY A 39 13.77 -2.39 7.78
N CYS A 40 12.62 -2.50 7.15
CA CYS A 40 12.48 -2.08 5.76
C CYS A 40 12.45 -0.56 5.66
N HIS A 41 13.62 0.04 5.61
CA HIS A 41 13.74 1.49 5.52
C HIS A 41 13.30 1.98 4.16
N LEU A 42 13.51 1.14 3.14
CA LEU A 42 13.06 1.44 1.79
C LEU A 42 11.55 1.60 1.77
N CYS A 43 10.87 0.87 2.64
CA CYS A 43 9.42 0.99 2.77
C CYS A 43 9.05 2.35 3.35
N GLU A 44 9.86 2.82 4.30
CA GLU A 44 9.65 4.11 4.93
C GLU A 44 9.88 5.23 3.94
N GLU A 45 10.82 5.01 3.01
CA GLU A 45 11.07 5.95 1.93
C GLU A 45 9.84 6.10 1.05
N MET A 46 9.16 4.97 0.81
CA MET A 46 7.97 4.95 -0.01
C MET A 46 6.81 5.65 0.69
N ILE A 47 6.85 5.67 2.02
CA ILE A 47 5.83 6.37 2.79
C ILE A 47 5.79 7.84 2.40
N ALA A 48 6.96 8.44 2.24
CA ALA A 48 7.06 9.83 1.82
C ALA A 48 6.44 10.03 0.46
N SER A 49 6.70 9.09 -0.45
CA SER A 49 6.12 9.11 -1.79
C SER A 49 4.59 9.06 -1.71
N LEU A 50 4.09 8.13 -0.92
CA LEU A 50 2.65 7.95 -0.77
C LEU A 50 1.99 9.20 -0.17
N ARG A 51 2.65 9.77 0.84
CA ARG A 51 2.14 10.97 1.50
C ARG A 51 1.92 12.10 0.50
N VAL A 52 2.85 12.29 -0.40
CA VAL A 52 2.73 13.33 -1.42
C VAL A 52 1.55 13.04 -2.36
N LEU A 53 1.40 11.77 -2.74
CA LEU A 53 0.30 11.38 -3.61
C LEU A 53 -1.04 11.54 -2.92
N GLN A 54 -1.08 11.30 -1.61
CA GLN A 54 -2.29 11.42 -0.83
C GLN A 54 -2.85 12.83 -0.86
N LYS A 55 -1.99 13.80 -1.18
CA LYS A 55 -2.39 15.19 -1.25
C LYS A 55 -3.15 15.48 -2.55
N LYS A 56 -3.07 14.53 -3.48
CA LYS A 56 -3.82 14.63 -4.74
C LYS A 56 -4.98 13.63 -4.72
N SER A 57 -4.68 12.44 -4.24
CA SER A 57 -5.66 11.35 -4.17
C SER A 57 -5.50 10.58 -2.87
N TRP A 58 -6.54 10.52 -2.06
CA TRP A 58 -6.47 9.90 -0.76
C TRP A 58 -6.70 8.39 -0.84
N PHE A 59 -5.76 7.64 -0.33
CA PHE A 59 -5.87 6.18 -0.31
C PHE A 59 -5.50 5.63 1.06
N GLU A 60 -5.49 6.49 2.07
CA GLU A 60 -5.08 6.11 3.41
C GLU A 60 -3.66 5.58 3.42
N LEU A 61 -3.21 5.17 4.60
CA LEU A 61 -1.92 4.52 4.70
C LEU A 61 -1.91 3.57 5.89
N GLU A 62 -1.88 2.27 5.60
CA GLU A 62 -1.83 1.27 6.64
C GLU A 62 -0.45 0.62 6.65
N VAL A 63 0.03 0.29 7.83
CA VAL A 63 1.35 -0.33 7.97
C VAL A 63 1.22 -1.59 8.80
N ILE A 64 1.35 -2.74 8.16
CA ILE A 64 1.18 -4.01 8.84
C ILE A 64 2.45 -4.84 8.78
N ASN A 65 2.99 -5.14 9.96
CA ASN A 65 4.18 -5.97 10.07
C ASN A 65 3.79 -7.44 9.90
N ILE A 66 4.29 -8.05 8.85
CA ILE A 66 3.97 -9.44 8.56
C ILE A 66 4.65 -10.39 9.54
N ASP A 67 5.85 -10.02 9.98
CA ASP A 67 6.59 -10.81 10.95
C ASP A 67 5.87 -10.84 12.29
N GLY A 68 5.13 -11.92 12.51
CA GLY A 68 4.31 -12.06 13.69
C GLY A 68 3.08 -12.83 13.37
N ASN A 69 2.54 -12.59 12.18
CA ASN A 69 1.41 -13.35 11.68
C ASN A 69 1.94 -14.42 10.75
N GLU A 70 1.85 -15.66 11.20
CA GLU A 70 2.37 -16.81 10.47
C GLU A 70 1.86 -16.82 9.03
N HIS A 71 0.63 -16.37 8.84
CA HIS A 71 0.02 -16.37 7.51
C HIS A 71 0.60 -15.26 6.65
N LEU A 72 0.62 -14.04 7.20
CA LEU A 72 1.14 -12.89 6.45
C LEU A 72 2.63 -13.02 6.18
N THR A 73 3.36 -13.62 7.11
CA THR A 73 4.78 -13.86 6.91
C THR A 73 5.00 -14.71 5.66
N ARG A 74 4.37 -15.87 5.61
CA ARG A 74 4.53 -16.77 4.47
C ARG A 74 3.99 -16.15 3.19
N LEU A 75 2.96 -15.33 3.32
CA LEU A 75 2.36 -14.67 2.17
C LEU A 75 3.27 -13.59 1.57
N TYR A 76 3.84 -12.74 2.40
CA TYR A 76 4.51 -11.54 1.89
C TYR A 76 6.01 -11.48 2.18
N ASN A 77 6.56 -12.38 3.01
CA ASN A 77 8.00 -12.36 3.28
C ASN A 77 8.75 -12.96 2.10
N ASP A 78 8.97 -12.13 1.10
CA ASP A 78 9.61 -12.53 -0.14
C ASP A 78 10.27 -11.31 -0.77
N ARG A 79 9.46 -10.30 -1.06
CA ARG A 79 9.92 -9.02 -1.57
C ARG A 79 8.84 -8.03 -1.24
N VAL A 80 8.97 -7.40 -0.08
CA VAL A 80 7.85 -6.74 0.53
C VAL A 80 7.57 -5.36 -0.05
N PRO A 81 7.89 -4.29 0.70
CA PRO A 81 7.06 -3.11 0.76
C PRO A 81 5.91 -3.11 -0.27
N VAL A 82 4.91 -3.96 -0.02
CA VAL A 82 3.88 -4.25 -1.00
C VAL A 82 2.62 -3.43 -0.74
N LEU A 83 2.06 -2.85 -1.80
CA LEU A 83 0.82 -2.10 -1.68
C LEU A 83 -0.38 -2.98 -1.97
N PHE A 84 -1.12 -3.30 -0.93
CA PHE A 84 -2.30 -4.12 -1.04
C PHE A 84 -3.54 -3.25 -1.23
N ALA A 85 -4.26 -3.50 -2.32
CA ALA A 85 -5.50 -2.81 -2.58
C ALA A 85 -6.60 -3.37 -1.69
N VAL A 86 -6.99 -2.60 -0.68
CA VAL A 86 -7.95 -3.07 0.31
C VAL A 86 -9.36 -3.21 -0.29
N ASN A 87 -9.67 -2.38 -1.27
CA ASN A 87 -10.99 -2.40 -1.89
C ASN A 87 -11.06 -3.50 -2.95
N GLU A 88 -10.01 -3.59 -3.76
CA GLU A 88 -9.99 -4.50 -4.90
C GLU A 88 -9.51 -5.88 -4.49
N ASP A 89 -8.82 -5.95 -3.35
CA ASP A 89 -8.25 -7.18 -2.81
C ASP A 89 -7.23 -7.77 -3.78
N LYS A 90 -6.06 -7.14 -3.85
CA LYS A 90 -4.98 -7.56 -4.73
C LYS A 90 -3.71 -6.76 -4.43
N GLU A 91 -2.55 -7.29 -4.81
CA GLU A 91 -1.30 -6.54 -4.71
C GLU A 91 -1.12 -5.66 -5.92
N LEU A 92 -1.06 -4.36 -5.71
CA LEU A 92 -0.88 -3.41 -6.81
C LEU A 92 0.59 -3.19 -7.10
N CYS A 93 1.25 -2.55 -6.15
CA CYS A 93 2.62 -2.12 -6.32
C CYS A 93 3.51 -2.77 -5.27
N HIS A 94 4.81 -2.61 -5.44
CA HIS A 94 5.79 -3.20 -4.54
C HIS A 94 6.82 -2.17 -4.15
N TYR A 95 7.88 -2.60 -3.47
CA TYR A 95 8.98 -1.70 -3.12
C TYR A 95 9.49 -1.00 -4.37
N PHE A 96 9.77 0.30 -4.24
CA PHE A 96 10.02 1.17 -5.38
C PHE A 96 8.70 1.41 -6.12
N LEU A 97 8.10 2.55 -5.81
CA LEU A 97 6.74 2.88 -6.25
C LEU A 97 6.56 2.71 -7.76
N ASP A 98 5.63 1.84 -8.15
CA ASP A 98 5.32 1.62 -9.56
C ASP A 98 4.69 2.89 -10.14
N SER A 99 3.96 3.61 -9.27
CA SER A 99 3.40 4.92 -9.59
C SER A 99 2.20 4.85 -10.55
N ASP A 100 2.39 4.22 -11.70
CA ASP A 100 1.36 4.17 -12.73
C ASP A 100 0.23 3.22 -12.34
N VAL A 101 0.60 2.00 -11.94
CA VAL A 101 -0.38 0.98 -11.57
C VAL A 101 -1.33 1.47 -10.47
N ILE A 102 -0.80 2.02 -9.39
CA ILE A 102 -1.67 2.55 -8.32
C ILE A 102 -2.48 3.73 -8.84
N GLY A 103 -1.92 4.47 -9.80
CA GLY A 103 -2.65 5.59 -10.38
C GLY A 103 -3.91 5.12 -11.10
N ALA A 104 -3.83 3.96 -11.74
CA ALA A 104 -4.97 3.36 -12.42
C ALA A 104 -6.05 2.93 -11.42
N TYR A 105 -5.60 2.56 -10.22
CA TYR A 105 -6.49 2.11 -9.17
C TYR A 105 -7.06 3.30 -8.39
N LEU A 106 -6.24 4.32 -8.23
CA LEU A 106 -6.61 5.49 -7.45
C LEU A 106 -7.32 6.55 -8.30
N SER A 107 -7.74 6.15 -9.48
CA SER A 107 -8.52 7.03 -10.35
C SER A 107 -9.91 7.24 -9.77
N MET A 23 -29.19 12.73 -2.77
CA MET A 23 -28.79 12.13 -4.06
C MET A 23 -27.35 11.63 -3.96
N ASN A 24 -27.09 10.47 -4.55
CA ASN A 24 -25.77 9.87 -4.49
C ASN A 24 -24.87 10.42 -5.59
N ASN A 25 -23.97 11.32 -5.21
CA ASN A 25 -23.04 11.92 -6.16
C ASN A 25 -21.61 11.48 -5.86
N GLN A 26 -21.19 11.66 -4.62
CA GLN A 26 -19.82 11.33 -4.23
C GLN A 26 -19.80 10.15 -3.27
N VAL A 27 -18.76 9.34 -3.39
CA VAL A 27 -18.64 8.11 -2.62
C VAL A 27 -17.51 8.21 -1.60
N GLU A 28 -17.21 7.10 -0.95
CA GLU A 28 -16.17 7.06 0.07
C GLU A 28 -14.81 6.78 -0.57
N PRO A 29 -13.71 7.13 0.13
CA PRO A 29 -12.36 6.92 -0.39
C PRO A 29 -11.87 5.49 -0.20
N ARG A 30 -10.78 5.15 -0.88
CA ARG A 30 -10.20 3.82 -0.78
C ARG A 30 -9.08 3.82 0.25
N LYS A 31 -8.57 2.64 0.58
CA LYS A 31 -7.43 2.53 1.49
C LYS A 31 -6.32 1.71 0.85
N LEU A 32 -5.09 2.06 1.17
CA LEU A 32 -3.94 1.29 0.74
C LEU A 32 -3.16 0.79 1.94
N VAL A 33 -2.89 -0.50 1.96
CA VAL A 33 -2.12 -1.10 3.03
C VAL A 33 -0.75 -1.50 2.53
N VAL A 34 0.28 -1.05 3.24
CA VAL A 34 1.63 -1.45 2.94
C VAL A 34 2.05 -2.56 3.89
N TYR A 35 2.15 -3.78 3.38
CA TYR A 35 2.61 -4.89 4.20
C TYR A 35 4.13 -4.82 4.33
N GLY A 36 4.58 -4.46 5.52
CA GLY A 36 5.99 -4.39 5.79
C GLY A 36 6.35 -5.11 7.07
N ARG A 37 7.32 -4.61 7.80
CA ARG A 37 7.70 -5.20 9.08
C ARG A 37 8.75 -4.35 9.78
N GLU A 38 8.35 -3.70 10.87
CA GLU A 38 9.27 -3.01 11.77
C GLU A 38 9.95 -1.83 11.08
N GLY A 39 11.08 -2.10 10.43
CA GLY A 39 11.80 -1.06 9.74
C GLY A 39 12.50 -1.58 8.51
N CYS A 40 12.38 -0.84 7.40
CA CYS A 40 12.98 -1.25 6.15
C CYS A 40 13.28 -0.02 5.30
N HIS A 41 14.41 -0.05 4.60
CA HIS A 41 14.83 1.07 3.76
C HIS A 41 13.80 1.35 2.67
N LEU A 42 13.17 0.30 2.18
CA LEU A 42 12.20 0.42 1.10
C LEU A 42 10.89 1.02 1.61
N CYS A 43 10.54 0.73 2.85
CA CYS A 43 9.34 1.27 3.45
C CYS A 43 9.43 2.78 3.56
N GLU A 44 10.59 3.27 3.97
CA GLU A 44 10.85 4.70 4.10
C GLU A 44 10.54 5.41 2.78
N GLU A 45 10.88 4.76 1.68
CA GLU A 45 10.72 5.33 0.35
C GLU A 45 9.25 5.33 -0.07
N MET A 46 8.58 4.19 0.09
CA MET A 46 7.19 4.07 -0.33
C MET A 46 6.28 4.95 0.51
N ILE A 47 6.49 4.95 1.83
CA ILE A 47 5.67 5.73 2.74
C ILE A 47 5.72 7.22 2.37
N ALA A 48 6.92 7.74 2.17
CA ALA A 48 7.10 9.14 1.81
C ALA A 48 6.39 9.46 0.49
N SER A 49 6.49 8.53 -0.45
CA SER A 49 5.88 8.67 -1.76
C SER A 49 4.35 8.76 -1.66
N LEU A 50 3.78 7.89 -0.83
CA LEU A 50 2.34 7.83 -0.67
C LEU A 50 1.81 9.08 0.04
N ARG A 51 2.59 9.59 0.99
CA ARG A 51 2.21 10.80 1.72
C ARG A 51 1.97 11.97 0.77
N VAL A 52 2.83 12.08 -0.24
CA VAL A 52 2.71 13.13 -1.24
C VAL A 52 1.46 12.94 -2.09
N LEU A 53 1.17 11.69 -2.45
CA LEU A 53 -0.01 11.39 -3.25
C LEU A 53 -1.29 11.65 -2.47
N GLN A 54 -1.23 11.45 -1.15
CA GLN A 54 -2.37 11.71 -0.28
C GLN A 54 -2.85 13.14 -0.39
N LYS A 55 -1.97 14.03 -0.84
CA LYS A 55 -2.28 15.43 -0.95
C LYS A 55 -3.14 15.71 -2.17
N LYS A 56 -3.13 14.78 -3.12
CA LYS A 56 -3.97 14.90 -4.31
C LYS A 56 -5.15 13.94 -4.23
N SER A 57 -4.90 12.75 -3.72
CA SER A 57 -5.92 11.73 -3.62
C SER A 57 -5.74 10.97 -2.31
N TRP A 58 -6.78 11.00 -1.47
CA TRP A 58 -6.69 10.36 -0.18
C TRP A 58 -7.01 8.88 -0.26
N PHE A 59 -6.08 8.06 0.20
CA PHE A 59 -6.26 6.61 0.23
C PHE A 59 -5.81 6.06 1.56
N GLU A 60 -5.73 6.93 2.57
CA GLU A 60 -5.24 6.54 3.88
C GLU A 60 -3.81 6.00 3.78
N LEU A 61 -3.26 5.59 4.90
CA LEU A 61 -2.00 4.87 4.88
C LEU A 61 -1.92 3.94 6.07
N GLU A 62 -2.03 2.66 5.80
CA GLU A 62 -2.01 1.66 6.84
C GLU A 62 -0.85 0.71 6.63
N VAL A 63 0.07 0.69 7.57
CA VAL A 63 1.24 -0.16 7.47
C VAL A 63 1.07 -1.36 8.39
N ILE A 64 0.87 -2.51 7.79
CA ILE A 64 0.63 -3.73 8.55
C ILE A 64 1.82 -4.67 8.42
N ASN A 65 2.46 -4.95 9.54
CA ASN A 65 3.63 -5.82 9.56
C ASN A 65 3.21 -7.25 9.27
N ILE A 66 3.99 -7.95 8.46
CA ILE A 66 3.82 -9.38 8.30
C ILE A 66 4.16 -10.06 9.61
N ASP A 67 5.00 -9.38 10.39
CA ASP A 67 5.29 -9.75 11.77
C ASP A 67 3.99 -9.79 12.56
N GLY A 68 3.61 -10.98 12.98
CA GLY A 68 2.32 -11.16 13.64
C GLY A 68 1.44 -12.12 12.87
N ASN A 69 1.68 -12.21 11.57
CA ASN A 69 0.97 -13.15 10.72
C ASN A 69 1.97 -14.12 10.10
N GLU A 70 1.96 -15.35 10.59
CA GLU A 70 2.92 -16.37 10.15
C GLU A 70 2.77 -16.68 8.67
N HIS A 71 1.54 -16.62 8.19
CA HIS A 71 1.25 -16.98 6.80
C HIS A 71 1.83 -15.94 5.85
N LEU A 72 1.82 -14.68 6.27
CA LEU A 72 2.36 -13.60 5.47
C LEU A 72 3.88 -13.64 5.46
N THR A 73 4.47 -13.84 6.63
CA THR A 73 5.94 -13.89 6.76
C THR A 73 6.51 -15.09 6.02
N ARG A 74 5.70 -16.13 5.85
CA ARG A 74 6.11 -17.30 5.11
C ARG A 74 6.32 -16.95 3.63
N LEU A 75 5.45 -16.08 3.13
CA LEU A 75 5.48 -15.69 1.73
C LEU A 75 6.37 -14.47 1.51
N TYR A 76 6.10 -13.42 2.27
CA TYR A 76 6.66 -12.11 1.99
C TYR A 76 7.82 -11.75 2.91
N ASN A 77 8.45 -12.76 3.52
CA ASN A 77 9.63 -12.51 4.37
C ASN A 77 10.67 -11.66 3.64
N ASP A 78 10.92 -11.98 2.39
CA ASP A 78 11.84 -11.20 1.56
C ASP A 78 11.12 -10.74 0.29
N ARG A 79 9.80 -10.66 0.40
CA ARG A 79 8.96 -10.29 -0.73
C ARG A 79 7.93 -9.30 -0.24
N VAL A 80 8.33 -8.43 0.67
CA VAL A 80 7.40 -7.55 1.31
C VAL A 80 7.15 -6.33 0.45
N PRO A 81 7.66 -5.14 0.83
CA PRO A 81 6.96 -3.89 0.61
C PRO A 81 5.81 -3.98 -0.39
N VAL A 82 4.77 -4.71 0.02
CA VAL A 82 3.66 -5.04 -0.84
C VAL A 82 2.49 -4.10 -0.61
N LEU A 83 2.17 -3.32 -1.63
CA LEU A 83 1.08 -2.37 -1.55
C LEU A 83 -0.24 -3.05 -1.90
N PHE A 84 -1.03 -3.31 -0.88
CA PHE A 84 -2.28 -4.02 -1.00
C PHE A 84 -3.44 -3.05 -1.21
N ALA A 85 -4.23 -3.31 -2.23
CA ALA A 85 -5.39 -2.48 -2.55
C ALA A 85 -6.59 -2.90 -1.73
N VAL A 86 -6.93 -2.10 -0.72
CA VAL A 86 -8.05 -2.42 0.16
C VAL A 86 -9.37 -2.06 -0.50
N ASN A 87 -9.86 -2.99 -1.31
CA ASN A 87 -11.12 -2.84 -2.03
C ASN A 87 -11.33 -4.04 -2.93
N GLU A 88 -10.34 -4.28 -3.78
CA GLU A 88 -10.41 -5.33 -4.78
C GLU A 88 -9.70 -6.59 -4.30
N ASP A 89 -8.92 -6.45 -3.22
CA ASP A 89 -8.12 -7.54 -2.67
C ASP A 89 -7.10 -8.01 -3.71
N LYS A 90 -6.02 -7.23 -3.84
CA LYS A 90 -4.96 -7.51 -4.80
C LYS A 90 -3.78 -6.58 -4.58
N GLU A 91 -2.65 -6.92 -5.15
CA GLU A 91 -1.46 -6.07 -5.11
C GLU A 91 -1.52 -5.04 -6.23
N LEU A 92 -1.06 -3.83 -5.94
CA LEU A 92 -0.88 -2.83 -6.98
C LEU A 92 0.58 -2.78 -7.39
N CYS A 93 1.44 -3.04 -6.42
CA CYS A 93 2.88 -3.01 -6.63
C CYS A 93 3.58 -3.49 -5.37
N HIS A 94 4.75 -4.07 -5.53
CA HIS A 94 5.57 -4.46 -4.39
C HIS A 94 7.02 -4.05 -4.63
N TYR A 95 7.58 -3.38 -3.64
CA TYR A 95 8.89 -2.72 -3.76
C TYR A 95 8.82 -1.56 -4.73
N PHE A 96 9.17 -0.40 -4.22
CA PHE A 96 9.11 0.85 -4.95
C PHE A 96 7.65 1.18 -5.27
N LEU A 97 7.42 2.04 -6.25
CA LEU A 97 6.08 2.52 -6.49
C LEU A 97 5.75 2.55 -7.98
N ASP A 98 4.78 1.77 -8.39
CA ASP A 98 4.23 1.86 -9.73
C ASP A 98 3.14 2.90 -9.77
N SER A 99 3.53 4.15 -9.99
CA SER A 99 2.59 5.26 -10.04
C SER A 99 1.55 5.05 -11.13
N ASP A 100 1.96 4.38 -12.19
CA ASP A 100 1.07 4.08 -13.31
C ASP A 100 -0.12 3.23 -12.84
N VAL A 101 0.16 2.24 -12.01
CA VAL A 101 -0.88 1.33 -11.55
C VAL A 101 -1.78 1.97 -10.51
N ILE A 102 -1.19 2.65 -9.52
CA ILE A 102 -1.99 3.29 -8.49
C ILE A 102 -2.76 4.47 -9.08
N GLY A 103 -2.19 5.11 -10.09
CA GLY A 103 -2.89 6.18 -10.77
C GLY A 103 -4.12 5.66 -11.49
N ALA A 104 -4.06 4.41 -11.92
CA ALA A 104 -5.17 3.76 -12.59
C ALA A 104 -6.18 3.26 -11.57
N TYR A 105 -5.70 2.98 -10.36
CA TYR A 105 -6.55 2.45 -9.30
C TYR A 105 -7.23 3.55 -8.49
N LEU A 106 -6.45 4.50 -8.01
CA LEU A 106 -6.93 5.48 -7.05
C LEU A 106 -7.98 6.40 -7.68
N SER A 107 -7.91 6.57 -8.99
CA SER A 107 -8.88 7.37 -9.70
C SER A 107 -10.05 6.49 -10.15
N MET A 23 -23.43 17.01 -10.51
CA MET A 23 -24.78 16.68 -10.00
C MET A 23 -24.68 15.67 -8.86
N ASN A 24 -24.23 14.45 -9.18
CA ASN A 24 -24.00 13.43 -8.17
C ASN A 24 -22.58 12.91 -8.27
N ASN A 25 -21.72 13.37 -7.38
CA ASN A 25 -20.31 12.97 -7.39
C ASN A 25 -20.11 11.71 -6.57
N GLN A 26 -19.98 10.58 -7.24
CA GLN A 26 -19.78 9.31 -6.58
C GLN A 26 -18.31 9.10 -6.26
N VAL A 27 -17.95 9.35 -5.02
CA VAL A 27 -16.59 9.13 -4.54
C VAL A 27 -16.61 8.31 -3.28
N GLU A 28 -15.68 7.40 -3.16
CA GLU A 28 -15.61 6.51 -2.02
C GLU A 28 -14.17 6.31 -1.59
N PRO A 29 -13.92 6.21 -0.28
CA PRO A 29 -12.57 6.05 0.25
C PRO A 29 -12.08 4.62 0.11
N ARG A 30 -10.96 4.46 -0.57
CA ARG A 30 -10.38 3.15 -0.74
C ARG A 30 -9.09 3.03 0.05
N LYS A 31 -9.18 2.29 1.15
CA LYS A 31 -8.09 2.17 2.12
C LYS A 31 -6.96 1.34 1.54
N LEU A 32 -5.72 1.66 1.90
CA LEU A 32 -4.56 0.91 1.44
C LEU A 32 -3.73 0.40 2.61
N VAL A 33 -3.30 -0.84 2.51
CA VAL A 33 -2.43 -1.44 3.52
C VAL A 33 -1.06 -1.75 2.91
N VAL A 34 -0.01 -1.42 3.62
CA VAL A 34 1.32 -1.78 3.20
C VAL A 34 1.85 -2.89 4.09
N TYR A 35 1.93 -4.10 3.55
CA TYR A 35 2.52 -5.21 4.26
C TYR A 35 4.02 -5.08 4.21
N GLY A 36 4.67 -5.04 5.36
CA GLY A 36 6.10 -4.87 5.38
C GLY A 36 6.73 -5.38 6.65
N ARG A 37 8.00 -5.05 6.81
CA ARG A 37 8.75 -5.41 7.99
C ARG A 37 9.89 -4.42 8.17
N GLU A 38 10.20 -4.12 9.41
CA GLU A 38 11.27 -3.18 9.71
C GLU A 38 12.63 -3.83 9.51
N GLY A 39 13.11 -3.75 8.27
CA GLY A 39 14.41 -4.32 7.93
C GLY A 39 14.79 -4.03 6.51
N CYS A 40 14.35 -2.86 6.02
CA CYS A 40 14.62 -2.41 4.66
C CYS A 40 14.18 -0.96 4.50
N HIS A 41 15.00 -0.18 3.81
CA HIS A 41 14.79 1.26 3.70
C HIS A 41 13.59 1.60 2.83
N LEU A 42 13.27 0.75 1.86
CA LEU A 42 12.19 1.01 0.90
C LEU A 42 10.85 1.28 1.58
N CYS A 43 10.64 0.66 2.75
CA CYS A 43 9.40 0.88 3.50
C CYS A 43 9.15 2.36 3.75
N GLU A 44 10.18 3.04 4.26
CA GLU A 44 10.07 4.47 4.57
C GLU A 44 9.87 5.29 3.30
N GLU A 45 10.50 4.84 2.22
CA GLU A 45 10.44 5.55 0.95
C GLU A 45 9.04 5.47 0.33
N MET A 46 8.45 4.29 0.37
CA MET A 46 7.09 4.11 -0.16
C MET A 46 6.08 4.90 0.66
N ILE A 47 6.27 4.96 1.98
CA ILE A 47 5.39 5.75 2.84
C ILE A 47 5.41 7.21 2.40
N ALA A 48 6.62 7.78 2.27
CA ALA A 48 6.76 9.15 1.81
C ALA A 48 6.15 9.34 0.43
N SER A 49 6.38 8.38 -0.44
CA SER A 49 5.84 8.41 -1.79
C SER A 49 4.30 8.47 -1.78
N LEU A 50 3.70 7.68 -0.89
CA LEU A 50 2.25 7.62 -0.78
C LEU A 50 1.70 8.92 -0.22
N ARG A 51 2.36 9.45 0.80
CA ARG A 51 1.89 10.65 1.49
C ARG A 51 1.80 11.85 0.55
N VAL A 52 2.60 11.85 -0.51
CA VAL A 52 2.53 12.90 -1.52
C VAL A 52 1.21 12.83 -2.29
N LEU A 53 0.83 11.61 -2.68
CA LEU A 53 -0.43 11.41 -3.40
C LEU A 53 -1.60 11.47 -2.41
N GLN A 54 -1.30 11.15 -1.16
CA GLN A 54 -2.29 11.16 -0.08
C GLN A 54 -2.85 12.57 0.10
N LYS A 55 -2.11 13.56 -0.39
CA LYS A 55 -2.55 14.94 -0.32
C LYS A 55 -3.69 15.23 -1.30
N LYS A 56 -3.88 14.33 -2.26
CA LYS A 56 -4.93 14.50 -3.25
C LYS A 56 -6.07 13.52 -3.03
N SER A 57 -5.73 12.30 -2.65
CA SER A 57 -6.72 11.25 -2.52
C SER A 57 -6.65 10.59 -1.15
N TRP A 58 -7.81 10.36 -0.54
CA TRP A 58 -7.86 9.68 0.74
C TRP A 58 -7.85 8.18 0.55
N PHE A 59 -6.76 7.55 0.95
CA PHE A 59 -6.65 6.11 0.87
C PHE A 59 -6.12 5.55 2.19
N GLU A 60 -5.98 6.42 3.17
CA GLU A 60 -5.45 6.04 4.48
C GLU A 60 -4.04 5.46 4.37
N LEU A 61 -3.51 5.04 5.50
CA LEU A 61 -2.19 4.40 5.53
C LEU A 61 -2.14 3.39 6.66
N GLU A 62 -1.91 2.14 6.34
CA GLU A 62 -1.78 1.10 7.35
C GLU A 62 -0.54 0.27 7.09
N VAL A 63 0.39 0.30 8.02
CA VAL A 63 1.61 -0.49 7.90
C VAL A 63 1.53 -1.70 8.80
N ILE A 64 1.50 -2.87 8.20
CA ILE A 64 1.35 -4.10 8.95
C ILE A 64 2.62 -4.95 8.89
N ASN A 65 3.22 -5.15 10.06
CA ASN A 65 4.43 -5.94 10.17
C ASN A 65 4.13 -7.42 9.97
N ILE A 66 4.52 -7.96 8.83
CA ILE A 66 4.36 -9.39 8.57
C ILE A 66 5.41 -10.17 9.33
N ASP A 67 6.37 -9.43 9.88
CA ASP A 67 7.48 -9.96 10.66
C ASP A 67 7.03 -10.98 11.71
N GLY A 68 5.89 -10.70 12.35
CA GLY A 68 5.43 -11.57 13.41
C GLY A 68 4.39 -12.58 12.95
N ASN A 69 4.36 -12.85 11.65
CA ASN A 69 3.40 -13.80 11.09
C ASN A 69 4.08 -14.70 10.08
N GLU A 70 4.23 -15.96 10.42
CA GLU A 70 4.85 -16.93 9.52
C GLU A 70 4.09 -17.05 8.21
N HIS A 71 2.77 -16.90 8.25
CA HIS A 71 1.96 -17.04 7.05
C HIS A 71 2.29 -15.92 6.07
N LEU A 72 2.23 -14.69 6.55
CA LEU A 72 2.53 -13.52 5.74
C LEU A 72 4.00 -13.51 5.35
N THR A 73 4.88 -13.90 6.27
CA THR A 73 6.31 -13.97 5.99
C THR A 73 6.60 -14.99 4.89
N ARG A 74 5.92 -16.13 4.92
CA ARG A 74 6.15 -17.17 3.92
C ARG A 74 5.50 -16.78 2.59
N LEU A 75 4.39 -16.06 2.67
CA LEU A 75 3.74 -15.52 1.49
C LEU A 75 4.64 -14.51 0.78
N TYR A 76 5.15 -13.54 1.55
CA TYR A 76 5.90 -12.44 0.98
C TYR A 76 7.38 -12.53 1.33
N ASN A 77 7.70 -12.25 2.61
CA ASN A 77 9.08 -12.07 3.10
C ASN A 77 9.86 -11.08 2.24
N ASP A 78 10.37 -11.54 1.10
CA ASP A 78 11.18 -10.71 0.21
C ASP A 78 10.28 -10.04 -0.83
N ARG A 79 8.97 -10.19 -0.64
CA ARG A 79 8.01 -9.43 -1.41
C ARG A 79 7.30 -8.44 -0.50
N VAL A 80 8.07 -7.73 0.31
CA VAL A 80 7.49 -6.78 1.24
C VAL A 80 7.18 -5.45 0.54
N PRO A 81 7.38 -4.28 1.18
CA PRO A 81 6.47 -3.17 1.08
C PRO A 81 5.37 -3.37 0.03
N VAL A 82 4.44 -4.26 0.34
CA VAL A 82 3.38 -4.63 -0.59
C VAL A 82 2.17 -3.76 -0.38
N LEU A 83 1.87 -2.93 -1.36
CA LEU A 83 0.74 -2.03 -1.27
C LEU A 83 -0.53 -2.78 -1.67
N PHE A 84 -1.34 -3.09 -0.68
CA PHE A 84 -2.54 -3.88 -0.84
C PHE A 84 -3.78 -2.98 -0.89
N ALA A 85 -4.65 -3.27 -1.86
CA ALA A 85 -5.87 -2.50 -2.05
C ALA A 85 -6.98 -2.99 -1.14
N VAL A 86 -7.29 -2.23 -0.10
CA VAL A 86 -8.29 -2.62 0.88
C VAL A 86 -9.68 -2.19 0.43
N ASN A 87 -10.35 -3.10 -0.27
CA ASN A 87 -11.73 -2.93 -0.72
C ASN A 87 -12.04 -4.05 -1.70
N GLU A 88 -11.24 -4.14 -2.76
CA GLU A 88 -11.41 -5.16 -3.77
C GLU A 88 -10.57 -6.39 -3.42
N ASP A 89 -9.58 -6.20 -2.53
CA ASP A 89 -8.66 -7.26 -2.14
C ASP A 89 -7.77 -7.64 -3.32
N LYS A 90 -6.66 -6.93 -3.45
CA LYS A 90 -5.70 -7.16 -4.52
C LYS A 90 -4.41 -6.39 -4.22
N GLU A 91 -3.34 -6.72 -4.93
CA GLU A 91 -2.05 -6.09 -4.69
C GLU A 91 -1.70 -5.16 -5.86
N LEU A 92 -1.17 -3.98 -5.57
CA LEU A 92 -0.80 -3.04 -6.62
C LEU A 92 0.68 -3.15 -6.94
N CYS A 93 1.52 -2.69 -6.02
CA CYS A 93 2.96 -2.67 -6.23
C CYS A 93 3.69 -2.98 -4.94
N HIS A 94 4.96 -3.38 -5.04
CA HIS A 94 5.75 -3.68 -3.86
C HIS A 94 7.18 -3.16 -4.00
N TYR A 95 7.75 -2.70 -2.89
CA TYR A 95 9.14 -2.20 -2.83
C TYR A 95 9.28 -0.81 -3.45
N PHE A 96 8.68 -0.61 -4.60
CA PHE A 96 8.84 0.61 -5.36
C PHE A 96 7.49 1.08 -5.85
N LEU A 97 7.26 2.36 -5.75
CA LEU A 97 5.97 2.92 -6.12
C LEU A 97 5.97 3.31 -7.60
N ASP A 98 5.22 2.56 -8.38
CA ASP A 98 5.10 2.83 -9.82
C ASP A 98 4.43 4.17 -10.07
N SER A 99 3.57 4.59 -9.14
CA SER A 99 2.85 5.86 -9.20
C SER A 99 1.69 5.82 -10.20
N ASP A 100 1.90 5.20 -11.35
CA ASP A 100 0.84 5.12 -12.37
C ASP A 100 -0.19 4.07 -11.97
N VAL A 101 0.28 2.91 -11.55
CA VAL A 101 -0.60 1.83 -11.08
C VAL A 101 -1.52 2.30 -9.95
N ILE A 102 -0.95 2.94 -8.94
CA ILE A 102 -1.74 3.43 -7.82
C ILE A 102 -2.67 4.55 -8.29
N GLY A 103 -2.20 5.37 -9.23
CA GLY A 103 -3.01 6.44 -9.76
C GLY A 103 -4.15 5.92 -10.61
N ALA A 104 -3.99 4.70 -11.11
CA ALA A 104 -5.04 4.05 -11.89
C ALA A 104 -6.11 3.51 -10.96
N TYR A 105 -5.68 3.09 -9.78
CA TYR A 105 -6.60 2.51 -8.80
C TYR A 105 -7.24 3.58 -7.92
N LEU A 106 -6.47 4.59 -7.55
CA LEU A 106 -6.93 5.57 -6.57
C LEU A 106 -7.87 6.61 -7.16
N SER A 107 -8.22 6.45 -8.43
CA SER A 107 -9.21 7.30 -9.06
C SER A 107 -10.59 6.62 -8.96
N MET A 23 -26.81 8.52 1.04
CA MET A 23 -26.81 9.30 -0.23
C MET A 23 -26.60 8.33 -1.39
N ASN A 24 -27.32 8.54 -2.49
CA ASN A 24 -27.25 7.64 -3.65
C ASN A 24 -25.81 7.43 -4.12
N ASN A 25 -25.09 8.52 -4.35
CA ASN A 25 -23.73 8.41 -4.85
C ASN A 25 -22.76 9.09 -3.89
N GLN A 26 -22.56 8.49 -2.72
CA GLN A 26 -21.61 8.99 -1.76
C GLN A 26 -20.25 8.33 -2.00
N VAL A 27 -19.19 8.94 -1.48
CA VAL A 27 -17.84 8.51 -1.83
C VAL A 27 -17.03 8.10 -0.61
N GLU A 28 -16.05 7.24 -0.86
CA GLU A 28 -15.13 6.77 0.16
C GLU A 28 -13.76 6.57 -0.47
N PRO A 29 -12.68 6.52 0.32
CA PRO A 29 -11.33 6.35 -0.20
C PRO A 29 -11.06 4.90 -0.61
N ARG A 30 -10.08 4.71 -1.47
CA ARG A 30 -9.76 3.38 -1.96
C ARG A 30 -8.92 2.60 -0.97
N LYS A 31 -8.23 3.34 -0.09
CA LYS A 31 -7.52 2.76 1.06
C LYS A 31 -6.37 1.84 0.65
N LEU A 32 -5.15 2.32 0.87
CA LEU A 32 -3.95 1.53 0.65
C LEU A 32 -3.35 1.08 1.97
N VAL A 33 -3.02 -0.20 2.04
CA VAL A 33 -2.30 -0.74 3.18
C VAL A 33 -0.88 -1.10 2.79
N VAL A 34 0.08 -0.67 3.58
CA VAL A 34 1.46 -1.01 3.33
C VAL A 34 1.87 -2.17 4.24
N TYR A 35 2.07 -3.33 3.64
CA TYR A 35 2.54 -4.49 4.38
C TYR A 35 4.05 -4.45 4.49
N GLY A 36 4.53 -4.42 5.72
CA GLY A 36 5.96 -4.42 5.97
C GLY A 36 6.31 -5.32 7.13
N ARG A 37 7.60 -5.56 7.32
CA ARG A 37 8.04 -6.38 8.44
C ARG A 37 9.23 -5.75 9.14
N GLU A 38 9.07 -5.53 10.44
CA GLU A 38 10.13 -5.02 11.30
C GLU A 38 10.62 -3.62 10.87
N GLY A 39 11.50 -3.58 9.87
CA GLY A 39 12.00 -2.30 9.41
C GLY A 39 12.60 -2.40 8.02
N CYS A 40 12.35 -1.39 7.19
CA CYS A 40 12.87 -1.35 5.84
C CYS A 40 13.10 0.10 5.41
N HIS A 41 14.36 0.46 5.18
CA HIS A 41 14.73 1.83 4.80
C HIS A 41 13.98 2.27 3.55
N LEU A 42 13.97 1.40 2.55
CA LEU A 42 13.32 1.70 1.27
C LEU A 42 11.81 1.88 1.45
N CYS A 43 11.23 1.16 2.41
CA CYS A 43 9.80 1.25 2.68
C CYS A 43 9.44 2.63 3.23
N GLU A 44 10.32 3.16 4.09
CA GLU A 44 10.14 4.49 4.66
C GLU A 44 10.02 5.54 3.55
N GLU A 45 10.81 5.35 2.50
CA GLU A 45 10.84 6.26 1.38
C GLU A 45 9.55 6.15 0.56
N MET A 46 9.00 4.95 0.50
CA MET A 46 7.72 4.74 -0.19
C MET A 46 6.60 5.42 0.58
N ILE A 47 6.64 5.28 1.91
CA ILE A 47 5.66 5.90 2.78
C ILE A 47 5.60 7.41 2.54
N ALA A 48 6.76 8.04 2.47
CA ALA A 48 6.85 9.47 2.20
C ALA A 48 6.27 9.81 0.83
N SER A 49 6.57 8.95 -0.14
CA SER A 49 6.06 9.13 -1.51
C SER A 49 4.53 9.09 -1.53
N LEU A 50 3.96 8.21 -0.71
CA LEU A 50 2.52 8.04 -0.67
C LEU A 50 1.83 9.23 0.00
N ARG A 51 2.49 9.83 0.97
CA ARG A 51 1.93 11.00 1.66
C ARG A 51 1.74 12.14 0.68
N VAL A 52 2.72 12.31 -0.21
CA VAL A 52 2.68 13.36 -1.22
C VAL A 52 1.55 13.10 -2.22
N LEU A 53 1.42 11.85 -2.66
CA LEU A 53 0.38 11.47 -3.61
C LEU A 53 -1.01 11.68 -3.01
N GLN A 54 -1.13 11.46 -1.70
CA GLN A 54 -2.39 11.65 -1.00
C GLN A 54 -2.92 13.08 -1.14
N LYS A 55 -2.01 14.02 -1.37
CA LYS A 55 -2.39 15.42 -1.51
C LYS A 55 -3.04 15.67 -2.87
N LYS A 56 -2.79 14.75 -3.80
CA LYS A 56 -3.36 14.84 -5.14
C LYS A 56 -4.55 13.88 -5.24
N SER A 57 -4.36 12.68 -4.73
CA SER A 57 -5.37 11.63 -4.77
C SER A 57 -5.37 10.88 -3.44
N TRP A 58 -6.51 10.89 -2.74
CA TRP A 58 -6.57 10.30 -1.41
C TRP A 58 -6.79 8.80 -1.48
N PHE A 59 -5.90 8.06 -0.87
CA PHE A 59 -6.02 6.61 -0.81
C PHE A 59 -5.73 6.09 0.59
N GLU A 60 -5.69 6.98 1.57
CA GLU A 60 -5.38 6.59 2.96
C GLU A 60 -3.98 5.98 3.06
N LEU A 61 -3.57 5.71 4.29
CA LEU A 61 -2.32 5.00 4.50
C LEU A 61 -2.37 4.20 5.79
N GLU A 62 -2.35 2.88 5.67
CA GLU A 62 -2.35 2.01 6.84
C GLU A 62 -1.16 1.06 6.75
N VAL A 63 -0.29 1.15 7.74
CA VAL A 63 0.92 0.33 7.75
C VAL A 63 0.72 -0.86 8.67
N ILE A 64 0.85 -2.06 8.12
CA ILE A 64 0.60 -3.27 8.89
C ILE A 64 1.79 -4.23 8.82
N ASN A 65 2.34 -4.54 9.99
CA ASN A 65 3.42 -5.51 10.09
C ASN A 65 2.95 -6.92 9.73
N ILE A 66 3.64 -7.55 8.79
CA ILE A 66 3.31 -8.91 8.41
C ILE A 66 4.05 -9.90 9.30
N ASP A 67 5.16 -9.44 9.87
CA ASP A 67 5.97 -10.28 10.73
C ASP A 67 5.16 -10.78 11.92
N GLY A 68 4.99 -12.09 12.00
CA GLY A 68 4.16 -12.67 13.03
C GLY A 68 2.91 -13.31 12.45
N ASN A 69 2.44 -12.75 11.34
CA ASN A 69 1.28 -13.29 10.64
C ASN A 69 1.75 -14.25 9.56
N GLU A 70 1.45 -15.53 9.72
CA GLU A 70 2.02 -16.56 8.86
C GLU A 70 1.55 -16.41 7.42
N HIS A 71 0.29 -16.03 7.21
CA HIS A 71 -0.25 -15.90 5.86
C HIS A 71 0.53 -14.85 5.08
N LEU A 72 0.67 -13.68 5.68
CA LEU A 72 1.36 -12.57 5.04
C LEU A 72 2.85 -12.86 4.90
N THR A 73 3.43 -13.51 5.90
CA THR A 73 4.84 -13.87 5.86
C THR A 73 5.13 -14.88 4.76
N ARG A 74 4.28 -15.88 4.64
CA ARG A 74 4.46 -16.93 3.64
C ARG A 74 4.29 -16.36 2.24
N LEU A 75 3.35 -15.43 2.10
CA LEU A 75 3.11 -14.75 0.83
C LEU A 75 4.31 -13.88 0.44
N TYR A 76 4.68 -12.97 1.31
CA TYR A 76 5.69 -11.97 0.98
C TYR A 76 7.03 -12.30 1.62
N ASN A 77 7.09 -12.24 2.95
CA ASN A 77 8.33 -12.43 3.72
C ASN A 77 9.47 -11.54 3.25
N ASP A 78 10.18 -11.98 2.21
CA ASP A 78 11.42 -11.35 1.77
C ASP A 78 11.14 -10.19 0.82
N ARG A 79 9.94 -10.13 0.26
CA ARG A 79 9.59 -9.08 -0.67
C ARG A 79 8.40 -8.36 -0.11
N VAL A 80 8.65 -7.51 0.86
CA VAL A 80 7.59 -6.83 1.53
C VAL A 80 7.16 -5.61 0.75
N PRO A 81 7.64 -4.41 1.10
CA PRO A 81 6.91 -3.18 0.94
C PRO A 81 5.77 -3.27 -0.10
N VAL A 82 4.68 -3.92 0.30
CA VAL A 82 3.61 -4.27 -0.62
C VAL A 82 2.39 -3.39 -0.37
N LEU A 83 1.94 -2.69 -1.41
CA LEU A 83 0.76 -1.87 -1.31
C LEU A 83 -0.50 -2.69 -1.55
N PHE A 84 -1.26 -2.90 -0.51
CA PHE A 84 -2.47 -3.70 -0.55
C PHE A 84 -3.68 -2.82 -0.83
N ALA A 85 -4.41 -3.17 -1.89
CA ALA A 85 -5.64 -2.50 -2.24
C ALA A 85 -6.80 -3.07 -1.43
N VAL A 86 -7.30 -2.28 -0.49
CA VAL A 86 -8.31 -2.75 0.45
C VAL A 86 -9.68 -2.91 -0.23
N ASN A 87 -9.87 -2.24 -1.36
CA ASN A 87 -11.15 -2.29 -2.07
C ASN A 87 -11.35 -3.65 -2.76
N GLU A 88 -10.37 -4.09 -3.54
CA GLU A 88 -10.53 -5.30 -4.36
C GLU A 88 -9.82 -6.49 -3.70
N ASP A 89 -9.13 -6.24 -2.60
CA ASP A 89 -8.40 -7.28 -1.85
C ASP A 89 -7.30 -7.91 -2.69
N LYS A 90 -6.18 -7.19 -2.78
CA LYS A 90 -4.98 -7.68 -3.45
C LYS A 90 -3.89 -6.64 -3.30
N GLU A 91 -2.71 -6.94 -3.80
CA GLU A 91 -1.62 -5.98 -3.78
C GLU A 91 -1.48 -5.31 -5.15
N LEU A 92 -0.88 -4.13 -5.16
CA LEU A 92 -0.65 -3.41 -6.40
C LEU A 92 0.83 -3.35 -6.71
N CYS A 93 1.52 -2.47 -5.99
CA CYS A 93 2.92 -2.20 -6.21
C CYS A 93 3.72 -2.62 -4.99
N HIS A 94 4.90 -3.16 -5.22
CA HIS A 94 5.78 -3.54 -4.13
C HIS A 94 7.19 -3.03 -4.39
N TYR A 95 7.76 -2.37 -3.37
CA TYR A 95 9.07 -1.73 -3.44
C TYR A 95 9.08 -0.53 -4.38
N PHE A 96 9.80 0.50 -3.93
CA PHE A 96 9.99 1.74 -4.68
C PHE A 96 8.65 2.39 -5.00
N LEU A 97 8.24 2.31 -6.27
CA LEU A 97 6.99 2.87 -6.72
C LEU A 97 6.89 2.76 -8.24
N ASP A 98 6.05 1.86 -8.71
CA ASP A 98 5.81 1.72 -10.15
C ASP A 98 5.01 2.91 -10.66
N SER A 99 4.25 3.51 -9.74
CA SER A 99 3.42 4.69 -10.02
C SER A 99 2.24 4.36 -10.94
N ASP A 100 2.51 3.79 -12.10
CA ASP A 100 1.48 3.48 -13.07
C ASP A 100 0.43 2.54 -12.50
N VAL A 101 0.87 1.51 -11.79
CA VAL A 101 -0.03 0.51 -11.24
C VAL A 101 -0.98 1.11 -10.21
N ILE A 102 -0.46 1.92 -9.28
CA ILE A 102 -1.33 2.57 -8.31
C ILE A 102 -2.16 3.66 -9.01
N GLY A 103 -1.56 4.30 -10.02
CA GLY A 103 -2.28 5.28 -10.81
C GLY A 103 -3.48 4.67 -11.50
N ALA A 104 -3.29 3.49 -12.06
CA ALA A 104 -4.37 2.74 -12.70
C ALA A 104 -5.48 2.41 -11.71
N TYR A 105 -5.10 2.22 -10.45
CA TYR A 105 -6.03 1.90 -9.39
C TYR A 105 -6.69 3.16 -8.83
N LEU A 106 -5.91 4.25 -8.79
CA LEU A 106 -6.36 5.50 -8.20
C LEU A 106 -7.00 6.42 -9.25
N SER A 107 -7.31 5.88 -10.42
CA SER A 107 -8.03 6.63 -11.43
C SER A 107 -9.47 6.13 -11.53
N MET A 23 -27.92 14.05 -7.76
CA MET A 23 -27.48 14.13 -9.17
C MET A 23 -26.04 13.61 -9.32
N ASN A 24 -25.14 14.17 -8.53
CA ASN A 24 -23.73 13.79 -8.58
C ASN A 24 -23.55 12.33 -8.14
N ASN A 25 -22.51 11.70 -8.66
CA ASN A 25 -22.17 10.35 -8.26
C ASN A 25 -20.77 10.35 -7.65
N GLN A 26 -20.57 9.54 -6.63
CA GLN A 26 -19.28 9.45 -5.96
C GLN A 26 -19.13 8.10 -5.28
N VAL A 27 -17.89 7.77 -4.93
CA VAL A 27 -17.60 6.50 -4.27
C VAL A 27 -16.98 6.74 -2.91
N GLU A 28 -16.63 5.66 -2.24
CA GLU A 28 -16.00 5.73 -0.93
C GLU A 28 -14.48 5.81 -1.10
N PRO A 29 -13.75 6.24 -0.06
CA PRO A 29 -12.29 6.31 -0.11
C PRO A 29 -11.66 4.92 -0.12
N ARG A 30 -10.41 4.84 -0.52
CA ARG A 30 -9.73 3.57 -0.60
C ARG A 30 -8.82 3.38 0.61
N LYS A 31 -8.25 2.19 0.73
CA LYS A 31 -7.26 1.91 1.75
C LYS A 31 -6.09 1.16 1.15
N LEU A 32 -4.90 1.68 1.36
CA LEU A 32 -3.69 1.00 0.97
C LEU A 32 -2.96 0.48 2.20
N VAL A 33 -2.75 -0.82 2.23
CA VAL A 33 -1.99 -1.43 3.30
C VAL A 33 -0.60 -1.76 2.81
N VAL A 34 0.38 -1.30 3.53
CA VAL A 34 1.74 -1.64 3.22
C VAL A 34 2.18 -2.81 4.09
N TYR A 35 2.28 -3.98 3.47
CA TYR A 35 2.79 -5.15 4.16
C TYR A 35 4.30 -5.12 4.12
N GLY A 36 4.90 -4.79 5.25
CA GLY A 36 6.33 -4.67 5.32
C GLY A 36 6.90 -5.52 6.42
N ARG A 37 8.16 -5.30 6.71
CA ARG A 37 8.86 -6.05 7.75
C ARG A 37 10.19 -5.38 8.01
N GLU A 38 11.11 -6.15 8.58
CA GLU A 38 12.49 -5.74 8.74
C GLU A 38 13.03 -5.26 7.40
N GLY A 39 13.25 -3.95 7.28
CA GLY A 39 13.67 -3.40 6.01
C GLY A 39 14.42 -2.10 6.17
N CYS A 40 14.68 -1.44 5.05
CA CYS A 40 15.46 -0.22 5.05
C CYS A 40 14.63 0.96 4.51
N HIS A 41 15.31 1.98 3.97
CA HIS A 41 14.68 3.24 3.60
C HIS A 41 13.46 3.08 2.67
N LEU A 42 13.45 2.09 1.80
CA LEU A 42 12.35 1.94 0.83
C LEU A 42 10.99 1.84 1.53
N CYS A 43 10.97 1.21 2.69
CA CYS A 43 9.73 1.03 3.42
C CYS A 43 9.15 2.38 3.84
N GLU A 44 10.00 3.27 4.33
CA GLU A 44 9.55 4.56 4.82
C GLU A 44 9.45 5.57 3.68
N GLU A 45 10.16 5.32 2.58
CA GLU A 45 10.06 6.16 1.39
C GLU A 45 8.67 6.04 0.79
N MET A 46 8.18 4.81 0.69
CA MET A 46 6.84 4.57 0.17
C MET A 46 5.79 5.21 1.08
N ILE A 47 6.01 5.11 2.38
CA ILE A 47 5.13 5.74 3.37
C ILE A 47 5.06 7.26 3.13
N ALA A 48 6.22 7.88 3.01
CA ALA A 48 6.30 9.32 2.78
C ALA A 48 5.62 9.70 1.45
N SER A 49 5.84 8.87 0.44
CA SER A 49 5.25 9.10 -0.87
C SER A 49 3.72 9.07 -0.78
N LEU A 50 3.19 8.10 -0.03
CA LEU A 50 1.76 7.95 0.13
C LEU A 50 1.16 9.14 0.87
N ARG A 51 1.94 9.73 1.78
CA ARG A 51 1.49 10.92 2.52
C ARG A 51 1.24 12.07 1.56
N VAL A 52 2.10 12.20 0.56
CA VAL A 52 1.97 13.25 -0.43
C VAL A 52 0.80 12.96 -1.38
N LEU A 53 0.67 11.69 -1.76
CA LEU A 53 -0.43 11.28 -2.64
C LEU A 53 -1.78 11.47 -1.95
N GLN A 54 -1.80 11.30 -0.63
CA GLN A 54 -3.02 11.50 0.16
C GLN A 54 -3.58 12.91 -0.03
N LYS A 55 -2.73 13.85 -0.38
CA LYS A 55 -3.16 15.23 -0.59
C LYS A 55 -4.00 15.33 -1.85
N LYS A 56 -3.72 14.45 -2.81
CA LYS A 56 -4.48 14.42 -4.06
C LYS A 56 -5.63 13.41 -3.95
N SER A 57 -5.32 12.25 -3.41
CA SER A 57 -6.28 11.15 -3.34
C SER A 57 -6.09 10.39 -2.02
N TRP A 58 -7.12 10.38 -1.19
CA TRP A 58 -7.05 9.72 0.10
C TRP A 58 -7.21 8.22 -0.06
N PHE A 59 -6.29 7.48 0.53
CA PHE A 59 -6.34 6.02 0.52
C PHE A 59 -5.87 5.46 1.85
N GLU A 60 -5.91 6.30 2.89
CA GLU A 60 -5.47 5.90 4.22
C GLU A 60 -4.01 5.46 4.21
N LEU A 61 -3.51 5.03 5.35
CA LEU A 61 -2.19 4.45 5.41
C LEU A 61 -2.09 3.45 6.55
N GLU A 62 -2.00 2.18 6.21
CA GLU A 62 -1.90 1.13 7.19
C GLU A 62 -0.65 0.29 6.93
N VAL A 63 0.26 0.30 7.88
CA VAL A 63 1.52 -0.42 7.74
C VAL A 63 1.57 -1.59 8.72
N ILE A 64 1.77 -2.79 8.19
CA ILE A 64 1.70 -3.98 9.03
C ILE A 64 2.94 -4.86 8.85
N ASN A 65 3.68 -5.04 9.94
CA ASN A 65 4.85 -5.91 9.95
C ASN A 65 4.44 -7.37 9.79
N ILE A 66 4.85 -7.97 8.68
CA ILE A 66 4.56 -9.38 8.43
C ILE A 66 5.59 -10.26 9.13
N ASP A 67 6.64 -9.64 9.65
CA ASP A 67 7.68 -10.37 10.37
C ASP A 67 7.19 -10.79 11.75
N GLY A 68 6.12 -10.15 12.20
CA GLY A 68 5.52 -10.50 13.48
C GLY A 68 4.39 -11.51 13.32
N ASN A 69 4.00 -11.76 12.07
CA ASN A 69 2.95 -12.72 11.76
C ASN A 69 3.46 -13.76 10.78
N GLU A 70 3.79 -14.93 11.29
CA GLU A 70 4.41 -16.00 10.49
C GLU A 70 3.58 -16.34 9.27
N HIS A 71 2.26 -16.25 9.38
CA HIS A 71 1.38 -16.62 8.28
C HIS A 71 1.56 -15.65 7.12
N LEU A 72 1.75 -14.38 7.43
CA LEU A 72 1.98 -13.37 6.40
C LEU A 72 3.39 -13.49 5.83
N THR A 73 4.29 -14.06 6.62
CA THR A 73 5.64 -14.34 6.16
C THR A 73 5.59 -15.39 5.03
N ARG A 74 4.64 -16.29 5.14
CA ARG A 74 4.49 -17.36 4.15
C ARG A 74 3.82 -16.82 2.90
N LEU A 75 2.94 -15.85 3.09
CA LEU A 75 2.19 -15.25 1.99
C LEU A 75 3.03 -14.24 1.22
N TYR A 76 4.03 -13.68 1.88
CA TYR A 76 4.84 -12.62 1.27
C TYR A 76 6.34 -12.83 1.52
N ASN A 77 6.75 -12.53 2.76
CA ASN A 77 8.19 -12.49 3.15
C ASN A 77 9.05 -11.72 2.14
N ASP A 78 9.53 -12.43 1.12
CA ASP A 78 10.49 -11.86 0.18
C ASP A 78 9.76 -11.22 -1.00
N ARG A 79 8.79 -10.38 -0.69
CA ARG A 79 8.04 -9.67 -1.70
C ARG A 79 7.45 -8.43 -1.04
N VAL A 80 8.19 -7.91 -0.06
CA VAL A 80 7.66 -6.91 0.86
C VAL A 80 7.51 -5.52 0.22
N PRO A 81 7.78 -4.41 0.94
CA PRO A 81 6.95 -3.24 0.92
C PRO A 81 5.77 -3.37 -0.05
N VAL A 82 4.80 -4.18 0.36
CA VAL A 82 3.71 -4.60 -0.51
C VAL A 82 2.52 -3.69 -0.36
N LEU A 83 2.16 -2.99 -1.44
CA LEU A 83 0.94 -2.20 -1.44
C LEU A 83 -0.26 -3.08 -1.77
N PHE A 84 -1.01 -3.41 -0.73
CA PHE A 84 -2.20 -4.22 -0.87
C PHE A 84 -3.43 -3.31 -0.98
N ALA A 85 -4.22 -3.51 -2.04
CA ALA A 85 -5.41 -2.72 -2.25
C ALA A 85 -6.57 -3.27 -1.42
N VAL A 86 -6.94 -2.54 -0.39
CA VAL A 86 -8.06 -2.93 0.47
C VAL A 86 -9.37 -2.60 -0.22
N ASN A 87 -10.40 -3.42 0.02
CA ASN A 87 -11.69 -3.32 -0.67
C ASN A 87 -11.48 -3.69 -2.14
N GLU A 88 -10.46 -4.50 -2.37
CA GLU A 88 -10.08 -4.90 -3.72
C GLU A 88 -9.48 -6.30 -3.68
N ASP A 89 -8.59 -6.51 -2.70
CA ASP A 89 -8.01 -7.83 -2.40
C ASP A 89 -7.00 -8.27 -3.45
N LYS A 90 -6.23 -7.31 -3.96
CA LYS A 90 -5.17 -7.60 -4.92
C LYS A 90 -4.03 -6.60 -4.76
N GLU A 91 -2.90 -6.89 -5.37
CA GLU A 91 -1.69 -6.09 -5.17
C GLU A 91 -1.54 -5.01 -6.25
N LEU A 92 -0.78 -3.97 -5.92
CA LEU A 92 -0.45 -2.94 -6.91
C LEU A 92 1.04 -2.99 -7.24
N CYS A 93 1.87 -2.73 -6.23
CA CYS A 93 3.31 -2.71 -6.41
C CYS A 93 4.02 -3.04 -5.09
N HIS A 94 5.23 -3.58 -5.19
CA HIS A 94 6.00 -3.92 -4.00
C HIS A 94 7.40 -3.30 -4.08
N TYR A 95 7.97 -2.96 -2.91
CA TYR A 95 9.34 -2.44 -2.79
C TYR A 95 9.48 -0.99 -3.24
N PHE A 96 8.69 -0.61 -4.23
CA PHE A 96 8.81 0.70 -4.83
C PHE A 96 7.42 1.22 -5.15
N LEU A 97 7.34 2.39 -5.76
CA LEU A 97 6.06 3.01 -6.00
C LEU A 97 5.84 3.26 -7.48
N ASP A 98 4.89 2.54 -8.07
CA ASP A 98 4.53 2.75 -9.46
C ASP A 98 3.40 3.77 -9.52
N SER A 99 3.76 5.03 -9.79
CA SER A 99 2.79 6.12 -9.80
C SER A 99 1.72 5.91 -10.86
N ASP A 100 2.08 5.27 -11.96
CA ASP A 100 1.17 5.07 -13.08
C ASP A 100 0.05 4.12 -12.68
N VAL A 101 0.41 2.99 -12.09
CA VAL A 101 -0.57 1.99 -11.70
C VAL A 101 -1.50 2.48 -10.59
N ILE A 102 -0.93 3.05 -9.52
CA ILE A 102 -1.76 3.57 -8.43
C ILE A 102 -2.53 4.80 -8.90
N GLY A 103 -1.94 5.56 -9.82
CA GLY A 103 -2.63 6.69 -10.40
C GLY A 103 -3.83 6.26 -11.21
N ALA A 104 -3.74 5.07 -11.79
CA ALA A 104 -4.84 4.49 -12.54
C ALA A 104 -5.91 3.95 -11.60
N TYR A 105 -5.46 3.36 -10.49
CA TYR A 105 -6.37 2.74 -9.52
C TYR A 105 -7.03 3.79 -8.63
N LEU A 106 -6.22 4.61 -7.98
CA LEU A 106 -6.70 5.60 -7.03
C LEU A 106 -7.32 6.80 -7.76
N SER A 107 -6.70 7.18 -8.87
CA SER A 107 -7.11 8.34 -9.65
C SER A 107 -7.19 9.59 -8.76
N MET A 23 -25.43 13.49 -3.72
CA MET A 23 -26.18 12.28 -3.27
C MET A 23 -26.11 11.17 -4.31
N ASN A 24 -26.12 11.53 -5.59
CA ASN A 24 -26.11 10.56 -6.67
C ASN A 24 -24.92 9.62 -6.56
N ASN A 25 -23.74 10.19 -6.43
CA ASN A 25 -22.53 9.39 -6.33
C ASN A 25 -21.94 9.49 -4.93
N GLN A 26 -22.19 8.49 -4.11
CA GLN A 26 -21.63 8.42 -2.79
C GLN A 26 -20.20 7.91 -2.86
N VAL A 27 -19.28 8.81 -3.14
CA VAL A 27 -17.89 8.45 -3.33
C VAL A 27 -17.16 8.40 -2.00
N GLU A 28 -16.41 7.33 -1.82
CA GLU A 28 -15.67 7.11 -0.60
C GLU A 28 -14.25 6.69 -0.93
N PRO A 29 -13.30 6.88 0.00
CA PRO A 29 -11.87 6.66 -0.27
C PRO A 29 -11.53 5.19 -0.48
N ARG A 30 -10.79 4.92 -1.54
CA ARG A 30 -10.29 3.58 -1.78
C ARG A 30 -8.95 3.41 -1.07
N LYS A 31 -8.81 2.34 -0.31
CA LYS A 31 -7.72 2.22 0.65
C LYS A 31 -6.53 1.45 0.08
N LEU A 32 -5.36 1.70 0.63
CA LEU A 32 -4.15 0.95 0.31
C LEU A 32 -3.51 0.38 1.56
N VAL A 33 -2.88 -0.77 1.43
CA VAL A 33 -2.14 -1.37 2.53
C VAL A 33 -0.72 -1.68 2.10
N VAL A 34 0.24 -1.36 2.93
CA VAL A 34 1.62 -1.68 2.67
C VAL A 34 2.10 -2.78 3.60
N TYR A 35 2.51 -3.91 3.03
CA TYR A 35 3.06 -5.01 3.80
C TYR A 35 4.58 -4.91 3.81
N GLY A 36 5.15 -4.70 4.98
CA GLY A 36 6.59 -4.56 5.07
C GLY A 36 7.16 -5.27 6.28
N ARG A 37 8.43 -5.04 6.56
CA ARG A 37 9.09 -5.64 7.71
C ARG A 37 10.25 -4.77 8.15
N GLU A 38 10.97 -5.24 9.16
CA GLU A 38 12.10 -4.50 9.69
C GLU A 38 13.33 -4.65 8.81
N GLY A 39 14.23 -3.69 8.88
CA GLY A 39 15.43 -3.73 8.07
C GLY A 39 15.16 -3.30 6.63
N CYS A 40 14.20 -2.40 6.46
CA CYS A 40 13.87 -1.90 5.13
C CYS A 40 13.51 -0.42 5.18
N HIS A 41 14.50 0.43 4.92
CA HIS A 41 14.26 1.87 4.85
C HIS A 41 13.48 2.20 3.59
N LEU A 42 13.66 1.38 2.57
CA LEU A 42 12.96 1.51 1.29
C LEU A 42 11.46 1.54 1.51
N CYS A 43 11.00 0.77 2.50
CA CYS A 43 9.58 0.71 2.83
C CYS A 43 9.12 2.04 3.40
N GLU A 44 9.97 2.68 4.19
CA GLU A 44 9.68 3.98 4.78
C GLU A 44 9.63 5.05 3.69
N GLU A 45 10.47 4.86 2.67
CA GLU A 45 10.50 5.76 1.53
C GLU A 45 9.18 5.69 0.77
N MET A 46 8.60 4.51 0.71
CA MET A 46 7.28 4.34 0.11
C MET A 46 6.25 5.10 0.94
N ILE A 47 6.34 4.97 2.26
CA ILE A 47 5.44 5.64 3.18
C ILE A 47 5.42 7.15 2.93
N ALA A 48 6.61 7.74 2.85
CA ALA A 48 6.74 9.18 2.62
C ALA A 48 6.13 9.57 1.26
N SER A 49 6.35 8.72 0.26
CA SER A 49 5.81 8.95 -1.06
C SER A 49 4.29 8.93 -1.04
N LEU A 50 3.73 7.99 -0.27
CA LEU A 50 2.28 7.87 -0.13
C LEU A 50 1.69 9.06 0.60
N ARG A 51 2.45 9.63 1.54
CA ARG A 51 2.00 10.80 2.28
C ARG A 51 1.76 11.98 1.34
N VAL A 52 2.68 12.16 0.40
CA VAL A 52 2.58 13.22 -0.58
C VAL A 52 1.39 13.00 -1.51
N LEU A 53 1.23 11.76 -1.97
CA LEU A 53 0.11 11.41 -2.85
C LEU A 53 -1.22 11.59 -2.14
N GLN A 54 -1.26 11.34 -0.85
CA GLN A 54 -2.47 11.51 -0.05
C GLN A 54 -2.99 12.94 -0.10
N LYS A 55 -2.11 13.87 -0.44
CA LYS A 55 -2.47 15.28 -0.50
C LYS A 55 -3.14 15.61 -1.83
N LYS A 56 -3.07 14.66 -2.76
CA LYS A 56 -3.72 14.81 -4.05
C LYS A 56 -4.89 13.83 -4.15
N SER A 57 -4.63 12.60 -3.71
CA SER A 57 -5.60 11.53 -3.77
C SER A 57 -5.55 10.73 -2.47
N TRP A 58 -6.62 10.76 -1.70
CA TRP A 58 -6.66 10.06 -0.43
C TRP A 58 -6.94 8.58 -0.63
N PHE A 59 -6.06 7.75 -0.11
CA PHE A 59 -6.22 6.31 -0.18
C PHE A 59 -5.94 5.66 1.17
N GLU A 60 -5.98 6.47 2.23
CA GLU A 60 -5.63 6.01 3.57
C GLU A 60 -4.20 5.50 3.60
N LEU A 61 -3.76 5.03 4.75
CA LEU A 61 -2.46 4.39 4.84
C LEU A 61 -2.43 3.39 5.98
N GLU A 62 -2.33 2.12 5.64
CA GLU A 62 -2.15 1.09 6.64
C GLU A 62 -0.85 0.35 6.38
N VAL A 63 0.07 0.42 7.32
CA VAL A 63 1.36 -0.23 7.20
C VAL A 63 1.39 -1.45 8.11
N ILE A 64 1.34 -2.62 7.50
CA ILE A 64 1.29 -3.86 8.25
C ILE A 64 2.61 -4.60 8.14
N ASN A 65 3.32 -4.70 9.25
CA ASN A 65 4.58 -5.42 9.30
C ASN A 65 4.33 -6.90 9.42
N ILE A 66 4.89 -7.68 8.50
CA ILE A 66 4.76 -9.13 8.56
C ILE A 66 5.56 -9.68 9.73
N ASP A 67 6.66 -9.00 10.07
CA ASP A 67 7.39 -9.30 11.28
C ASP A 67 6.52 -9.04 12.50
N GLY A 68 5.87 -10.09 12.96
CA GLY A 68 4.91 -9.98 14.03
C GLY A 68 3.74 -10.90 13.79
N ASN A 69 3.46 -11.17 12.52
CA ASN A 69 2.38 -12.05 12.14
C ASN A 69 2.92 -13.22 11.34
N GLU A 70 2.92 -14.40 11.94
CA GLU A 70 3.43 -15.60 11.31
C GLU A 70 2.69 -15.88 10.00
N HIS A 71 1.37 -15.71 10.02
CA HIS A 71 0.55 -15.95 8.83
C HIS A 71 0.98 -15.06 7.67
N LEU A 72 1.29 -13.80 7.97
CA LEU A 72 1.71 -12.86 6.95
C LEU A 72 3.16 -13.13 6.54
N THR A 73 3.96 -13.62 7.47
CA THR A 73 5.35 -13.96 7.19
C THR A 73 5.42 -15.06 6.13
N ARG A 74 4.58 -16.08 6.29
CA ARG A 74 4.53 -17.19 5.35
C ARG A 74 4.07 -16.72 3.96
N LEU A 75 3.23 -15.69 3.95
CA LEU A 75 2.63 -15.21 2.72
C LEU A 75 3.51 -14.19 1.97
N TYR A 76 4.09 -13.25 2.70
CA TYR A 76 4.72 -12.09 2.05
C TYR A 76 6.23 -12.00 2.29
N ASN A 77 6.81 -12.90 3.07
CA ASN A 77 8.25 -12.78 3.35
C ASN A 77 9.08 -13.29 2.18
N ASP A 78 9.25 -12.40 1.20
CA ASP A 78 10.07 -12.64 0.01
C ASP A 78 9.86 -11.48 -0.95
N ARG A 79 8.59 -11.17 -1.15
CA ARG A 79 8.19 -10.11 -2.06
C ARG A 79 7.65 -8.93 -1.26
N VAL A 80 8.46 -8.44 -0.32
CA VAL A 80 7.99 -7.44 0.63
C VAL A 80 7.84 -6.06 -0.02
N PRO A 81 8.12 -4.94 0.71
CA PRO A 81 7.30 -3.76 0.67
C PRO A 81 6.17 -3.83 -0.37
N VAL A 82 5.13 -4.56 0.00
CA VAL A 82 4.04 -4.89 -0.92
C VAL A 82 2.93 -3.85 -0.83
N LEU A 83 2.54 -3.29 -1.96
CA LEU A 83 1.47 -2.32 -1.98
C LEU A 83 0.18 -2.98 -2.46
N PHE A 84 -0.74 -3.16 -1.53
CA PHE A 84 -1.98 -3.89 -1.78
C PHE A 84 -3.15 -2.94 -2.03
N ALA A 85 -4.01 -3.31 -2.96
CA ALA A 85 -5.16 -2.50 -3.33
C ALA A 85 -6.39 -2.89 -2.51
N VAL A 86 -6.84 -2.00 -1.62
CA VAL A 86 -8.01 -2.28 -0.78
C VAL A 86 -9.26 -1.61 -1.36
N ASN A 87 -9.91 -2.34 -2.23
CA ASN A 87 -11.15 -1.93 -2.88
C ASN A 87 -11.48 -3.02 -3.87
N GLU A 88 -10.44 -3.43 -4.58
CA GLU A 88 -10.43 -4.67 -5.34
C GLU A 88 -9.24 -5.48 -4.88
N ASP A 89 -9.49 -6.50 -4.08
CA ASP A 89 -8.46 -7.33 -3.46
C ASP A 89 -7.47 -7.86 -4.49
N LYS A 90 -6.42 -7.10 -4.67
CA LYS A 90 -5.32 -7.46 -5.56
C LYS A 90 -4.08 -6.64 -5.22
N GLU A 91 -2.92 -7.16 -5.57
CA GLU A 91 -1.68 -6.43 -5.37
C GLU A 91 -1.38 -5.60 -6.61
N LEU A 92 -0.86 -4.39 -6.42
CA LEU A 92 -0.50 -3.53 -7.54
C LEU A 92 0.98 -3.71 -7.87
N CYS A 93 1.82 -3.49 -6.88
CA CYS A 93 3.26 -3.61 -7.07
C CYS A 93 3.93 -3.83 -5.72
N HIS A 94 5.24 -4.05 -5.74
CA HIS A 94 6.01 -4.24 -4.52
C HIS A 94 7.40 -3.62 -4.69
N TYR A 95 7.84 -2.91 -3.64
CA TYR A 95 9.09 -2.14 -3.65
C TYR A 95 8.94 -0.87 -4.48
N PHE A 96 9.52 0.21 -3.95
CA PHE A 96 9.56 1.50 -4.63
C PHE A 96 8.15 2.02 -4.87
N LEU A 97 7.92 2.63 -6.00
CA LEU A 97 6.60 3.14 -6.30
C LEU A 97 6.39 3.22 -7.80
N ASP A 98 5.46 2.40 -8.29
CA ASP A 98 5.11 2.38 -9.71
C ASP A 98 4.63 3.76 -10.14
N SER A 99 3.87 4.40 -9.25
CA SER A 99 3.38 5.77 -9.44
C SER A 99 2.26 5.84 -10.49
N ASP A 100 2.49 5.24 -11.65
CA ASP A 100 1.54 5.31 -12.75
C ASP A 100 0.38 4.33 -12.55
N VAL A 101 0.69 3.13 -12.07
CA VAL A 101 -0.32 2.11 -11.88
C VAL A 101 -1.25 2.48 -10.74
N ILE A 102 -0.67 2.89 -9.62
CA ILE A 102 -1.48 3.38 -8.51
C ILE A 102 -2.18 4.68 -8.91
N GLY A 103 -1.55 5.46 -9.78
CA GLY A 103 -2.17 6.68 -10.28
C GLY A 103 -3.41 6.37 -11.11
N ALA A 104 -3.39 5.20 -11.74
CA ALA A 104 -4.53 4.74 -12.52
C ALA A 104 -5.59 4.13 -11.60
N TYR A 105 -5.12 3.40 -10.59
CA TYR A 105 -5.99 2.74 -9.63
C TYR A 105 -6.65 3.74 -8.68
N LEU A 106 -5.94 4.82 -8.40
CA LEU A 106 -6.42 5.85 -7.48
C LEU A 106 -7.16 6.95 -8.23
N SER A 107 -7.37 6.74 -9.52
CA SER A 107 -8.12 7.69 -10.34
C SER A 107 -9.61 7.37 -10.23
N MET A 23 -24.42 18.11 -10.81
CA MET A 23 -25.02 16.81 -11.17
C MET A 23 -23.93 15.81 -11.56
N ASN A 24 -23.27 15.27 -10.55
CA ASN A 24 -22.20 14.31 -10.75
C ASN A 24 -21.84 13.66 -9.42
N ASN A 25 -21.25 12.48 -9.48
CA ASN A 25 -20.82 11.79 -8.28
C ASN A 25 -19.32 11.93 -8.10
N GLN A 26 -18.87 12.03 -6.85
CA GLN A 26 -17.44 12.11 -6.59
C GLN A 26 -16.97 10.80 -5.98
N VAL A 27 -15.67 10.67 -5.77
CA VAL A 27 -15.10 9.43 -5.27
C VAL A 27 -15.32 9.28 -3.78
N GLU A 28 -14.86 8.15 -3.28
CA GLU A 28 -15.03 7.79 -1.88
C GLU A 28 -13.68 7.31 -1.34
N PRO A 29 -13.52 7.16 -0.02
CA PRO A 29 -12.25 6.76 0.57
C PRO A 29 -11.94 5.30 0.33
N ARG A 30 -10.75 5.02 -0.16
CA ARG A 30 -10.32 3.65 -0.37
C ARG A 30 -9.50 3.20 0.83
N LYS A 31 -8.89 2.03 0.75
CA LYS A 31 -7.98 1.57 1.80
C LYS A 31 -6.76 0.89 1.21
N LEU A 32 -5.61 1.44 1.51
CA LEU A 32 -4.35 0.84 1.12
C LEU A 32 -3.64 0.25 2.33
N VAL A 33 -3.33 -1.03 2.26
CA VAL A 33 -2.53 -1.67 3.28
C VAL A 33 -1.11 -1.84 2.78
N VAL A 34 -0.16 -1.38 3.55
CA VAL A 34 1.22 -1.52 3.20
C VAL A 34 1.86 -2.61 4.04
N TYR A 35 2.16 -3.74 3.41
CA TYR A 35 2.89 -4.80 4.08
C TYR A 35 4.37 -4.46 4.09
N GLY A 36 4.88 -4.20 5.28
CA GLY A 36 6.26 -3.80 5.40
C GLY A 36 7.05 -4.76 6.25
N ARG A 37 8.33 -4.47 6.40
CA ARG A 37 9.22 -5.35 7.13
C ARG A 37 10.35 -4.53 7.76
N GLU A 38 10.41 -4.55 9.07
CA GLU A 38 11.42 -3.79 9.80
C GLU A 38 12.83 -4.23 9.39
N GLY A 39 13.49 -3.36 8.64
CA GLY A 39 14.80 -3.69 8.11
C GLY A 39 14.91 -3.32 6.65
N CYS A 40 13.76 -3.17 6.00
CA CYS A 40 13.71 -2.77 4.59
C CYS A 40 13.72 -1.25 4.48
N HIS A 41 14.74 -0.72 3.82
CA HIS A 41 14.90 0.72 3.68
C HIS A 41 13.86 1.29 2.70
N LEU A 42 13.48 0.52 1.69
CA LEU A 42 12.45 0.97 0.76
C LEU A 42 11.11 1.10 1.46
N CYS A 43 10.90 0.26 2.47
CA CYS A 43 9.64 0.23 3.21
C CYS A 43 9.30 1.62 3.76
N GLU A 44 10.28 2.25 4.39
CA GLU A 44 10.08 3.57 4.98
C GLU A 44 9.91 4.64 3.91
N GLU A 45 10.59 4.45 2.78
CA GLU A 45 10.52 5.40 1.68
C GLU A 45 9.16 5.34 0.99
N MET A 46 8.60 4.14 0.93
CA MET A 46 7.26 3.95 0.37
C MET A 46 6.23 4.68 1.21
N ILE A 47 6.37 4.58 2.53
CA ILE A 47 5.45 5.24 3.46
C ILE A 47 5.37 6.73 3.16
N ALA A 48 6.52 7.39 3.06
CA ALA A 48 6.59 8.81 2.76
C ALA A 48 5.93 9.12 1.43
N SER A 49 6.15 8.25 0.45
CA SER A 49 5.57 8.41 -0.88
C SER A 49 4.04 8.36 -0.81
N LEU A 50 3.53 7.41 -0.03
CA LEU A 50 2.09 7.27 0.15
C LEU A 50 1.49 8.47 0.88
N ARG A 51 2.21 8.99 1.86
CA ARG A 51 1.72 10.11 2.67
C ARG A 51 1.39 11.32 1.80
N VAL A 52 2.25 11.61 0.83
CA VAL A 52 2.05 12.76 -0.05
C VAL A 52 0.84 12.53 -0.96
N LEU A 53 0.70 11.32 -1.47
CA LEU A 53 -0.41 10.99 -2.35
C LEU A 53 -1.71 10.95 -1.55
N GLN A 54 -1.61 10.53 -0.31
CA GLN A 54 -2.75 10.42 0.60
C GLN A 54 -3.40 11.79 0.81
N LYS A 55 -2.58 12.83 0.73
CA LYS A 55 -3.05 14.20 0.85
C LYS A 55 -3.90 14.60 -0.35
N LYS A 56 -3.54 14.07 -1.50
CA LYS A 56 -4.22 14.38 -2.74
C LYS A 56 -5.47 13.53 -2.89
N SER A 57 -5.33 12.25 -2.63
CA SER A 57 -6.42 11.30 -2.75
C SER A 57 -6.44 10.38 -1.52
N TRP A 58 -7.51 10.43 -0.75
CA TRP A 58 -7.59 9.67 0.49
C TRP A 58 -7.85 8.20 0.22
N PHE A 59 -6.90 7.36 0.62
CA PHE A 59 -7.02 5.92 0.50
C PHE A 59 -6.71 5.25 1.81
N GLU A 60 -6.86 6.00 2.91
CA GLU A 60 -6.50 5.51 4.24
C GLU A 60 -5.04 5.08 4.28
N LEU A 61 -4.59 4.61 5.41
CA LEU A 61 -3.25 4.06 5.49
C LEU A 61 -3.16 3.02 6.58
N GLU A 62 -2.88 1.80 6.20
CA GLU A 62 -2.71 0.73 7.15
C GLU A 62 -1.35 0.09 6.94
N VAL A 63 -0.49 0.17 7.94
CA VAL A 63 0.87 -0.33 7.82
C VAL A 63 1.03 -1.58 8.67
N ILE A 64 1.20 -2.71 8.00
CA ILE A 64 1.27 -3.99 8.69
C ILE A 64 2.63 -4.65 8.47
N ASN A 65 3.43 -4.70 9.52
CA ASN A 65 4.72 -5.35 9.47
C ASN A 65 4.58 -6.86 9.45
N ILE A 66 5.16 -7.49 8.44
CA ILE A 66 5.11 -8.94 8.33
C ILE A 66 6.26 -9.58 9.12
N ASP A 67 7.24 -8.75 9.49
CA ASP A 67 8.45 -9.22 10.15
C ASP A 67 8.15 -10.00 11.43
N GLY A 68 7.09 -9.58 12.13
CA GLY A 68 6.75 -10.21 13.39
C GLY A 68 5.76 -11.35 13.24
N ASN A 69 5.77 -11.99 12.07
CA ASN A 69 4.88 -13.11 11.81
C ASN A 69 5.49 -14.05 10.78
N GLU A 70 5.78 -15.28 11.20
CA GLU A 70 6.44 -16.25 10.32
C GLU A 70 5.64 -16.48 9.04
N HIS A 71 4.31 -16.43 9.14
CA HIS A 71 3.47 -16.69 7.98
C HIS A 71 3.59 -15.56 6.99
N LEU A 72 3.37 -14.34 7.47
CA LEU A 72 3.45 -13.15 6.63
C LEU A 72 4.87 -12.92 6.13
N THR A 73 5.87 -13.15 6.99
CA THR A 73 7.27 -12.98 6.60
C THR A 73 7.58 -13.80 5.35
N ARG A 74 7.35 -15.10 5.43
CA ARG A 74 7.69 -15.98 4.32
C ARG A 74 6.82 -15.72 3.11
N LEU A 75 5.58 -15.30 3.35
CA LEU A 75 4.65 -15.00 2.27
C LEU A 75 5.09 -13.78 1.46
N TYR A 76 5.37 -12.67 2.14
CA TYR A 76 5.67 -11.42 1.44
C TYR A 76 7.13 -11.00 1.62
N ASN A 77 8.02 -11.92 1.99
CA ASN A 77 9.43 -11.57 2.17
C ASN A 77 10.03 -11.03 0.88
N ASP A 78 9.62 -11.62 -0.24
CA ASP A 78 10.05 -11.15 -1.55
C ASP A 78 8.94 -10.34 -2.21
N ARG A 79 7.95 -9.97 -1.41
CA ARG A 79 6.80 -9.26 -1.92
C ARG A 79 6.41 -8.14 -0.96
N VAL A 80 7.40 -7.59 -0.24
CA VAL A 80 7.13 -6.48 0.65
C VAL A 80 7.17 -5.17 -0.14
N PRO A 81 7.62 -4.04 0.46
CA PRO A 81 7.01 -2.76 0.25
C PRO A 81 5.84 -2.83 -0.73
N VAL A 82 4.77 -3.45 -0.28
CA VAL A 82 3.69 -3.88 -1.16
C VAL A 82 2.40 -3.16 -0.79
N LEU A 83 1.64 -2.75 -1.81
CA LEU A 83 0.38 -2.07 -1.57
C LEU A 83 -0.79 -3.01 -1.81
N PHE A 84 -1.47 -3.36 -0.73
CA PHE A 84 -2.62 -4.23 -0.78
C PHE A 84 -3.90 -3.40 -0.92
N ALA A 85 -4.62 -3.64 -2.00
CA ALA A 85 -5.85 -2.92 -2.29
C ALA A 85 -7.02 -3.50 -1.50
N VAL A 86 -7.38 -2.83 -0.42
CA VAL A 86 -8.49 -3.27 0.42
C VAL A 86 -9.81 -2.85 -0.22
N ASN A 87 -10.43 -3.80 -0.91
CA ASN A 87 -11.70 -3.59 -1.60
C ASN A 87 -11.97 -4.77 -2.51
N GLU A 88 -10.91 -5.25 -3.15
CA GLU A 88 -11.00 -6.39 -4.05
C GLU A 88 -10.03 -7.50 -3.65
N ASP A 89 -9.30 -7.25 -2.55
CA ASP A 89 -8.32 -8.20 -2.02
C ASP A 89 -7.25 -8.56 -3.05
N LYS A 90 -6.26 -7.70 -3.19
CA LYS A 90 -5.16 -7.93 -4.13
C LYS A 90 -4.10 -6.87 -3.95
N GLU A 91 -2.84 -7.20 -4.22
CA GLU A 91 -1.78 -6.21 -4.17
C GLU A 91 -1.64 -5.53 -5.52
N LEU A 92 -1.32 -4.25 -5.51
CA LEU A 92 -1.13 -3.50 -6.75
C LEU A 92 0.30 -3.61 -7.24
N CYS A 93 1.24 -3.32 -6.36
CA CYS A 93 2.65 -3.33 -6.70
C CYS A 93 3.49 -3.69 -5.48
N HIS A 94 4.71 -4.16 -5.71
CA HIS A 94 5.63 -4.49 -4.63
C HIS A 94 7.02 -3.96 -4.98
N TYR A 95 7.62 -3.23 -4.03
CA TYR A 95 8.89 -2.53 -4.23
C TYR A 95 8.74 -1.42 -5.26
N PHE A 96 9.04 -0.20 -4.84
CA PHE A 96 8.87 0.98 -5.66
C PHE A 96 7.39 1.30 -5.89
N LEU A 97 7.10 2.44 -6.47
CA LEU A 97 5.73 2.93 -6.51
C LEU A 97 5.27 3.18 -7.94
N ASP A 98 4.22 2.46 -8.35
CA ASP A 98 3.58 2.69 -9.63
C ASP A 98 2.41 3.65 -9.47
N SER A 99 2.60 4.87 -9.93
CA SER A 99 1.60 5.93 -9.78
C SER A 99 0.36 5.65 -10.63
N ASP A 100 0.56 5.14 -11.83
CA ASP A 100 -0.54 4.86 -12.75
C ASP A 100 -1.42 3.72 -12.22
N VAL A 101 -0.78 2.69 -11.68
CA VAL A 101 -1.48 1.52 -11.18
C VAL A 101 -2.34 1.86 -9.96
N ILE A 102 -1.82 2.67 -9.06
CA ILE A 102 -2.60 3.10 -7.91
C ILE A 102 -3.67 4.10 -8.34
N GLY A 103 -3.35 4.89 -9.37
CA GLY A 103 -4.32 5.81 -9.91
C GLY A 103 -5.50 5.08 -10.52
N ALA A 104 -5.24 3.88 -11.02
CA ALA A 104 -6.29 3.03 -11.57
C ALA A 104 -7.19 2.50 -10.46
N TYR A 105 -6.64 2.33 -9.27
CA TYR A 105 -7.40 1.83 -8.13
C TYR A 105 -8.09 2.98 -7.39
N LEU A 106 -7.38 4.08 -7.20
CA LEU A 106 -7.87 5.20 -6.41
C LEU A 106 -9.03 5.91 -7.09
N SER A 107 -9.16 5.74 -8.40
CA SER A 107 -10.27 6.32 -9.14
C SER A 107 -11.45 5.34 -9.14
N MET A 23 -29.34 9.22 -6.75
CA MET A 23 -29.05 10.50 -7.42
C MET A 23 -27.98 11.28 -6.66
N ASN A 24 -28.12 11.31 -5.35
CA ASN A 24 -27.10 11.92 -4.49
C ASN A 24 -25.84 11.06 -4.53
N ASN A 25 -24.77 11.61 -5.06
CA ASN A 25 -23.56 10.81 -5.28
C ASN A 25 -22.79 10.63 -3.98
N GLN A 26 -22.53 9.38 -3.63
CA GLN A 26 -21.72 9.07 -2.47
C GLN A 26 -20.41 8.44 -2.92
N VAL A 27 -19.46 9.28 -3.26
CA VAL A 27 -18.16 8.83 -3.71
C VAL A 27 -17.22 8.73 -2.53
N GLU A 28 -16.47 7.67 -2.50
CA GLU A 28 -15.57 7.39 -1.41
C GLU A 28 -14.18 7.10 -1.94
N PRO A 29 -13.15 7.37 -1.14
CA PRO A 29 -11.76 7.15 -1.54
C PRO A 29 -11.40 5.68 -1.52
N ARG A 30 -10.17 5.37 -1.92
CA ARG A 30 -9.71 4.01 -1.90
C ARG A 30 -9.01 3.73 -0.57
N LYS A 31 -8.51 2.53 -0.39
CA LYS A 31 -7.82 2.19 0.84
C LYS A 31 -6.63 1.27 0.54
N LEU A 32 -5.45 1.78 0.81
CA LEU A 32 -4.22 1.01 0.60
C LEU A 32 -3.65 0.54 1.93
N VAL A 33 -3.28 -0.72 1.98
CA VAL A 33 -2.58 -1.27 3.12
C VAL A 33 -1.12 -1.52 2.75
N VAL A 34 -0.21 -1.00 3.54
CA VAL A 34 1.20 -1.25 3.29
C VAL A 34 1.69 -2.39 4.15
N TYR A 35 2.04 -3.50 3.51
CA TYR A 35 2.63 -4.64 4.21
C TYR A 35 4.12 -4.40 4.39
N GLY A 36 4.51 -4.21 5.64
CA GLY A 36 5.91 -4.06 5.97
C GLY A 36 6.34 -5.12 6.94
N ARG A 37 7.46 -4.92 7.62
CA ARG A 37 7.90 -5.88 8.61
C ARG A 37 8.97 -5.30 9.54
N GLU A 38 10.02 -4.78 8.95
CA GLU A 38 11.20 -4.39 9.72
C GLU A 38 11.74 -3.04 9.26
N GLY A 39 12.87 -2.64 9.82
CA GLY A 39 13.42 -1.32 9.55
C GLY A 39 14.16 -1.24 8.23
N CYS A 40 13.43 -1.45 7.15
CA CYS A 40 13.98 -1.27 5.81
C CYS A 40 13.93 0.22 5.45
N HIS A 41 15.01 0.74 4.90
CA HIS A 41 15.06 2.16 4.58
C HIS A 41 14.10 2.48 3.45
N LEU A 42 14.02 1.58 2.48
CA LEU A 42 13.05 1.72 1.39
C LEU A 42 11.63 1.81 1.91
N CYS A 43 11.37 1.15 3.03
CA CYS A 43 10.03 1.12 3.61
C CYS A 43 9.55 2.55 3.89
N GLU A 44 10.38 3.34 4.56
CA GLU A 44 10.00 4.71 4.89
C GLU A 44 9.97 5.57 3.63
N GLU A 45 10.79 5.22 2.66
CA GLU A 45 10.83 5.96 1.39
C GLU A 45 9.56 5.71 0.60
N MET A 46 9.09 4.47 0.63
CA MET A 46 7.81 4.14 0.00
C MET A 46 6.68 4.85 0.72
N ILE A 47 6.71 4.82 2.05
CA ILE A 47 5.72 5.53 2.85
C ILE A 47 5.68 7.00 2.47
N ALA A 48 6.85 7.62 2.42
CA ALA A 48 6.94 9.02 2.04
C ALA A 48 6.41 9.25 0.63
N SER A 49 6.77 8.34 -0.28
CA SER A 49 6.27 8.39 -1.65
C SER A 49 4.74 8.39 -1.67
N LEU A 50 4.15 7.47 -0.93
CA LEU A 50 2.69 7.37 -0.85
C LEU A 50 2.09 8.57 -0.14
N ARG A 51 2.76 9.05 0.90
CA ARG A 51 2.28 10.23 1.65
C ARG A 51 2.20 11.45 0.74
N VAL A 52 3.18 11.59 -0.14
CA VAL A 52 3.18 12.69 -1.09
C VAL A 52 2.06 12.53 -2.12
N LEU A 53 1.90 11.32 -2.64
CA LEU A 53 0.83 11.06 -3.59
C LEU A 53 -0.54 11.19 -2.91
N GLN A 54 -0.56 10.86 -1.62
CA GLN A 54 -1.77 10.94 -0.82
C GLN A 54 -2.23 12.40 -0.70
N LYS A 55 -1.29 13.31 -0.91
CA LYS A 55 -1.59 14.73 -0.88
C LYS A 55 -2.27 15.17 -2.19
N LYS A 56 -2.23 14.30 -3.19
CA LYS A 56 -2.95 14.53 -4.44
C LYS A 56 -4.26 13.75 -4.43
N SER A 57 -4.15 12.48 -4.08
CA SER A 57 -5.30 11.58 -4.08
C SER A 57 -5.33 10.76 -2.78
N TRP A 58 -6.46 10.78 -2.11
CA TRP A 58 -6.60 10.06 -0.85
C TRP A 58 -6.90 8.59 -1.07
N PHE A 59 -6.14 7.74 -0.38
CA PHE A 59 -6.32 6.30 -0.45
C PHE A 59 -6.16 5.67 0.93
N GLU A 60 -6.34 6.48 1.97
CA GLU A 60 -6.14 6.04 3.35
C GLU A 60 -4.70 5.54 3.53
N LEU A 61 -4.40 5.03 4.71
CA LEU A 61 -3.10 4.45 4.96
C LEU A 61 -3.23 3.35 6.02
N GLU A 62 -2.56 2.23 5.79
CA GLU A 62 -2.51 1.15 6.76
C GLU A 62 -1.09 0.63 6.86
N VAL A 63 -0.66 0.27 8.06
CA VAL A 63 0.69 -0.23 8.27
C VAL A 63 0.64 -1.57 9.00
N ILE A 64 0.98 -2.63 8.30
CA ILE A 64 0.93 -3.96 8.88
C ILE A 64 2.29 -4.66 8.77
N ASN A 65 2.96 -4.83 9.90
CA ASN A 65 4.23 -5.53 9.93
C ASN A 65 4.00 -7.04 9.95
N ILE A 66 4.36 -7.70 8.86
CA ILE A 66 4.20 -9.14 8.76
C ILE A 66 5.29 -9.87 9.53
N ASP A 67 6.20 -9.11 10.12
CA ASP A 67 7.32 -9.67 10.86
C ASP A 67 6.82 -10.49 12.05
N GLY A 68 5.70 -10.06 12.63
CA GLY A 68 5.09 -10.80 13.71
C GLY A 68 4.00 -11.73 13.22
N ASN A 69 3.78 -11.75 11.91
CA ASN A 69 2.75 -12.59 11.31
C ASN A 69 3.40 -13.72 10.53
N GLU A 70 3.50 -14.87 11.15
CA GLU A 70 4.17 -16.03 10.58
C GLU A 70 3.53 -16.43 9.25
N HIS A 71 2.21 -16.43 9.19
CA HIS A 71 1.51 -16.95 8.03
C HIS A 71 1.57 -15.96 6.87
N LEU A 72 1.62 -14.67 7.19
CA LEU A 72 1.77 -13.64 6.18
C LEU A 72 3.20 -13.56 5.67
N THR A 73 4.13 -13.96 6.53
CA THR A 73 5.55 -14.02 6.16
C THR A 73 5.76 -14.97 4.98
N ARG A 74 5.02 -16.07 4.97
CA ARG A 74 5.10 -17.07 3.92
C ARG A 74 4.83 -16.43 2.55
N LEU A 75 3.98 -15.41 2.55
CA LEU A 75 3.59 -14.74 1.31
C LEU A 75 4.51 -13.56 1.00
N TYR A 76 4.58 -12.62 1.92
CA TYR A 76 5.16 -11.32 1.64
C TYR A 76 6.56 -11.14 2.23
N ASN A 77 7.20 -12.22 2.67
CA ASN A 77 8.56 -12.11 3.25
C ASN A 77 9.52 -11.37 2.32
N ASP A 78 9.68 -11.88 1.12
CA ASP A 78 10.61 -11.29 0.16
C ASP A 78 9.93 -10.25 -0.70
N ARG A 79 8.63 -10.10 -0.51
CA ARG A 79 7.86 -9.13 -1.26
C ARG A 79 7.18 -8.19 -0.27
N VAL A 80 7.94 -7.29 0.31
CA VAL A 80 7.40 -6.35 1.26
C VAL A 80 7.21 -4.99 0.57
N PRO A 81 7.48 -3.85 1.24
CA PRO A 81 6.67 -2.67 1.14
C PRO A 81 5.61 -2.73 0.04
N VAL A 82 4.58 -3.54 0.29
CA VAL A 82 3.56 -3.82 -0.71
C VAL A 82 2.27 -3.08 -0.42
N LEU A 83 1.70 -2.51 -1.47
CA LEU A 83 0.44 -1.80 -1.38
C LEU A 83 -0.72 -2.74 -1.69
N PHE A 84 -1.47 -3.07 -0.68
CA PHE A 84 -2.63 -3.94 -0.81
C PHE A 84 -3.87 -3.11 -1.05
N ALA A 85 -4.58 -3.41 -2.12
CA ALA A 85 -5.80 -2.70 -2.45
C ALA A 85 -6.98 -3.27 -1.68
N VAL A 86 -7.41 -2.54 -0.67
CA VAL A 86 -8.57 -2.93 0.13
C VAL A 86 -9.85 -2.78 -0.69
N ASN A 87 -10.88 -3.56 -0.35
CA ASN A 87 -12.14 -3.62 -1.11
C ASN A 87 -11.97 -4.51 -2.34
N GLU A 88 -10.80 -4.41 -2.97
CA GLU A 88 -10.46 -5.26 -4.09
C GLU A 88 -9.84 -6.57 -3.64
N ASP A 89 -9.10 -6.51 -2.54
CA ASP A 89 -8.40 -7.66 -1.99
C ASP A 89 -7.37 -8.18 -3.01
N LYS A 90 -6.36 -7.35 -3.26
CA LYS A 90 -5.31 -7.67 -4.22
C LYS A 90 -4.08 -6.80 -3.93
N GLU A 91 -2.91 -7.29 -4.31
CA GLU A 91 -1.70 -6.49 -4.19
C GLU A 91 -1.52 -5.66 -5.45
N LEU A 92 -1.00 -4.45 -5.31
CA LEU A 92 -0.76 -3.58 -6.45
C LEU A 92 0.73 -3.41 -6.72
N CYS A 93 1.46 -2.95 -5.71
CA CYS A 93 2.84 -2.53 -5.89
C CYS A 93 3.68 -2.96 -4.70
N HIS A 94 4.99 -3.07 -4.90
CA HIS A 94 5.92 -3.43 -3.85
C HIS A 94 7.04 -2.41 -3.79
N TYR A 95 8.09 -2.66 -2.98
CA TYR A 95 9.22 -1.72 -2.87
C TYR A 95 9.72 -1.28 -4.24
N PHE A 96 10.14 -0.02 -4.31
CA PHE A 96 10.37 0.67 -5.58
C PHE A 96 9.03 0.94 -6.24
N LEU A 97 8.47 2.09 -5.92
CA LEU A 97 7.12 2.47 -6.32
C LEU A 97 6.95 2.40 -7.84
N ASP A 98 5.93 1.66 -8.26
CA ASP A 98 5.65 1.47 -9.69
C ASP A 98 5.02 2.73 -10.26
N SER A 99 4.19 3.38 -9.44
CA SER A 99 3.50 4.62 -9.79
C SER A 99 2.37 4.40 -10.80
N ASP A 100 2.66 3.67 -11.88
CA ASP A 100 1.71 3.48 -12.96
C ASP A 100 0.51 2.64 -12.51
N VAL A 101 0.78 1.49 -11.91
CA VAL A 101 -0.30 0.60 -11.48
C VAL A 101 -1.21 1.26 -10.45
N ILE A 102 -0.64 1.83 -9.40
CA ILE A 102 -1.47 2.51 -8.40
C ILE A 102 -2.07 3.77 -9.00
N GLY A 103 -1.38 4.38 -9.95
CA GLY A 103 -1.91 5.54 -10.63
C GLY A 103 -3.15 5.19 -11.44
N ALA A 104 -3.09 4.05 -12.11
CA ALA A 104 -4.22 3.54 -12.88
C ALA A 104 -5.40 3.21 -11.96
N TYR A 105 -5.08 2.91 -10.71
CA TYR A 105 -6.09 2.57 -9.72
C TYR A 105 -6.63 3.82 -9.01
N LEU A 106 -5.73 4.65 -8.53
CA LEU A 106 -6.08 5.79 -7.68
C LEU A 106 -6.66 6.95 -8.49
N SER A 107 -6.10 7.20 -9.66
CA SER A 107 -6.50 8.36 -10.45
C SER A 107 -7.13 7.95 -11.78
N MET A 23 -29.56 13.10 -8.67
CA MET A 23 -28.79 14.06 -7.86
C MET A 23 -27.83 13.33 -6.94
N ASN A 24 -26.65 13.03 -7.45
CA ASN A 24 -25.64 12.29 -6.70
C ASN A 24 -24.37 12.10 -7.52
N ASN A 25 -23.24 12.46 -6.93
CA ASN A 25 -21.94 12.13 -7.49
C ASN A 25 -21.10 11.50 -6.40
N GLN A 26 -21.35 10.23 -6.12
CA GLN A 26 -20.75 9.55 -5.00
C GLN A 26 -19.37 9.03 -5.36
N VAL A 27 -18.38 9.88 -5.14
CA VAL A 27 -16.98 9.50 -5.29
C VAL A 27 -16.38 9.33 -3.90
N GLU A 28 -15.73 8.20 -3.69
CA GLU A 28 -15.26 7.85 -2.37
C GLU A 28 -13.80 7.41 -2.43
N PRO A 29 -13.08 7.51 -1.30
CA PRO A 29 -11.65 7.20 -1.23
C PRO A 29 -11.36 5.71 -1.41
N ARG A 30 -10.08 5.40 -1.49
CA ARG A 30 -9.64 4.01 -1.61
C ARG A 30 -8.99 3.58 -0.29
N LYS A 31 -8.36 2.41 -0.29
CA LYS A 31 -7.57 2.01 0.86
C LYS A 31 -6.37 1.18 0.42
N LEU A 32 -5.20 1.58 0.89
CA LEU A 32 -3.97 0.86 0.59
C LEU A 32 -3.39 0.28 1.86
N VAL A 33 -3.08 -1.00 1.83
CA VAL A 33 -2.42 -1.65 2.94
C VAL A 33 -0.97 -1.94 2.58
N VAL A 34 -0.07 -1.47 3.42
CA VAL A 34 1.33 -1.75 3.22
C VAL A 34 1.81 -2.79 4.22
N TYR A 35 2.09 -3.98 3.73
CA TYR A 35 2.66 -5.02 4.55
C TYR A 35 4.17 -4.81 4.65
N GLY A 36 4.63 -4.44 5.82
CA GLY A 36 6.02 -4.07 5.98
C GLY A 36 6.78 -5.03 6.86
N ARG A 37 8.09 -4.85 6.90
CA ARG A 37 8.98 -5.69 7.67
C ARG A 37 10.27 -4.94 7.90
N GLU A 38 10.17 -3.61 7.78
CA GLU A 38 11.32 -2.71 7.80
C GLU A 38 12.25 -3.01 6.63
N GLY A 39 13.30 -3.78 6.89
CA GLY A 39 14.19 -4.21 5.84
C GLY A 39 15.20 -3.15 5.44
N CYS A 40 14.83 -2.29 4.50
CA CYS A 40 15.77 -1.33 3.94
C CYS A 40 15.07 0.00 3.63
N HIS A 41 15.76 0.87 2.90
CA HIS A 41 15.33 2.26 2.71
C HIS A 41 14.07 2.38 1.86
N LEU A 42 13.85 1.46 0.93
CA LEU A 42 12.66 1.52 0.06
C LEU A 42 11.38 1.62 0.90
N CYS A 43 11.39 1.02 2.08
CA CYS A 43 10.23 1.04 2.95
C CYS A 43 9.85 2.47 3.33
N GLU A 44 10.83 3.28 3.75
CA GLU A 44 10.57 4.64 4.17
C GLU A 44 10.29 5.54 2.96
N GLU A 45 10.93 5.23 1.85
CA GLU A 45 10.73 5.96 0.60
C GLU A 45 9.27 5.84 0.15
N MET A 46 8.73 4.64 0.30
CA MET A 46 7.33 4.39 0.00
C MET A 46 6.42 5.17 0.95
N ILE A 47 6.73 5.11 2.25
CA ILE A 47 5.92 5.77 3.27
C ILE A 47 5.79 7.27 3.00
N ALA A 48 6.91 7.92 2.72
CA ALA A 48 6.92 9.34 2.44
C ALA A 48 6.06 9.67 1.22
N SER A 49 6.16 8.82 0.20
CA SER A 49 5.40 8.99 -1.02
C SER A 49 3.90 8.87 -0.77
N LEU A 50 3.53 7.94 0.10
CA LEU A 50 2.13 7.71 0.43
C LEU A 50 1.52 8.94 1.10
N ARG A 51 2.30 9.58 1.95
CA ARG A 51 1.82 10.75 2.71
C ARG A 51 1.45 11.89 1.77
N VAL A 52 2.28 12.12 0.77
CA VAL A 52 2.03 13.19 -0.19
C VAL A 52 0.86 12.85 -1.10
N LEU A 53 0.81 11.61 -1.56
CA LEU A 53 -0.28 11.18 -2.44
C LEU A 53 -1.61 11.21 -1.69
N GLN A 54 -1.57 10.94 -0.39
CA GLN A 54 -2.75 11.02 0.47
C GLN A 54 -3.38 12.41 0.41
N LYS A 55 -2.55 13.41 0.17
CA LYS A 55 -2.99 14.81 0.12
C LYS A 55 -3.64 15.11 -1.23
N LYS A 56 -3.45 14.20 -2.18
CA LYS A 56 -3.98 14.38 -3.53
C LYS A 56 -5.21 13.51 -3.72
N SER A 57 -5.12 12.29 -3.20
CA SER A 57 -6.20 11.32 -3.27
C SER A 57 -6.15 10.43 -2.03
N TRP A 58 -7.20 10.45 -1.23
CA TRP A 58 -7.21 9.68 0.01
C TRP A 58 -7.32 8.19 -0.26
N PHE A 59 -6.43 7.43 0.34
CA PHE A 59 -6.46 5.98 0.22
C PHE A 59 -6.15 5.32 1.56
N GLU A 60 -6.35 6.05 2.64
CA GLU A 60 -6.03 5.55 3.99
C GLU A 60 -4.56 5.18 4.08
N LEU A 61 -4.14 4.66 5.22
CA LEU A 61 -2.82 4.07 5.32
C LEU A 61 -2.79 3.03 6.43
N GLU A 62 -2.68 1.78 6.04
CA GLU A 62 -2.58 0.70 7.00
C GLU A 62 -1.23 0.04 6.90
N VAL A 63 -0.46 0.10 7.97
CA VAL A 63 0.88 -0.45 8.00
C VAL A 63 0.95 -1.67 8.90
N ILE A 64 1.11 -2.83 8.30
CA ILE A 64 1.10 -4.08 9.04
C ILE A 64 2.43 -4.80 8.88
N ASN A 65 3.19 -4.87 9.97
CA ASN A 65 4.47 -5.56 9.95
C ASN A 65 4.26 -7.06 10.11
N ILE A 66 4.58 -7.82 9.08
CA ILE A 66 4.30 -9.25 9.04
C ILE A 66 5.32 -10.05 9.85
N ASP A 67 6.30 -9.36 10.44
CA ASP A 67 7.34 -10.01 11.22
C ASP A 67 6.75 -10.77 12.40
N GLY A 68 5.75 -10.16 13.04
CA GLY A 68 5.14 -10.77 14.20
C GLY A 68 4.05 -11.76 13.85
N ASN A 69 3.93 -12.07 12.56
CA ASN A 69 2.92 -13.03 12.10
C ASN A 69 3.51 -13.97 11.06
N GLU A 70 3.93 -15.14 11.50
CA GLU A 70 4.49 -16.16 10.61
C GLU A 70 3.53 -16.46 9.46
N HIS A 71 2.24 -16.38 9.75
CA HIS A 71 1.19 -16.62 8.76
C HIS A 71 1.37 -15.66 7.58
N LEU A 72 1.53 -14.38 7.90
CA LEU A 72 1.71 -13.36 6.88
C LEU A 72 3.15 -13.38 6.33
N THR A 73 4.09 -13.83 7.16
CA THR A 73 5.48 -13.91 6.76
C THR A 73 5.66 -14.74 5.50
N ARG A 74 5.05 -15.92 5.47
CA ARG A 74 5.20 -16.82 4.34
C ARG A 74 4.56 -16.24 3.08
N LEU A 75 3.50 -15.48 3.28
CA LEU A 75 2.79 -14.83 2.19
C LEU A 75 3.67 -13.82 1.48
N TYR A 76 4.31 -12.95 2.25
CA TYR A 76 5.05 -11.82 1.68
C TYR A 76 6.54 -11.90 2.02
N ASN A 77 7.05 -13.08 2.30
CA ASN A 77 8.47 -13.25 2.58
C ASN A 77 9.31 -12.84 1.38
N ASP A 78 10.18 -11.86 1.57
CA ASP A 78 11.02 -11.30 0.49
C ASP A 78 10.18 -10.47 -0.47
N ARG A 79 8.88 -10.45 -0.24
CA ARG A 79 7.94 -9.72 -1.07
C ARG A 79 7.31 -8.61 -0.25
N VAL A 80 8.06 -8.06 0.69
CA VAL A 80 7.50 -7.04 1.57
C VAL A 80 7.52 -5.66 0.90
N PRO A 81 7.83 -4.56 1.63
CA PRO A 81 7.13 -3.31 1.48
C PRO A 81 6.09 -3.34 0.35
N VAL A 82 5.03 -4.10 0.58
CA VAL A 82 4.02 -4.39 -0.42
C VAL A 82 2.90 -3.37 -0.36
N LEU A 83 2.54 -2.83 -1.51
CA LEU A 83 1.40 -1.95 -1.58
C LEU A 83 0.20 -2.75 -2.06
N PHE A 84 -0.66 -3.10 -1.11
CA PHE A 84 -1.81 -3.95 -1.37
C PHE A 84 -3.04 -3.11 -1.62
N ALA A 85 -3.68 -3.33 -2.76
CA ALA A 85 -4.88 -2.59 -3.12
C ALA A 85 -6.11 -3.26 -2.54
N VAL A 86 -6.68 -2.65 -1.51
CA VAL A 86 -7.88 -3.17 -0.87
C VAL A 86 -9.06 -3.05 -1.84
N ASN A 87 -10.05 -3.94 -1.68
CA ASN A 87 -11.22 -4.01 -2.58
C ASN A 87 -10.84 -4.70 -3.89
N GLU A 88 -9.65 -4.40 -4.38
CA GLU A 88 -9.07 -5.12 -5.50
C GLU A 88 -8.55 -6.46 -5.01
N ASP A 89 -8.02 -6.46 -3.80
CA ASP A 89 -7.48 -7.64 -3.16
C ASP A 89 -6.31 -8.18 -3.97
N LYS A 90 -5.48 -7.26 -4.46
CA LYS A 90 -4.34 -7.58 -5.30
C LYS A 90 -3.16 -6.69 -4.96
N GLU A 91 -1.98 -7.09 -5.43
CA GLU A 91 -0.79 -6.28 -5.28
C GLU A 91 -0.66 -5.31 -6.44
N LEU A 92 -0.35 -4.05 -6.16
CA LEU A 92 -0.07 -3.10 -7.23
C LEU A 92 1.43 -3.12 -7.53
N CYS A 93 2.22 -3.01 -6.47
CA CYS A 93 3.68 -3.07 -6.58
C CYS A 93 4.28 -3.21 -5.19
N HIS A 94 5.55 -3.56 -5.11
CA HIS A 94 6.21 -3.72 -3.83
C HIS A 94 7.67 -3.27 -3.92
N TYR A 95 8.15 -2.66 -2.82
CA TYR A 95 9.49 -2.07 -2.74
C TYR A 95 9.60 -0.76 -3.52
N PHE A 96 8.90 -0.67 -4.64
CA PHE A 96 8.96 0.48 -5.50
C PHE A 96 7.56 1.02 -5.74
N LEU A 97 7.48 2.24 -6.27
CA LEU A 97 6.21 2.90 -6.43
C LEU A 97 5.95 3.21 -7.88
N ASP A 98 5.09 2.42 -8.51
CA ASP A 98 4.65 2.68 -9.86
C ASP A 98 3.44 3.60 -9.84
N SER A 99 3.71 4.90 -10.03
CA SER A 99 2.67 5.92 -9.95
C SER A 99 1.59 5.70 -11.01
N ASP A 100 1.99 5.12 -12.14
CA ASP A 100 1.05 4.86 -13.23
C ASP A 100 -0.01 3.84 -12.78
N VAL A 101 0.43 2.81 -12.07
CA VAL A 101 -0.47 1.74 -11.65
C VAL A 101 -1.33 2.19 -10.47
N ILE A 102 -0.74 2.85 -9.49
CA ILE A 102 -1.50 3.32 -8.35
C ILE A 102 -2.50 4.40 -8.78
N GLY A 103 -2.12 5.21 -9.76
CA GLY A 103 -3.01 6.22 -10.29
C GLY A 103 -4.22 5.60 -10.97
N ALA A 104 -4.00 4.46 -11.62
CA ALA A 104 -5.07 3.73 -12.28
C ALA A 104 -6.08 3.21 -11.25
N TYR A 105 -5.60 2.87 -10.07
CA TYR A 105 -6.45 2.34 -9.00
C TYR A 105 -7.05 3.48 -8.15
N LEU A 106 -6.25 4.49 -7.87
CA LEU A 106 -6.64 5.53 -6.92
C LEU A 106 -7.64 6.53 -7.52
N SER A 107 -8.05 6.31 -8.75
CA SER A 107 -9.06 7.13 -9.38
C SER A 107 -9.88 6.31 -10.36
N MET A 23 -20.48 17.47 -9.76
CA MET A 23 -21.20 16.17 -9.80
C MET A 23 -20.40 15.14 -10.59
N ASN A 24 -19.73 14.23 -9.88
CA ASN A 24 -18.81 13.29 -10.51
C ASN A 24 -18.84 11.95 -9.78
N ASN A 25 -19.85 11.77 -8.92
CA ASN A 25 -19.95 10.59 -8.06
C ASN A 25 -18.83 10.59 -7.03
N GLN A 26 -19.12 11.01 -5.81
CA GLN A 26 -18.11 11.03 -4.77
C GLN A 26 -18.02 9.67 -4.11
N VAL A 27 -17.07 8.87 -4.56
CA VAL A 27 -16.80 7.60 -3.94
C VAL A 27 -15.83 7.77 -2.77
N GLU A 28 -16.20 7.19 -1.65
CA GLU A 28 -15.43 7.27 -0.43
C GLU A 28 -14.02 6.68 -0.61
N PRO A 29 -13.10 7.00 0.29
CA PRO A 29 -11.71 6.55 0.18
C PRO A 29 -11.57 5.07 0.48
N ARG A 30 -10.65 4.43 -0.23
CA ARG A 30 -10.34 3.03 0.01
C ARG A 30 -8.94 2.94 0.58
N LYS A 31 -8.76 2.07 1.55
CA LYS A 31 -7.54 2.07 2.36
C LYS A 31 -6.44 1.20 1.74
N LEU A 32 -5.21 1.60 1.99
CA LEU A 32 -4.04 0.82 1.59
C LEU A 32 -3.28 0.33 2.81
N VAL A 33 -2.94 -0.95 2.80
CA VAL A 33 -2.07 -1.52 3.82
C VAL A 33 -0.69 -1.75 3.22
N VAL A 34 0.34 -1.36 3.92
CA VAL A 34 1.68 -1.68 3.49
C VAL A 34 2.18 -2.90 4.26
N TYR A 35 2.22 -4.04 3.58
CA TYR A 35 2.77 -5.26 4.17
C TYR A 35 4.27 -5.12 4.25
N GLY A 36 4.87 -5.83 5.18
CA GLY A 36 6.31 -5.84 5.27
C GLY A 36 6.78 -6.19 6.65
N ARG A 37 7.87 -5.58 7.05
CA ARG A 37 8.41 -5.77 8.37
C ARG A 37 9.36 -4.63 8.69
N GLU A 38 9.90 -4.64 9.90
CA GLU A 38 10.66 -3.51 10.42
C GLU A 38 12.08 -3.49 9.85
N GLY A 39 12.35 -2.50 9.02
CA GLY A 39 13.68 -2.34 8.46
C GLY A 39 13.67 -2.31 6.94
N CYS A 40 13.02 -1.31 6.37
CA CYS A 40 12.98 -1.14 4.91
C CYS A 40 12.90 0.33 4.53
N HIS A 41 13.94 0.82 3.87
CA HIS A 41 14.03 2.23 3.51
C HIS A 41 13.03 2.61 2.43
N LEU A 42 12.84 1.73 1.45
CA LEU A 42 11.86 1.95 0.39
C LEU A 42 10.46 2.13 0.96
N CYS A 43 10.20 1.45 2.07
CA CYS A 43 8.92 1.58 2.74
C CYS A 43 8.71 3.02 3.19
N GLU A 44 9.76 3.60 3.78
CA GLU A 44 9.73 4.99 4.23
C GLU A 44 9.50 5.93 3.06
N GLU A 45 10.26 5.71 1.99
CA GLU A 45 10.23 6.59 0.82
C GLU A 45 8.87 6.60 0.16
N MET A 46 8.22 5.44 0.09
CA MET A 46 6.88 5.36 -0.47
C MET A 46 5.87 6.00 0.45
N ILE A 47 6.13 5.99 1.76
CA ILE A 47 5.26 6.67 2.71
C ILE A 47 5.16 8.15 2.36
N ALA A 48 6.30 8.77 2.09
CA ALA A 48 6.34 10.17 1.69
C ALA A 48 5.56 10.39 0.41
N SER A 49 5.72 9.47 -0.54
CA SER A 49 5.01 9.54 -1.81
C SER A 49 3.50 9.37 -1.59
N LEU A 50 3.14 8.44 -0.73
CA LEU A 50 1.73 8.16 -0.43
C LEU A 50 1.09 9.34 0.28
N ARG A 51 1.87 10.05 1.09
CA ARG A 51 1.37 11.26 1.74
C ARG A 51 0.99 12.29 0.70
N VAL A 52 1.84 12.45 -0.29
CA VAL A 52 1.57 13.38 -1.40
C VAL A 52 0.33 12.95 -2.16
N LEU A 53 0.20 11.65 -2.39
CA LEU A 53 -0.95 11.11 -3.11
C LEU A 53 -2.22 11.26 -2.27
N GLN A 54 -2.08 11.17 -0.94
CA GLN A 54 -3.20 11.37 -0.02
C GLN A 54 -3.78 12.78 -0.13
N LYS A 55 -2.99 13.70 -0.66
CA LYS A 55 -3.44 15.07 -0.87
C LYS A 55 -4.31 15.17 -2.11
N LYS A 56 -4.21 14.16 -2.96
CA LYS A 56 -5.03 14.06 -4.16
C LYS A 56 -6.20 13.11 -3.89
N SER A 57 -5.88 11.97 -3.30
CA SER A 57 -6.86 10.95 -3.00
C SER A 57 -6.50 10.27 -1.69
N TRP A 58 -7.42 10.29 -0.73
CA TRP A 58 -7.16 9.71 0.58
C TRP A 58 -7.30 8.19 0.54
N PHE A 59 -6.35 7.49 1.15
CA PHE A 59 -6.40 6.03 1.21
C PHE A 59 -5.82 5.50 2.52
N GLU A 60 -5.66 6.39 3.49
CA GLU A 60 -5.03 6.05 4.76
C GLU A 60 -3.65 5.44 4.55
N LEU A 61 -3.05 5.00 5.63
CA LEU A 61 -1.78 4.29 5.55
C LEU A 61 -1.65 3.30 6.71
N GLU A 62 -1.71 2.02 6.40
CA GLU A 62 -1.62 0.98 7.43
C GLU A 62 -0.29 0.25 7.32
N VAL A 63 0.23 -0.18 8.46
CA VAL A 63 1.46 -0.97 8.50
C VAL A 63 1.20 -2.29 9.21
N ILE A 64 1.52 -3.39 8.54
CA ILE A 64 1.31 -4.72 9.13
C ILE A 64 2.53 -5.61 8.90
N ASN A 65 3.12 -6.07 10.00
CA ASN A 65 4.30 -6.93 9.93
C ASN A 65 3.92 -8.36 9.64
N ILE A 66 4.58 -8.95 8.65
CA ILE A 66 4.37 -10.36 8.33
C ILE A 66 5.33 -11.22 9.13
N ASP A 67 6.34 -10.58 9.71
CA ASP A 67 7.44 -11.25 10.39
C ASP A 67 6.95 -12.31 11.38
N GLY A 68 5.96 -11.95 12.19
CA GLY A 68 5.47 -12.86 13.21
C GLY A 68 4.39 -13.81 12.72
N ASN A 69 4.03 -13.69 11.45
CA ASN A 69 2.97 -14.50 10.87
C ASN A 69 3.54 -15.50 9.88
N GLU A 70 3.49 -16.77 10.24
CA GLU A 70 4.11 -17.84 9.44
C GLU A 70 3.58 -17.86 8.01
N HIS A 71 2.27 -17.77 7.85
CA HIS A 71 1.65 -17.87 6.53
C HIS A 71 1.96 -16.63 5.70
N LEU A 72 1.97 -15.47 6.35
CA LEU A 72 2.29 -14.22 5.66
C LEU A 72 3.75 -14.19 5.27
N THR A 73 4.60 -14.79 6.09
CA THR A 73 6.02 -14.88 5.80
C THR A 73 6.26 -15.54 4.44
N ARG A 74 5.76 -16.75 4.28
CA ARG A 74 5.96 -17.50 3.04
C ARG A 74 5.38 -16.75 1.83
N LEU A 75 4.34 -15.97 2.07
CA LEU A 75 3.70 -15.20 1.01
C LEU A 75 4.52 -13.95 0.62
N TYR A 76 4.97 -13.18 1.61
CA TYR A 76 5.53 -11.85 1.32
C TYR A 76 6.95 -11.66 1.83
N ASN A 77 7.60 -12.71 2.32
CA ASN A 77 8.94 -12.55 2.90
C ASN A 77 9.94 -12.00 1.88
N ASP A 78 9.98 -12.62 0.72
CA ASP A 78 10.97 -12.26 -0.30
C ASP A 78 10.56 -10.97 -1.02
N ARG A 79 9.28 -10.63 -0.94
CA ARG A 79 8.78 -9.39 -1.51
C ARG A 79 7.99 -8.65 -0.45
N VAL A 80 8.68 -8.05 0.51
CA VAL A 80 8.01 -7.27 1.51
C VAL A 80 7.75 -5.87 0.96
N PRO A 81 7.85 -4.78 1.78
CA PRO A 81 6.95 -3.67 1.69
C PRO A 81 6.06 -3.69 0.46
N VAL A 82 4.82 -4.11 0.63
CA VAL A 82 3.87 -4.25 -0.48
C VAL A 82 2.55 -3.54 -0.18
N LEU A 83 1.93 -2.92 -1.19
CA LEU A 83 0.65 -2.26 -0.99
C LEU A 83 -0.52 -3.22 -1.20
N PHE A 84 -1.34 -3.32 -0.17
CA PHE A 84 -2.53 -4.16 -0.20
C PHE A 84 -3.78 -3.30 -0.35
N ALA A 85 -4.63 -3.64 -1.30
CA ALA A 85 -5.86 -2.91 -1.53
C ALA A 85 -6.94 -3.33 -0.54
N VAL A 86 -7.19 -2.48 0.44
CA VAL A 86 -8.16 -2.79 1.49
C VAL A 86 -9.58 -2.50 1.00
N ASN A 87 -10.13 -3.46 0.26
CA ASN A 87 -11.49 -3.39 -0.25
C ASN A 87 -11.73 -4.56 -1.20
N GLU A 88 -10.92 -4.62 -2.25
CA GLU A 88 -11.02 -5.69 -3.23
C GLU A 88 -10.12 -6.86 -2.84
N ASP A 89 -9.32 -6.65 -1.80
CA ASP A 89 -8.47 -7.71 -1.24
C ASP A 89 -7.48 -8.25 -2.28
N LYS A 90 -6.41 -7.49 -2.50
CA LYS A 90 -5.36 -7.87 -3.44
C LYS A 90 -4.16 -6.94 -3.33
N GLU A 91 -2.97 -7.47 -3.59
CA GLU A 91 -1.77 -6.66 -3.64
C GLU A 91 -1.69 -5.91 -4.96
N LEU A 92 -1.30 -4.65 -4.90
CA LEU A 92 -1.16 -3.84 -6.11
C LEU A 92 0.31 -3.80 -6.55
N CYS A 93 1.06 -2.90 -5.93
CA CYS A 93 2.46 -2.71 -6.27
C CYS A 93 3.15 -1.87 -5.20
N HIS A 94 4.43 -2.13 -4.99
CA HIS A 94 5.22 -1.35 -4.05
C HIS A 94 6.66 -1.23 -4.57
N TYR A 95 7.55 -0.71 -3.72
CA TYR A 95 8.99 -0.55 -3.97
C TYR A 95 9.34 0.88 -4.35
N PHE A 96 9.03 1.29 -5.57
CA PHE A 96 9.39 2.62 -6.04
C PHE A 96 8.17 3.37 -6.55
N LEU A 97 7.00 2.79 -6.34
CA LEU A 97 5.71 3.39 -6.71
C LEU A 97 5.49 3.40 -8.23
N ASP A 98 4.40 2.78 -8.65
CA ASP A 98 4.05 2.72 -10.07
C ASP A 98 3.27 3.96 -10.48
N SER A 99 2.37 4.41 -9.61
CA SER A 99 1.50 5.57 -9.88
C SER A 99 0.61 5.32 -11.09
N ASP A 100 0.40 4.04 -11.42
CA ASP A 100 -0.34 3.67 -12.61
C ASP A 100 -1.44 2.69 -12.25
N VAL A 101 -1.06 1.61 -11.57
CA VAL A 101 -1.99 0.60 -11.13
C VAL A 101 -2.77 1.10 -9.92
N ILE A 102 -2.07 1.74 -9.00
CA ILE A 102 -2.73 2.36 -7.86
C ILE A 102 -3.60 3.52 -8.35
N GLY A 103 -3.18 4.17 -9.42
CA GLY A 103 -3.95 5.24 -10.01
C GLY A 103 -5.25 4.73 -10.61
N ALA A 104 -5.23 3.49 -11.07
CA ALA A 104 -6.41 2.85 -11.61
C ALA A 104 -7.34 2.39 -10.50
N TYR A 105 -6.75 2.11 -9.34
CA TYR A 105 -7.50 1.62 -8.19
C TYR A 105 -8.06 2.75 -7.35
N LEU A 106 -7.23 3.75 -7.08
CA LEU A 106 -7.57 4.83 -6.16
C LEU A 106 -8.57 5.81 -6.79
N SER A 107 -8.81 5.66 -8.08
CA SER A 107 -9.81 6.45 -8.77
C SER A 107 -11.12 5.68 -8.85
N MET A 23 -27.12 16.90 -8.29
CA MET A 23 -26.75 16.38 -6.96
C MET A 23 -25.24 16.35 -6.82
N ASN A 24 -24.75 16.68 -5.62
CA ASN A 24 -23.33 16.64 -5.35
C ASN A 24 -22.93 15.24 -4.89
N ASN A 25 -22.55 14.40 -5.85
CA ASN A 25 -22.11 13.05 -5.53
C ASN A 25 -20.67 13.07 -5.06
N GLN A 26 -20.50 13.38 -3.78
CA GLN A 26 -19.19 13.33 -3.15
C GLN A 26 -18.78 11.87 -3.01
N VAL A 27 -17.77 11.49 -3.77
CA VAL A 27 -17.38 10.10 -3.90
C VAL A 27 -16.81 9.54 -2.61
N GLU A 28 -16.88 8.22 -2.53
CA GLU A 28 -16.35 7.48 -1.41
C GLU A 28 -14.85 7.27 -1.59
N PRO A 29 -14.11 7.04 -0.50
CA PRO A 29 -12.66 6.88 -0.55
C PRO A 29 -12.23 5.44 -0.83
N ARG A 30 -10.93 5.26 -1.01
CA ARG A 30 -10.36 3.94 -1.21
C ARG A 30 -9.61 3.54 0.06
N LYS A 31 -8.96 2.39 0.04
CA LYS A 31 -8.15 1.98 1.17
C LYS A 31 -7.00 1.10 0.66
N LEU A 32 -5.79 1.39 1.11
CA LEU A 32 -4.64 0.58 0.75
C LEU A 32 -3.87 0.16 2.00
N VAL A 33 -3.43 -1.09 2.01
CA VAL A 33 -2.65 -1.62 3.11
C VAL A 33 -1.24 -1.96 2.65
N VAL A 34 -0.25 -1.63 3.46
CA VAL A 34 1.12 -1.97 3.15
C VAL A 34 1.62 -3.04 4.11
N TYR A 35 1.89 -4.23 3.57
CA TYR A 35 2.49 -5.29 4.35
C TYR A 35 3.99 -5.15 4.32
N GLY A 36 4.61 -5.15 5.49
CA GLY A 36 6.04 -5.03 5.55
C GLY A 36 6.55 -5.23 6.95
N ARG A 37 7.78 -4.80 7.18
CA ARG A 37 8.37 -4.85 8.50
C ARG A 37 9.39 -3.72 8.65
N GLU A 38 9.29 -2.99 9.75
CA GLU A 38 10.10 -1.81 9.98
C GLU A 38 11.58 -2.18 10.04
N GLY A 39 12.34 -1.61 9.11
CA GLY A 39 13.75 -1.92 9.00
C GLY A 39 14.20 -1.90 7.55
N CYS A 40 13.25 -2.04 6.63
CA CYS A 40 13.54 -1.99 5.21
C CYS A 40 13.26 -0.59 4.67
N HIS A 41 14.24 -0.02 3.97
CA HIS A 41 14.18 1.36 3.53
C HIS A 41 13.12 1.58 2.45
N LEU A 42 12.91 0.58 1.59
CA LEU A 42 11.91 0.69 0.52
C LEU A 42 10.52 0.94 1.09
N CYS A 43 10.25 0.40 2.28
CA CYS A 43 8.98 0.62 2.95
C CYS A 43 8.77 2.11 3.20
N GLU A 44 9.83 2.80 3.63
CA GLU A 44 9.77 4.23 3.90
C GLU A 44 9.44 5.00 2.62
N GLU A 45 10.14 4.63 1.55
CA GLU A 45 10.01 5.31 0.27
C GLU A 45 8.59 5.19 -0.27
N MET A 46 8.00 4.01 -0.11
CA MET A 46 6.62 3.79 -0.53
C MET A 46 5.65 4.58 0.35
N ILE A 47 5.81 4.47 1.66
CA ILE A 47 4.92 5.17 2.60
C ILE A 47 4.95 6.68 2.38
N ALA A 48 6.14 7.25 2.27
CA ALA A 48 6.30 8.69 2.06
C ALA A 48 5.58 9.13 0.79
N SER A 49 5.63 8.28 -0.23
CA SER A 49 4.97 8.57 -1.50
C SER A 49 3.46 8.51 -1.34
N LEU A 50 2.97 7.52 -0.59
CA LEU A 50 1.55 7.34 -0.38
C LEU A 50 0.97 8.50 0.44
N ARG A 51 1.77 9.01 1.37
CA ARG A 51 1.35 10.14 2.21
C ARG A 51 1.06 11.38 1.36
N VAL A 52 1.89 11.63 0.37
CA VAL A 52 1.69 12.76 -0.52
C VAL A 52 0.56 12.47 -1.50
N LEU A 53 0.48 11.22 -1.96
CA LEU A 53 -0.58 10.80 -2.87
C LEU A 53 -1.94 10.89 -2.20
N GLN A 54 -1.97 10.67 -0.89
CA GLN A 54 -3.20 10.79 -0.10
C GLN A 54 -3.88 12.14 -0.31
N LYS A 55 -3.08 13.17 -0.51
CA LYS A 55 -3.59 14.53 -0.65
C LYS A 55 -4.26 14.73 -2.01
N LYS A 56 -3.86 13.92 -2.98
CA LYS A 56 -4.40 14.02 -4.33
C LYS A 56 -5.58 13.08 -4.49
N SER A 57 -5.41 11.87 -3.96
CA SER A 57 -6.43 10.84 -4.02
C SER A 57 -6.41 10.05 -2.72
N TRP A 58 -7.38 10.30 -1.84
CA TRP A 58 -7.38 9.68 -0.51
C TRP A 58 -7.65 8.18 -0.60
N PHE A 59 -6.81 7.40 0.05
CA PHE A 59 -6.94 5.95 0.09
C PHE A 59 -6.58 5.37 1.45
N GLU A 60 -6.56 6.23 2.47
CA GLU A 60 -6.17 5.81 3.81
C GLU A 60 -4.75 5.27 3.81
N LEU A 61 -4.27 4.84 4.95
CA LEU A 61 -3.01 4.11 4.99
C LEU A 61 -2.96 3.18 6.19
N GLU A 62 -2.57 1.94 5.94
CA GLU A 62 -2.45 0.97 7.00
C GLU A 62 -1.16 0.18 6.82
N VAL A 63 -0.27 0.27 7.80
CA VAL A 63 1.00 -0.42 7.75
C VAL A 63 0.98 -1.57 8.73
N ILE A 64 1.08 -2.79 8.20
CA ILE A 64 0.98 -3.98 9.04
C ILE A 64 2.29 -4.75 9.02
N ASN A 65 2.89 -4.90 10.20
CA ASN A 65 4.16 -5.61 10.32
C ASN A 65 3.96 -7.11 10.29
N ILE A 66 4.54 -7.74 9.27
CA ILE A 66 4.52 -9.20 9.16
C ILE A 66 5.62 -9.77 10.05
N ASP A 67 6.42 -8.87 10.59
CA ASP A 67 7.58 -9.17 11.44
C ASP A 67 7.34 -10.36 12.38
N GLY A 68 6.20 -10.37 13.07
CA GLY A 68 5.94 -11.41 14.06
C GLY A 68 4.90 -12.42 13.65
N ASN A 69 4.81 -12.70 12.35
CA ASN A 69 3.86 -13.71 11.86
C ASN A 69 4.50 -14.55 10.77
N GLU A 70 4.95 -15.76 11.13
CA GLU A 70 5.64 -16.64 10.18
C GLU A 70 4.80 -16.90 8.93
N HIS A 71 3.48 -16.96 9.09
CA HIS A 71 2.59 -17.15 7.96
C HIS A 71 2.81 -16.06 6.92
N LEU A 72 2.91 -14.82 7.38
CA LEU A 72 3.17 -13.69 6.50
C LEU A 72 4.67 -13.63 6.14
N THR A 73 5.51 -13.92 7.13
CA THR A 73 6.96 -13.89 6.95
C THR A 73 7.41 -14.80 5.82
N ARG A 74 7.02 -16.07 5.87
CA ARG A 74 7.41 -17.03 4.84
C ARG A 74 6.94 -16.58 3.46
N LEU A 75 5.81 -15.87 3.44
CA LEU A 75 5.27 -15.35 2.20
C LEU A 75 6.03 -14.11 1.72
N TYR A 76 6.15 -13.11 2.59
CA TYR A 76 6.57 -11.79 2.15
C TYR A 76 7.92 -11.32 2.73
N ASN A 77 8.58 -12.11 3.56
CA ASN A 77 9.83 -11.63 4.19
C ASN A 77 10.88 -11.27 3.14
N ASP A 78 10.94 -12.09 2.10
CA ASP A 78 11.88 -11.88 1.00
C ASP A 78 11.30 -10.91 -0.04
N ARG A 79 10.00 -10.67 0.06
CA ARG A 79 9.28 -10.00 -1.00
C ARG A 79 8.22 -9.10 -0.40
N VAL A 80 8.63 -8.22 0.52
CA VAL A 80 7.70 -7.44 1.27
C VAL A 80 7.20 -6.27 0.47
N PRO A 81 7.71 -5.05 0.74
CA PRO A 81 6.92 -3.84 0.65
C PRO A 81 5.70 -3.97 -0.29
N VAL A 82 4.68 -4.67 0.21
CA VAL A 82 3.56 -5.07 -0.62
C VAL A 82 2.36 -4.18 -0.39
N LEU A 83 1.98 -3.45 -1.44
CA LEU A 83 0.83 -2.57 -1.37
C LEU A 83 -0.43 -3.35 -1.77
N PHE A 84 -1.28 -3.58 -0.79
CA PHE A 84 -2.49 -4.36 -0.95
C PHE A 84 -3.67 -3.46 -1.31
N ALA A 85 -4.35 -3.81 -2.39
CA ALA A 85 -5.50 -3.06 -2.86
C ALA A 85 -6.76 -3.45 -2.11
N VAL A 86 -7.10 -2.69 -1.08
CA VAL A 86 -8.31 -2.93 -0.30
C VAL A 86 -9.51 -2.41 -1.06
N ASN A 87 -10.09 -3.30 -1.86
CA ASN A 87 -11.18 -2.96 -2.78
C ASN A 87 -11.45 -4.17 -3.66
N GLU A 88 -10.39 -4.74 -4.17
CA GLU A 88 -10.47 -5.89 -5.06
C GLU A 88 -9.65 -7.05 -4.50
N ASP A 89 -8.98 -6.78 -3.37
CA ASP A 89 -8.19 -7.78 -2.64
C ASP A 89 -7.09 -8.39 -3.49
N LYS A 90 -6.00 -7.64 -3.64
CA LYS A 90 -4.85 -8.07 -4.42
C LYS A 90 -3.71 -7.07 -4.29
N GLU A 91 -2.61 -7.34 -4.97
CA GLU A 91 -1.45 -6.45 -4.95
C GLU A 91 -1.48 -5.51 -6.16
N LEU A 92 -1.08 -4.26 -5.95
CA LEU A 92 -0.87 -3.34 -7.07
C LEU A 92 0.59 -3.33 -7.46
N CYS A 93 1.44 -3.08 -6.47
CA CYS A 93 2.88 -3.02 -6.68
C CYS A 93 3.58 -3.29 -5.36
N HIS A 94 4.81 -3.77 -5.44
CA HIS A 94 5.60 -4.05 -4.25
C HIS A 94 7.07 -3.75 -4.50
N TYR A 95 7.83 -3.64 -3.41
CA TYR A 95 9.25 -3.24 -3.45
C TYR A 95 9.38 -1.74 -3.71
N PHE A 96 8.80 -1.29 -4.80
CA PHE A 96 8.92 0.07 -5.24
C PHE A 96 7.52 0.59 -5.53
N LEU A 97 7.42 1.67 -6.27
CA LEU A 97 6.12 2.27 -6.50
C LEU A 97 5.87 2.53 -7.98
N ASP A 98 4.90 1.81 -8.54
CA ASP A 98 4.39 2.11 -9.86
C ASP A 98 3.31 3.17 -9.76
N SER A 99 3.73 4.43 -9.74
CA SER A 99 2.82 5.56 -9.59
C SER A 99 1.76 5.58 -10.70
N ASP A 100 2.12 5.05 -11.85
CA ASP A 100 1.21 5.01 -12.99
C ASP A 100 0.10 3.99 -12.77
N VAL A 101 0.45 2.87 -12.16
CA VAL A 101 -0.52 1.81 -11.89
C VAL A 101 -1.51 2.23 -10.81
N ILE A 102 -1.00 2.78 -9.72
CA ILE A 102 -1.88 3.27 -8.66
C ILE A 102 -2.66 4.50 -9.15
N GLY A 103 -2.07 5.23 -10.08
CA GLY A 103 -2.76 6.36 -10.70
C GLY A 103 -3.98 5.90 -11.47
N ALA A 104 -3.90 4.68 -12.01
CA ALA A 104 -5.01 4.08 -12.73
C ALA A 104 -6.10 3.64 -11.76
N TYR A 105 -5.68 3.23 -10.57
CA TYR A 105 -6.61 2.80 -9.53
C TYR A 105 -7.22 3.99 -8.80
N LEU A 106 -6.35 4.89 -8.34
CA LEU A 106 -6.77 6.05 -7.58
C LEU A 106 -7.61 6.99 -8.44
N SER A 107 -7.10 7.34 -9.61
CA SER A 107 -7.73 8.34 -10.46
C SER A 107 -8.06 9.61 -9.67
N MET A 23 -20.34 19.31 -8.53
CA MET A 23 -20.63 17.92 -8.11
C MET A 23 -19.97 16.94 -9.06
N ASN A 24 -19.12 16.07 -8.51
CA ASN A 24 -18.55 14.99 -9.27
C ASN A 24 -19.54 13.84 -9.35
N ASN A 25 -20.00 13.42 -8.17
CA ASN A 25 -21.01 12.38 -8.00
C ASN A 25 -21.17 12.11 -6.51
N GLN A 26 -20.29 11.26 -6.00
CA GLN A 26 -20.14 11.01 -4.57
C GLN A 26 -19.28 9.75 -4.38
N VAL A 27 -17.98 9.91 -4.50
CA VAL A 27 -17.07 8.81 -4.27
C VAL A 27 -16.56 8.85 -2.85
N GLU A 28 -16.02 7.74 -2.41
CA GLU A 28 -15.54 7.63 -1.05
C GLU A 28 -14.14 7.01 -1.05
N PRO A 29 -13.37 7.22 0.03
CA PRO A 29 -11.95 6.88 0.06
C PRO A 29 -11.68 5.38 -0.12
N ARG A 30 -10.48 5.06 -0.53
CA ARG A 30 -10.05 3.68 -0.65
C ARG A 30 -9.24 3.30 0.57
N LYS A 31 -8.51 2.20 0.51
CA LYS A 31 -7.67 1.80 1.64
C LYS A 31 -6.43 1.04 1.15
N LEU A 32 -5.26 1.47 1.62
CA LEU A 32 -4.01 0.83 1.24
C LEU A 32 -3.31 0.23 2.46
N VAL A 33 -2.77 -0.97 2.28
CA VAL A 33 -1.99 -1.63 3.32
C VAL A 33 -0.60 -1.98 2.79
N VAL A 34 0.42 -1.73 3.59
CA VAL A 34 1.76 -2.19 3.24
C VAL A 34 2.16 -3.35 4.15
N TYR A 35 2.45 -4.50 3.56
CA TYR A 35 2.91 -5.65 4.32
C TYR A 35 4.39 -5.55 4.57
N GLY A 36 4.76 -5.07 5.74
CA GLY A 36 6.16 -4.81 6.02
C GLY A 36 6.61 -5.41 7.33
N ARG A 37 7.87 -5.14 7.67
CA ARG A 37 8.43 -5.64 8.91
C ARG A 37 9.64 -4.77 9.30
N GLU A 38 9.60 -4.24 10.53
CA GLU A 38 10.67 -3.39 11.05
C GLU A 38 10.95 -2.20 10.12
N GLY A 39 12.16 -1.67 10.19
CA GLY A 39 12.50 -0.50 9.39
C GLY A 39 13.27 -0.87 8.14
N CYS A 40 13.02 -0.12 7.08
CA CYS A 40 13.73 -0.30 5.82
C CYS A 40 13.68 1.00 5.01
N HIS A 41 14.78 1.31 4.32
CA HIS A 41 14.90 2.56 3.58
C HIS A 41 13.83 2.71 2.52
N LEU A 42 13.64 1.67 1.72
CA LEU A 42 12.71 1.72 0.60
C LEU A 42 11.28 1.86 1.09
N CYS A 43 10.98 1.24 2.23
CA CYS A 43 9.65 1.33 2.81
C CYS A 43 9.35 2.77 3.24
N GLU A 44 10.35 3.43 3.81
CA GLU A 44 10.21 4.83 4.21
C GLU A 44 9.94 5.70 2.98
N GLU A 45 10.63 5.38 1.88
CA GLU A 45 10.45 6.12 0.63
C GLU A 45 9.05 5.93 0.08
N MET A 46 8.51 4.73 0.25
CA MET A 46 7.14 4.45 -0.17
C MET A 46 6.14 5.24 0.67
N ILE A 47 6.35 5.25 1.98
CA ILE A 47 5.49 6.00 2.89
C ILE A 47 5.45 7.47 2.50
N ALA A 48 6.61 8.05 2.26
CA ALA A 48 6.71 9.45 1.84
C ALA A 48 5.93 9.66 0.55
N SER A 49 6.08 8.73 -0.38
CA SER A 49 5.35 8.78 -1.65
C SER A 49 3.85 8.65 -1.42
N LEU A 50 3.47 7.73 -0.53
CA LEU A 50 2.06 7.51 -0.20
C LEU A 50 1.44 8.79 0.36
N ARG A 51 2.16 9.45 1.26
CA ARG A 51 1.69 10.69 1.86
C ARG A 51 1.41 11.76 0.80
N VAL A 52 2.31 11.85 -0.18
CA VAL A 52 2.17 12.82 -1.26
C VAL A 52 0.93 12.51 -2.11
N LEU A 53 0.74 11.25 -2.45
CA LEU A 53 -0.39 10.85 -3.28
C LEU A 53 -1.68 10.89 -2.47
N GLN A 54 -1.56 10.61 -1.17
CA GLN A 54 -2.70 10.57 -0.26
C GLN A 54 -3.34 11.96 -0.16
N LYS A 55 -2.54 12.99 -0.39
CA LYS A 55 -3.03 14.36 -0.48
C LYS A 55 -4.00 14.50 -1.65
N LYS A 56 -3.62 13.91 -2.77
CA LYS A 56 -4.35 14.04 -4.02
C LYS A 56 -5.58 13.14 -4.02
N SER A 57 -5.42 11.95 -3.45
CA SER A 57 -6.48 10.98 -3.38
C SER A 57 -6.38 10.19 -2.08
N TRP A 58 -7.46 10.18 -1.29
CA TRP A 58 -7.41 9.55 0.02
C TRP A 58 -7.64 8.05 -0.08
N PHE A 59 -6.66 7.29 0.35
CA PHE A 59 -6.74 5.85 0.34
C PHE A 59 -6.34 5.26 1.69
N GLU A 60 -6.41 6.09 2.74
CA GLU A 60 -5.95 5.70 4.07
C GLU A 60 -4.51 5.20 4.02
N LEU A 61 -4.02 4.76 5.15
CA LEU A 61 -2.71 4.13 5.19
C LEU A 61 -2.64 3.15 6.35
N GLU A 62 -2.11 1.96 6.07
CA GLU A 62 -1.97 0.95 7.09
C GLU A 62 -0.61 0.29 7.00
N VAL A 63 -0.03 -0.04 8.15
CA VAL A 63 1.26 -0.69 8.21
C VAL A 63 1.13 -1.96 9.03
N ILE A 64 1.17 -3.09 8.36
CA ILE A 64 0.98 -4.37 9.03
C ILE A 64 2.29 -5.13 9.13
N ASN A 65 2.73 -5.34 10.35
CA ASN A 65 3.97 -6.05 10.62
C ASN A 65 3.77 -7.55 10.41
N ILE A 66 4.32 -8.06 9.33
CA ILE A 66 4.20 -9.48 9.01
C ILE A 66 5.20 -10.29 9.82
N ASP A 67 6.11 -9.59 10.47
CA ASP A 67 7.19 -10.19 11.27
C ASP A 67 6.68 -11.28 12.22
N GLY A 68 5.54 -11.04 12.86
CA GLY A 68 5.02 -12.00 13.82
C GLY A 68 4.00 -12.95 13.21
N ASN A 69 4.02 -13.10 11.89
CA ASN A 69 3.08 -13.98 11.22
C ASN A 69 3.82 -14.92 10.26
N GLU A 70 3.70 -16.21 10.50
CA GLU A 70 4.42 -17.22 9.73
C GLU A 70 3.83 -17.38 8.33
N HIS A 71 2.58 -16.97 8.14
CA HIS A 71 1.95 -17.02 6.82
C HIS A 71 2.45 -15.88 5.95
N LEU A 72 2.30 -14.67 6.46
CA LEU A 72 2.65 -13.46 5.71
C LEU A 72 4.15 -13.40 5.45
N THR A 73 4.96 -13.78 6.42
CA THR A 73 6.41 -13.83 6.23
C THR A 73 6.78 -14.81 5.12
N ARG A 74 6.09 -15.94 5.08
CA ARG A 74 6.36 -16.97 4.07
C ARG A 74 6.01 -16.46 2.69
N LEU A 75 5.02 -15.60 2.62
CA LEU A 75 4.56 -15.03 1.37
C LEU A 75 5.39 -13.82 0.96
N TYR A 76 5.46 -12.83 1.85
CA TYR A 76 5.96 -11.50 1.50
C TYR A 76 7.32 -11.19 2.11
N ASN A 77 8.07 -12.22 2.53
CA ASN A 77 9.42 -11.99 3.08
C ASN A 77 10.30 -11.20 2.12
N ASP A 78 10.29 -11.63 0.85
CA ASP A 78 11.13 -10.97 -0.16
C ASP A 78 10.49 -9.66 -0.62
N ARG A 79 9.21 -9.49 -0.35
CA ARG A 79 8.48 -8.34 -0.83
C ARG A 79 7.74 -7.66 0.31
N VAL A 80 8.49 -6.99 1.18
CA VAL A 80 7.90 -6.21 2.26
C VAL A 80 7.61 -4.77 1.89
N PRO A 81 8.26 -4.18 0.88
CA PRO A 81 7.75 -2.96 0.32
C PRO A 81 6.59 -3.25 -0.64
N VAL A 82 5.65 -4.06 -0.16
CA VAL A 82 4.55 -4.53 -0.97
C VAL A 82 3.28 -3.76 -0.62
N LEU A 83 2.59 -3.28 -1.64
CA LEU A 83 1.43 -2.42 -1.45
C LEU A 83 0.15 -3.16 -1.83
N PHE A 84 -0.72 -3.31 -0.84
CA PHE A 84 -1.95 -4.09 -0.95
C PHE A 84 -3.17 -3.17 -1.03
N ALA A 85 -4.08 -3.49 -1.93
CA ALA A 85 -5.29 -2.70 -2.13
C ALA A 85 -6.45 -3.26 -1.31
N VAL A 86 -6.86 -2.53 -0.29
CA VAL A 86 -7.98 -2.95 0.56
C VAL A 86 -9.29 -2.47 -0.05
N ASN A 87 -9.95 -3.38 -0.74
CA ASN A 87 -11.20 -3.07 -1.46
C ASN A 87 -11.63 -4.33 -2.19
N GLU A 88 -10.78 -4.78 -3.10
CA GLU A 88 -10.99 -6.02 -3.82
C GLU A 88 -10.03 -7.09 -3.28
N ASP A 89 -9.07 -6.62 -2.48
CA ASP A 89 -8.07 -7.47 -1.83
C ASP A 89 -7.12 -8.09 -2.85
N LYS A 90 -6.06 -7.34 -3.15
CA LYS A 90 -5.03 -7.76 -4.10
C LYS A 90 -3.86 -6.79 -4.04
N GLU A 91 -2.70 -7.24 -4.46
CA GLU A 91 -1.51 -6.39 -4.47
C GLU A 91 -1.49 -5.52 -5.72
N LEU A 92 -1.21 -4.25 -5.54
CA LEU A 92 -1.12 -3.33 -6.68
C LEU A 92 0.30 -3.24 -7.18
N CYS A 93 1.24 -3.08 -6.25
CA CYS A 93 2.61 -2.80 -6.62
C CYS A 93 3.57 -3.29 -5.55
N HIS A 94 4.81 -3.52 -5.96
CA HIS A 94 5.89 -3.88 -5.05
C HIS A 94 7.06 -2.95 -5.29
N TYR A 95 7.56 -2.34 -4.21
CA TYR A 95 8.65 -1.37 -4.26
C TYR A 95 8.22 -0.09 -4.97
N PHE A 96 8.75 1.02 -4.46
CA PHE A 96 8.51 2.35 -5.01
C PHE A 96 7.01 2.65 -5.03
N LEU A 97 6.48 2.97 -6.20
CA LEU A 97 5.07 3.31 -6.31
C LEU A 97 4.65 3.43 -7.77
N ASP A 98 3.85 2.49 -8.23
CA ASP A 98 3.27 2.59 -9.58
C ASP A 98 2.05 3.49 -9.55
N SER A 99 2.30 4.78 -9.78
CA SER A 99 1.26 5.80 -9.73
C SER A 99 0.13 5.51 -10.72
N ASP A 100 0.45 4.82 -11.81
CA ASP A 100 -0.54 4.52 -12.83
C ASP A 100 -1.54 3.48 -12.33
N VAL A 101 -1.03 2.42 -11.72
CA VAL A 101 -1.87 1.33 -11.25
C VAL A 101 -2.72 1.75 -10.04
N ILE A 102 -2.10 2.43 -9.10
CA ILE A 102 -2.84 2.93 -7.94
C ILE A 102 -3.85 3.98 -8.40
N GLY A 103 -3.55 4.67 -9.50
CA GLY A 103 -4.47 5.63 -10.05
C GLY A 103 -5.71 4.94 -10.61
N ALA A 104 -5.52 3.77 -11.19
CA ALA A 104 -6.63 2.98 -11.74
C ALA A 104 -7.53 2.48 -10.62
N TYR A 105 -6.96 2.32 -9.44
CA TYR A 105 -7.71 1.85 -8.26
C TYR A 105 -8.34 3.03 -7.52
N LEU A 106 -7.58 4.11 -7.35
CA LEU A 106 -8.00 5.25 -6.55
C LEU A 106 -9.02 6.12 -7.28
N SER A 107 -8.86 6.27 -8.59
CA SER A 107 -9.75 7.13 -9.36
C SER A 107 -10.76 6.31 -10.15
N MET A 23 -20.34 16.90 -10.79
CA MET A 23 -21.53 16.77 -9.92
C MET A 23 -21.21 15.87 -8.75
N ASN A 24 -22.10 15.85 -7.77
CA ASN A 24 -21.89 15.05 -6.56
C ASN A 24 -22.30 13.60 -6.76
N ASN A 25 -21.43 12.81 -7.36
CA ASN A 25 -21.59 11.37 -7.35
C ASN A 25 -20.64 10.78 -6.32
N GLN A 26 -21.11 10.72 -5.09
CA GLN A 26 -20.25 10.48 -3.95
C GLN A 26 -19.79 9.03 -3.88
N VAL A 27 -18.49 8.83 -4.07
CA VAL A 27 -17.86 7.56 -3.81
C VAL A 27 -16.96 7.66 -2.59
N GLU A 28 -16.87 6.57 -1.87
CA GLU A 28 -16.11 6.52 -0.65
C GLU A 28 -14.66 6.13 -0.95
N PRO A 29 -13.74 6.39 0.00
CA PRO A 29 -12.30 6.21 -0.23
C PRO A 29 -11.86 4.76 -0.08
N ARG A 30 -10.65 4.49 -0.54
CA ARG A 30 -10.07 3.15 -0.46
C ARG A 30 -8.99 3.13 0.61
N LYS A 31 -8.24 2.04 0.70
CA LYS A 31 -7.23 1.94 1.73
C LYS A 31 -6.04 1.08 1.29
N LEU A 32 -4.85 1.53 1.66
CA LEU A 32 -3.62 0.77 1.45
C LEU A 32 -3.02 0.37 2.80
N VAL A 33 -2.69 -0.90 2.92
CA VAL A 33 -1.96 -1.37 4.08
C VAL A 33 -0.53 -1.68 3.67
N VAL A 34 0.43 -1.23 4.43
CA VAL A 34 1.81 -1.56 4.16
C VAL A 34 2.23 -2.75 5.03
N TYR A 35 2.34 -3.92 4.39
CA TYR A 35 2.77 -5.14 5.08
C TYR A 35 4.27 -5.13 5.27
N GLY A 36 4.72 -4.75 6.45
CA GLY A 36 6.12 -4.63 6.69
C GLY A 36 6.64 -5.62 7.69
N ARG A 37 7.88 -5.44 8.08
CA ARG A 37 8.46 -6.19 9.18
C ARG A 37 9.72 -5.49 9.67
N GLU A 38 9.58 -4.82 10.81
CA GLU A 38 10.70 -4.22 11.54
C GLU A 38 11.23 -2.94 10.85
N GLY A 39 11.62 -3.04 9.58
CA GLY A 39 12.12 -1.88 8.88
C GLY A 39 12.42 -2.13 7.42
N CYS A 40 12.46 -1.06 6.63
CA CYS A 40 12.79 -1.11 5.21
C CYS A 40 12.94 0.32 4.65
N HIS A 41 14.05 0.58 3.99
CA HIS A 41 14.34 1.93 3.49
C HIS A 41 13.38 2.33 2.38
N LEU A 42 13.11 1.40 1.47
CA LEU A 42 12.22 1.67 0.34
C LEU A 42 10.80 2.02 0.82
N CYS A 43 10.41 1.47 1.96
CA CYS A 43 9.11 1.77 2.54
C CYS A 43 8.96 3.27 2.75
N GLU A 44 9.96 3.88 3.39
CA GLU A 44 9.95 5.31 3.66
C GLU A 44 9.88 6.12 2.37
N GLU A 45 10.61 5.65 1.36
CA GLU A 45 10.69 6.33 0.09
C GLU A 45 9.34 6.32 -0.62
N MET A 46 8.62 5.20 -0.53
CA MET A 46 7.30 5.12 -1.12
C MET A 46 6.31 5.94 -0.31
N ILE A 47 6.44 5.92 1.01
CA ILE A 47 5.54 6.68 1.88
C ILE A 47 5.53 8.16 1.48
N ALA A 48 6.71 8.75 1.34
CA ALA A 48 6.82 10.16 0.95
C ALA A 48 6.13 10.42 -0.38
N SER A 49 6.33 9.52 -1.33
CA SER A 49 5.73 9.64 -2.65
C SER A 49 4.20 9.50 -2.57
N LEU A 50 3.75 8.50 -1.80
CA LEU A 50 2.32 8.25 -1.65
C LEU A 50 1.64 9.38 -0.88
N ARG A 51 2.35 10.00 0.05
CA ARG A 51 1.80 11.13 0.80
C ARG A 51 1.36 12.24 -0.12
N VAL A 52 2.15 12.47 -1.17
CA VAL A 52 1.83 13.51 -2.15
C VAL A 52 0.58 13.13 -2.95
N LEU A 53 0.50 11.86 -3.34
CA LEU A 53 -0.67 11.36 -4.05
C LEU A 53 -1.89 11.35 -3.13
N GLN A 54 -1.64 11.07 -1.86
CA GLN A 54 -2.67 11.02 -0.83
C GLN A 54 -3.34 12.39 -0.68
N LYS A 55 -2.60 13.43 -1.03
CA LYS A 55 -3.10 14.80 -0.95
C LYS A 55 -4.07 15.09 -2.10
N LYS A 56 -4.13 14.19 -3.06
CA LYS A 56 -5.11 14.29 -4.13
C LYS A 56 -6.19 13.22 -3.94
N SER A 57 -5.75 12.01 -3.63
CA SER A 57 -6.65 10.88 -3.47
C SER A 57 -6.34 10.15 -2.16
N TRP A 58 -7.28 10.15 -1.23
CA TRP A 58 -7.08 9.53 0.06
C TRP A 58 -7.19 8.02 -0.02
N PHE A 59 -6.23 7.33 0.58
CA PHE A 59 -6.22 5.88 0.61
C PHE A 59 -5.76 5.36 1.97
N GLU A 60 -5.82 6.23 2.99
CA GLU A 60 -5.37 5.87 4.34
C GLU A 60 -3.88 5.51 4.35
N LEU A 61 -3.37 5.17 5.51
CA LEU A 61 -2.02 4.66 5.64
C LEU A 61 -1.93 3.73 6.85
N GLU A 62 -1.75 2.44 6.58
CA GLU A 62 -1.68 1.46 7.65
C GLU A 62 -0.35 0.71 7.58
N VAL A 63 0.19 0.37 8.74
CA VAL A 63 1.44 -0.37 8.81
C VAL A 63 1.27 -1.61 9.68
N ILE A 64 1.45 -2.78 9.08
CA ILE A 64 1.28 -4.03 9.79
C ILE A 64 2.45 -4.97 9.51
N ASN A 65 3.06 -5.50 10.57
CA ASN A 65 4.14 -6.47 10.41
C ASN A 65 3.57 -7.86 10.21
N ILE A 66 4.04 -8.54 9.17
CA ILE A 66 3.64 -9.93 8.93
C ILE A 66 4.16 -10.82 10.05
N ASP A 67 5.44 -10.64 10.38
CA ASP A 67 6.11 -11.28 11.51
C ASP A 67 5.79 -12.78 11.63
N GLY A 68 4.83 -13.13 12.48
CA GLY A 68 4.59 -14.51 12.82
C GLY A 68 3.52 -15.16 11.96
N ASN A 69 2.89 -14.37 11.10
CA ASN A 69 1.87 -14.91 10.22
C ASN A 69 2.53 -15.58 9.02
N GLU A 70 2.92 -16.84 9.20
CA GLU A 70 3.61 -17.60 8.15
C GLU A 70 2.83 -17.58 6.84
N HIS A 71 1.50 -17.53 6.96
CA HIS A 71 0.63 -17.40 5.80
C HIS A 71 1.01 -16.16 4.98
N LEU A 72 1.19 -15.04 5.66
CA LEU A 72 1.57 -13.80 5.00
C LEU A 72 3.06 -13.79 4.66
N THR A 73 3.88 -14.31 5.57
CA THR A 73 5.32 -14.32 5.41
C THR A 73 5.74 -15.01 4.11
N ARG A 74 5.10 -16.15 3.79
CA ARG A 74 5.42 -16.87 2.56
C ARG A 74 5.12 -16.02 1.33
N LEU A 75 4.08 -15.22 1.43
CA LEU A 75 3.63 -14.40 0.32
C LEU A 75 4.50 -13.16 0.16
N TYR A 76 4.73 -12.45 1.27
CA TYR A 76 5.31 -11.13 1.21
C TYR A 76 6.70 -11.05 1.84
N ASN A 77 7.35 -12.20 2.08
CA ASN A 77 8.69 -12.22 2.68
C ASN A 77 9.66 -11.32 1.89
N ASP A 78 9.75 -11.57 0.59
CA ASP A 78 10.65 -10.80 -0.28
C ASP A 78 9.95 -9.56 -0.79
N ARG A 79 8.70 -9.39 -0.40
CA ARG A 79 7.85 -8.34 -0.94
C ARG A 79 7.62 -7.26 0.11
N VAL A 80 8.29 -7.37 1.26
CA VAL A 80 7.92 -6.63 2.46
C VAL A 80 7.84 -5.11 2.28
N PRO A 81 7.68 -4.37 3.40
CA PRO A 81 6.69 -3.37 3.52
C PRO A 81 5.93 -3.09 2.23
N VAL A 82 4.93 -3.91 1.93
CA VAL A 82 4.23 -3.88 0.63
C VAL A 82 3.04 -2.94 0.68
N LEU A 83 2.57 -2.50 -0.48
CA LEU A 83 1.31 -1.79 -0.55
C LEU A 83 0.20 -2.74 -0.95
N PHE A 84 -0.58 -3.13 0.04
CA PHE A 84 -1.65 -4.07 -0.14
C PHE A 84 -2.97 -3.34 -0.40
N ALA A 85 -3.64 -3.74 -1.48
CA ALA A 85 -4.93 -3.17 -1.82
C ALA A 85 -6.02 -3.79 -0.95
N VAL A 86 -6.45 -3.03 0.05
CA VAL A 86 -7.43 -3.49 1.03
C VAL A 86 -8.78 -3.72 0.37
N ASN A 87 -9.50 -4.73 0.88
CA ASN A 87 -10.85 -5.08 0.43
C ASN A 87 -10.86 -5.92 -0.84
N GLU A 88 -9.88 -5.71 -1.72
CA GLU A 88 -9.81 -6.46 -2.97
C GLU A 88 -8.82 -7.63 -2.87
N ASP A 89 -8.06 -7.65 -1.76
CA ASP A 89 -7.06 -8.69 -1.50
C ASP A 89 -6.17 -8.94 -2.71
N LYS A 90 -5.28 -7.99 -2.96
CA LYS A 90 -4.39 -8.08 -4.11
C LYS A 90 -3.18 -7.17 -3.89
N GLU A 91 -2.05 -7.56 -4.45
CA GLU A 91 -0.83 -6.79 -4.33
C GLU A 91 -0.66 -5.90 -5.55
N LEU A 92 -0.46 -4.61 -5.34
CA LEU A 92 -0.25 -3.70 -6.44
C LEU A 92 1.22 -3.72 -6.86
N CYS A 93 2.06 -3.18 -6.00
CA CYS A 93 3.51 -3.17 -6.20
C CYS A 93 4.16 -2.42 -5.05
N HIS A 94 5.29 -2.90 -4.57
CA HIS A 94 6.06 -2.14 -3.61
C HIS A 94 7.54 -2.33 -3.84
N TYR A 95 8.23 -1.20 -3.88
CA TYR A 95 9.69 -1.10 -3.96
C TYR A 95 10.03 0.37 -4.13
N PHE A 96 9.74 0.90 -5.30
CA PHE A 96 9.92 2.32 -5.56
C PHE A 96 8.58 3.00 -5.77
N LEU A 97 7.97 2.77 -6.94
CA LEU A 97 6.61 3.25 -7.24
C LEU A 97 6.24 2.93 -8.68
N ASP A 98 4.98 2.56 -8.90
CA ASP A 98 4.48 2.29 -10.24
C ASP A 98 3.79 3.54 -10.81
N SER A 99 3.01 4.20 -9.97
CA SER A 99 2.26 5.41 -10.35
C SER A 99 1.25 5.12 -11.46
N ASP A 100 0.87 3.87 -11.62
CA ASP A 100 -0.06 3.51 -12.69
C ASP A 100 -1.08 2.49 -12.20
N VAL A 101 -0.59 1.40 -11.64
CA VAL A 101 -1.45 0.37 -11.08
C VAL A 101 -2.17 0.91 -9.86
N ILE A 102 -1.46 1.71 -9.06
CA ILE A 102 -2.09 2.38 -7.94
C ILE A 102 -3.09 3.41 -8.44
N GLY A 103 -2.78 4.04 -9.57
CA GLY A 103 -3.71 5.00 -10.15
C GLY A 103 -4.97 4.32 -10.61
N ALA A 104 -4.82 3.12 -11.15
CA ALA A 104 -5.93 2.29 -11.54
C ALA A 104 -6.76 1.88 -10.32
N TYR A 105 -6.07 1.43 -9.28
CA TYR A 105 -6.74 1.00 -8.04
C TYR A 105 -7.39 2.18 -7.33
N LEU A 106 -6.69 3.30 -7.24
CA LEU A 106 -7.15 4.45 -6.44
C LEU A 106 -8.34 5.15 -7.09
N SER A 107 -8.96 4.51 -8.06
CA SER A 107 -10.17 5.04 -8.67
C SER A 107 -11.38 4.24 -8.19
N MET A 23 -21.17 12.03 -3.64
CA MET A 23 -21.94 10.78 -3.47
C MET A 23 -22.11 10.08 -4.82
N ASN A 24 -22.71 10.78 -5.78
CA ASN A 24 -22.81 10.28 -7.15
C ASN A 24 -21.46 10.47 -7.83
N ASN A 25 -21.05 11.73 -7.87
CA ASN A 25 -19.68 12.07 -8.21
C ASN A 25 -18.95 12.42 -6.92
N GLN A 26 -17.68 12.03 -6.82
CA GLN A 26 -16.89 12.19 -5.60
C GLN A 26 -17.43 11.28 -4.51
N VAL A 27 -16.72 10.19 -4.31
CA VAL A 27 -17.19 9.11 -3.47
C VAL A 27 -16.34 8.96 -2.24
N GLU A 28 -16.66 7.95 -1.46
CA GLU A 28 -15.94 7.65 -0.25
C GLU A 28 -14.59 7.00 -0.60
N PRO A 29 -13.58 7.19 0.25
CA PRO A 29 -12.19 6.86 -0.08
C PRO A 29 -11.90 5.36 -0.03
N ARG A 30 -10.86 4.96 -0.73
CA ARG A 30 -10.41 3.58 -0.71
C ARG A 30 -9.29 3.45 0.32
N LYS A 31 -8.64 2.29 0.37
CA LYS A 31 -7.62 2.07 1.36
C LYS A 31 -6.49 1.19 0.82
N LEU A 32 -5.27 1.55 1.19
CA LEU A 32 -4.09 0.77 0.87
C LEU A 32 -3.43 0.24 2.13
N VAL A 33 -3.15 -1.04 2.14
CA VAL A 33 -2.41 -1.64 3.23
C VAL A 33 -1.00 -1.95 2.78
N VAL A 34 -0.03 -1.47 3.52
CA VAL A 34 1.36 -1.74 3.22
C VAL A 34 1.85 -2.90 4.07
N TYR A 35 2.18 -4.00 3.42
CA TYR A 35 2.72 -5.15 4.12
C TYR A 35 4.24 -5.10 4.15
N GLY A 36 4.78 -5.13 5.35
CA GLY A 36 6.21 -5.18 5.55
C GLY A 36 6.54 -6.07 6.72
N ARG A 37 7.79 -6.47 6.86
CA ARG A 37 8.14 -7.36 7.96
C ARG A 37 8.35 -6.57 9.24
N GLU A 38 9.42 -5.80 9.28
CA GLU A 38 9.68 -4.89 10.39
C GLU A 38 9.80 -3.45 9.87
N GLY A 39 10.93 -3.14 9.28
CA GLY A 39 11.16 -1.81 8.74
C GLY A 39 12.16 -1.83 7.62
N CYS A 40 12.08 -0.86 6.73
CA CYS A 40 12.99 -0.78 5.59
C CYS A 40 12.95 0.61 5.00
N HIS A 41 14.10 1.07 4.50
CA HIS A 41 14.19 2.41 3.91
C HIS A 41 13.29 2.51 2.68
N LEU A 42 13.20 1.43 1.90
CA LEU A 42 12.33 1.42 0.73
C LEU A 42 10.88 1.65 1.11
N CYS A 43 10.50 1.17 2.29
CA CYS A 43 9.16 1.38 2.81
C CYS A 43 8.96 2.84 3.13
N GLU A 44 9.97 3.46 3.74
CA GLU A 44 9.94 4.88 4.06
C GLU A 44 9.86 5.74 2.80
N GLU A 45 10.60 5.33 1.76
CA GLU A 45 10.56 6.03 0.48
C GLU A 45 9.15 5.98 -0.09
N MET A 46 8.55 4.79 -0.07
CA MET A 46 7.17 4.61 -0.53
C MET A 46 6.20 5.43 0.32
N ILE A 47 6.31 5.31 1.64
CA ILE A 47 5.41 6.02 2.55
C ILE A 47 5.43 7.53 2.29
N ALA A 48 6.62 8.10 2.13
CA ALA A 48 6.76 9.52 1.85
C ALA A 48 6.05 9.90 0.56
N SER A 49 6.12 9.00 -0.42
CA SER A 49 5.44 9.20 -1.69
C SER A 49 3.93 9.09 -1.52
N LEU A 50 3.50 8.16 -0.66
CA LEU A 50 2.07 7.96 -0.39
C LEU A 50 1.47 9.19 0.25
N ARG A 51 2.21 9.82 1.15
CA ARG A 51 1.74 11.01 1.86
C ARG A 51 1.40 12.12 0.88
N VAL A 52 2.21 12.24 -0.16
CA VAL A 52 1.99 13.25 -1.19
C VAL A 52 0.77 12.88 -2.03
N LEU A 53 0.61 11.59 -2.31
CA LEU A 53 -0.54 11.11 -3.07
C LEU A 53 -1.83 11.27 -2.27
N GLN A 54 -1.75 11.15 -0.95
CA GLN A 54 -2.90 11.30 -0.07
C GLN A 54 -3.53 12.70 -0.21
N LYS A 55 -2.74 13.65 -0.71
CA LYS A 55 -3.22 14.99 -0.97
C LYS A 55 -4.14 15.03 -2.20
N LYS A 56 -3.84 14.17 -3.17
CA LYS A 56 -4.61 14.12 -4.41
C LYS A 56 -5.71 13.07 -4.30
N SER A 57 -5.38 11.96 -3.68
CA SER A 57 -6.30 10.85 -3.55
C SER A 57 -6.07 10.13 -2.22
N TRP A 58 -7.04 10.19 -1.33
CA TRP A 58 -6.91 9.55 -0.03
C TRP A 58 -7.15 8.05 -0.13
N PHE A 59 -6.21 7.28 0.41
CA PHE A 59 -6.31 5.83 0.43
C PHE A 59 -5.90 5.28 1.78
N GLU A 60 -5.94 6.14 2.81
CA GLU A 60 -5.50 5.76 4.14
C GLU A 60 -4.04 5.32 4.12
N LEU A 61 -3.54 4.90 5.26
CA LEU A 61 -2.23 4.27 5.31
C LEU A 61 -2.16 3.31 6.48
N GLU A 62 -2.12 2.02 6.17
CA GLU A 62 -2.03 1.00 7.20
C GLU A 62 -0.77 0.15 6.97
N VAL A 63 0.12 0.17 7.94
CA VAL A 63 1.35 -0.60 7.85
C VAL A 63 1.28 -1.80 8.77
N ILE A 64 1.21 -2.99 8.19
CA ILE A 64 1.08 -4.20 8.96
C ILE A 64 2.35 -5.04 8.90
N ASN A 65 2.98 -5.22 10.05
CA ASN A 65 4.20 -6.01 10.14
C ASN A 65 3.89 -7.50 10.09
N ILE A 66 4.39 -8.16 9.05
CA ILE A 66 4.23 -9.59 8.90
C ILE A 66 5.19 -10.32 9.83
N ASP A 67 6.40 -9.77 9.94
CA ASP A 67 7.49 -10.32 10.74
C ASP A 67 7.49 -11.86 10.78
N GLY A 68 6.91 -12.42 11.83
CA GLY A 68 6.90 -13.87 11.99
C GLY A 68 5.50 -14.41 12.12
N ASN A 69 4.56 -13.81 11.42
CA ASN A 69 3.19 -14.30 11.39
C ASN A 69 3.05 -15.38 10.33
N GLU A 70 2.74 -16.59 10.76
CA GLU A 70 2.69 -17.75 9.86
C GLU A 70 1.75 -17.55 8.68
N HIS A 71 0.75 -16.69 8.82
CA HIS A 71 -0.18 -16.45 7.73
C HIS A 71 0.45 -15.52 6.69
N LEU A 72 0.84 -14.32 7.13
CA LEU A 72 1.30 -13.30 6.20
C LEU A 72 2.74 -13.53 5.75
N THR A 73 3.61 -13.96 6.66
CA THR A 73 5.01 -14.17 6.32
C THR A 73 5.16 -15.22 5.21
N ARG A 74 4.50 -16.34 5.37
CA ARG A 74 4.56 -17.42 4.40
C ARG A 74 3.97 -16.99 3.06
N LEU A 75 3.01 -16.07 3.11
CA LEU A 75 2.36 -15.56 1.91
C LEU A 75 3.19 -14.49 1.21
N TYR A 76 3.63 -13.48 1.96
CA TYR A 76 4.16 -12.25 1.37
C TYR A 76 5.67 -12.07 1.50
N ASN A 77 6.37 -13.00 2.16
CA ASN A 77 7.80 -12.80 2.39
C ASN A 77 8.62 -12.99 1.12
N ASP A 78 8.79 -11.89 0.39
CA ASP A 78 9.61 -11.86 -0.82
C ASP A 78 10.47 -10.59 -0.81
N ARG A 79 9.89 -9.51 -1.31
CA ARG A 79 10.46 -8.18 -1.22
C ARG A 79 9.32 -7.26 -0.92
N VAL A 80 8.96 -7.21 0.36
CA VAL A 80 7.65 -6.81 0.80
C VAL A 80 7.19 -5.48 0.24
N PRO A 81 7.57 -4.37 0.86
CA PRO A 81 6.73 -3.20 0.96
C PRO A 81 5.62 -3.14 -0.09
N VAL A 82 4.55 -3.91 0.16
CA VAL A 82 3.50 -4.13 -0.84
C VAL A 82 2.30 -3.25 -0.57
N LEU A 83 1.80 -2.59 -1.61
CA LEU A 83 0.54 -1.88 -1.52
C LEU A 83 -0.60 -2.81 -1.84
N PHE A 84 -1.33 -3.19 -0.81
CA PHE A 84 -2.46 -4.07 -0.94
C PHE A 84 -3.73 -3.27 -1.14
N ALA A 85 -4.41 -3.52 -2.26
CA ALA A 85 -5.63 -2.82 -2.58
C ALA A 85 -6.79 -3.36 -1.78
N VAL A 86 -7.16 -2.65 -0.73
CA VAL A 86 -8.30 -3.02 0.10
C VAL A 86 -9.60 -2.86 -0.71
N ASN A 87 -10.68 -3.50 -0.27
CA ASN A 87 -11.99 -3.44 -0.95
C ASN A 87 -12.04 -4.38 -2.16
N GLU A 88 -11.01 -4.35 -2.99
CA GLU A 88 -10.91 -5.29 -4.10
C GLU A 88 -10.09 -6.50 -3.71
N ASP A 89 -9.19 -6.30 -2.74
CA ASP A 89 -8.34 -7.34 -2.20
C ASP A 89 -7.43 -7.94 -3.27
N LYS A 90 -6.33 -7.24 -3.53
CA LYS A 90 -5.33 -7.69 -4.51
C LYS A 90 -4.02 -6.91 -4.32
N GLU A 91 -2.96 -7.39 -4.94
CA GLU A 91 -1.64 -6.77 -4.84
C GLU A 91 -1.42 -5.80 -6.00
N LEU A 92 -1.05 -4.57 -5.69
CA LEU A 92 -0.83 -3.56 -6.74
C LEU A 92 0.65 -3.38 -7.03
N CYS A 93 1.30 -2.58 -6.20
CA CYS A 93 2.65 -2.11 -6.46
C CYS A 93 3.50 -2.20 -5.21
N HIS A 94 4.79 -2.45 -5.37
CA HIS A 94 5.70 -2.49 -4.24
C HIS A 94 7.07 -1.94 -4.61
N TYR A 95 7.85 -1.61 -3.59
CA TYR A 95 9.27 -1.24 -3.71
C TYR A 95 9.49 0.23 -4.09
N PHE A 96 9.30 0.58 -5.36
CA PHE A 96 9.72 1.91 -5.82
C PHE A 96 8.55 2.78 -6.26
N LEU A 97 7.34 2.23 -6.15
CA LEU A 97 6.11 2.95 -6.49
C LEU A 97 6.03 3.24 -7.98
N ASP A 98 5.15 2.53 -8.67
CA ASP A 98 4.97 2.72 -10.10
C ASP A 98 4.08 3.93 -10.37
N SER A 99 3.29 4.31 -9.37
CA SER A 99 2.35 5.44 -9.47
C SER A 99 1.16 5.11 -10.38
N ASP A 100 1.44 4.69 -11.61
CA ASP A 100 0.40 4.43 -12.60
C ASP A 100 -0.57 3.34 -12.14
N VAL A 101 -0.02 2.25 -11.61
CA VAL A 101 -0.83 1.10 -11.21
C VAL A 101 -1.81 1.47 -10.09
N ILE A 102 -1.34 2.18 -9.08
CA ILE A 102 -2.22 2.60 -8.00
C ILE A 102 -3.17 3.69 -8.50
N GLY A 103 -2.68 4.54 -9.39
CA GLY A 103 -3.52 5.56 -9.99
C GLY A 103 -4.68 4.95 -10.76
N ALA A 104 -4.41 3.81 -11.39
CA ALA A 104 -5.42 3.06 -12.14
C ALA A 104 -6.49 2.50 -11.20
N TYR A 105 -6.10 2.18 -9.98
CA TYR A 105 -7.01 1.66 -8.98
C TYR A 105 -7.70 2.78 -8.19
N LEU A 106 -6.90 3.73 -7.73
CA LEU A 106 -7.37 4.76 -6.81
C LEU A 106 -8.33 5.73 -7.49
N SER A 107 -8.05 6.06 -8.74
CA SER A 107 -8.89 6.99 -9.47
C SER A 107 -9.74 6.25 -10.50
N MET A 23 -23.34 15.36 -8.34
CA MET A 23 -24.68 15.37 -7.69
C MET A 23 -24.69 14.38 -6.54
N ASN A 24 -25.79 13.67 -6.39
CA ASN A 24 -25.93 12.65 -5.34
C ASN A 24 -25.13 11.39 -5.69
N ASN A 25 -23.88 11.59 -6.05
CA ASN A 25 -23.00 10.52 -6.45
C ASN A 25 -21.90 10.35 -5.41
N GLN A 26 -22.09 9.40 -4.50
CA GLN A 26 -21.16 9.22 -3.41
C GLN A 26 -19.84 8.63 -3.90
N VAL A 27 -18.78 9.35 -3.62
CA VAL A 27 -17.42 8.92 -3.92
C VAL A 27 -16.61 8.95 -2.64
N GLU A 28 -16.10 7.81 -2.25
CA GLU A 28 -15.47 7.66 -0.95
C GLU A 28 -14.09 7.01 -1.09
N PRO A 29 -13.20 7.29 -0.13
CA PRO A 29 -11.81 6.85 -0.20
C PRO A 29 -11.64 5.36 0.02
N ARG A 30 -10.58 4.82 -0.54
CA ARG A 30 -10.24 3.42 -0.39
C ARG A 30 -8.92 3.31 0.37
N LYS A 31 -8.72 2.25 1.13
CA LYS A 31 -7.54 2.16 2.00
C LYS A 31 -6.43 1.31 1.40
N LEU A 32 -5.21 1.81 1.50
CA LEU A 32 -4.03 1.04 1.17
C LEU A 32 -3.33 0.56 2.44
N VAL A 33 -3.02 -0.71 2.48
CA VAL A 33 -2.28 -1.27 3.59
C VAL A 33 -0.87 -1.61 3.16
N VAL A 34 0.10 -1.14 3.91
CA VAL A 34 1.49 -1.50 3.68
C VAL A 34 1.87 -2.65 4.60
N TYR A 35 2.25 -3.77 4.01
CA TYR A 35 2.63 -4.94 4.79
C TYR A 35 4.03 -4.79 5.34
N GLY A 36 4.12 -4.36 6.59
CA GLY A 36 5.40 -4.08 7.19
C GLY A 36 6.10 -5.33 7.67
N ARG A 37 7.40 -5.23 7.85
CA ARG A 37 8.20 -6.33 8.36
C ARG A 37 9.31 -5.79 9.25
N GLU A 38 9.33 -4.46 9.36
CA GLU A 38 10.44 -3.73 9.97
C GLU A 38 11.76 -4.00 9.23
N GLY A 39 12.79 -3.25 9.57
CA GLY A 39 14.11 -3.48 8.99
C GLY A 39 14.29 -2.88 7.61
N CYS A 40 13.41 -3.26 6.69
CA CYS A 40 13.52 -2.81 5.29
C CYS A 40 13.21 -1.32 5.17
N HIS A 41 14.22 -0.55 4.81
CA HIS A 41 14.09 0.90 4.71
C HIS A 41 13.24 1.29 3.50
N LEU A 42 13.26 0.44 2.46
CA LEU A 42 12.47 0.69 1.25
C LEU A 42 10.99 0.90 1.58
N CYS A 43 10.52 0.27 2.65
CA CYS A 43 9.14 0.48 3.10
C CYS A 43 8.88 1.97 3.34
N GLU A 44 9.87 2.67 3.90
CA GLU A 44 9.73 4.10 4.17
C GLU A 44 9.75 4.90 2.88
N GLU A 45 10.51 4.41 1.91
CA GLU A 45 10.55 5.02 0.57
C GLU A 45 9.15 5.09 -0.02
N MET A 46 8.42 3.99 0.12
CA MET A 46 7.05 3.91 -0.37
C MET A 46 6.15 4.84 0.43
N ILE A 47 6.37 4.86 1.74
CA ILE A 47 5.59 5.71 2.65
C ILE A 47 5.71 7.18 2.23
N ALA A 48 6.93 7.61 1.92
CA ALA A 48 7.17 8.99 1.49
C ALA A 48 6.36 9.30 0.23
N SER A 49 6.37 8.37 -0.71
CA SER A 49 5.58 8.51 -1.93
C SER A 49 4.08 8.59 -1.60
N LEU A 50 3.64 7.74 -0.68
CA LEU A 50 2.22 7.70 -0.29
C LEU A 50 1.82 9.02 0.37
N ARG A 51 2.72 9.59 1.16
CA ARG A 51 2.45 10.86 1.83
C ARG A 51 2.20 11.96 0.82
N VAL A 52 2.99 11.99 -0.24
CA VAL A 52 2.83 12.98 -1.29
C VAL A 52 1.57 12.70 -2.11
N LEU A 53 1.31 11.42 -2.37
CA LEU A 53 0.12 11.03 -3.11
C LEU A 53 -1.15 11.32 -2.31
N GLN A 54 -1.08 11.18 -0.99
CA GLN A 54 -2.21 11.45 -0.12
C GLN A 54 -2.68 12.90 -0.24
N LYS A 55 -1.79 13.76 -0.72
CA LYS A 55 -2.11 15.17 -0.91
C LYS A 55 -2.87 15.41 -2.21
N LYS A 56 -2.82 14.41 -3.08
CA LYS A 56 -3.52 14.47 -4.37
C LYS A 56 -4.74 13.56 -4.33
N SER A 57 -4.52 12.37 -3.84
CA SER A 57 -5.53 11.33 -3.81
C SER A 57 -5.44 10.56 -2.49
N TRP A 58 -6.46 10.68 -1.66
CA TRP A 58 -6.44 10.08 -0.34
C TRP A 58 -6.76 8.59 -0.40
N PHE A 59 -5.91 7.78 0.22
CA PHE A 59 -6.10 6.34 0.27
C PHE A 59 -5.78 5.78 1.65
N GLU A 60 -5.75 6.66 2.65
CA GLU A 60 -5.39 6.30 4.02
C GLU A 60 -3.99 5.69 4.07
N LEU A 61 -3.57 5.28 5.25
CA LEU A 61 -2.35 4.52 5.39
C LEU A 61 -2.43 3.60 6.60
N GLU A 62 -2.36 2.30 6.34
CA GLU A 62 -2.41 1.31 7.39
C GLU A 62 -1.22 0.38 7.26
N VAL A 63 -0.44 0.27 8.32
CA VAL A 63 0.74 -0.57 8.32
C VAL A 63 0.48 -1.84 9.12
N ILE A 64 0.60 -2.98 8.46
CA ILE A 64 0.36 -4.26 9.11
C ILE A 64 1.58 -5.17 8.96
N ASN A 65 2.27 -5.41 10.06
CA ASN A 65 3.46 -6.23 10.05
C ASN A 65 3.14 -7.70 9.79
N ILE A 66 3.75 -8.25 8.75
CA ILE A 66 3.56 -9.65 8.41
C ILE A 66 4.54 -10.52 9.18
N ASP A 67 5.51 -9.88 9.83
CA ASP A 67 6.47 -10.61 10.64
C ASP A 67 5.82 -11.10 11.93
N GLY A 68 4.59 -10.68 12.16
CA GLY A 68 3.80 -11.20 13.25
C GLY A 68 2.87 -12.30 12.78
N ASN A 69 2.89 -12.55 11.47
CA ASN A 69 2.06 -13.58 10.86
C ASN A 69 2.92 -14.43 9.93
N GLU A 70 3.38 -15.58 10.42
CA GLU A 70 4.38 -16.37 9.73
C GLU A 70 3.92 -16.89 8.37
N HIS A 71 2.61 -17.02 8.17
CA HIS A 71 2.12 -17.43 6.86
C HIS A 71 2.18 -16.26 5.88
N LEU A 72 1.83 -15.07 6.36
CA LEU A 72 1.99 -13.85 5.56
C LEU A 72 3.46 -13.58 5.27
N THR A 73 4.32 -13.98 6.21
CA THR A 73 5.75 -13.77 6.08
C THR A 73 6.28 -14.32 4.76
N ARG A 74 6.07 -15.60 4.51
CA ARG A 74 6.58 -16.23 3.29
C ARG A 74 5.96 -15.63 2.04
N LEU A 75 4.71 -15.20 2.16
CA LEU A 75 3.99 -14.63 1.04
C LEU A 75 4.56 -13.28 0.60
N TYR A 76 4.96 -12.44 1.56
CA TYR A 76 5.36 -11.08 1.24
C TYR A 76 6.70 -10.69 1.89
N ASN A 77 7.49 -11.69 2.30
CA ASN A 77 8.75 -11.43 3.01
C ASN A 77 9.64 -10.46 2.25
N ASP A 78 9.89 -10.76 0.99
CA ASP A 78 10.75 -9.95 0.15
C ASP A 78 9.92 -8.93 -0.63
N ARG A 79 8.66 -8.80 -0.24
CA ARG A 79 7.75 -7.88 -0.88
C ARG A 79 6.98 -7.13 0.19
N VAL A 80 7.70 -6.58 1.16
CA VAL A 80 7.06 -5.86 2.27
C VAL A 80 6.85 -4.39 2.01
N PRO A 81 7.60 -3.73 1.12
CA PRO A 81 7.18 -2.43 0.67
C PRO A 81 6.02 -2.58 -0.33
N VAL A 82 5.01 -3.33 0.09
CA VAL A 82 3.92 -3.76 -0.76
C VAL A 82 2.62 -3.06 -0.34
N LEU A 83 1.74 -2.84 -1.29
CA LEU A 83 0.47 -2.18 -1.01
C LEU A 83 -0.70 -3.12 -1.19
N PHE A 84 -1.48 -3.30 -0.12
CA PHE A 84 -2.68 -4.10 -0.17
C PHE A 84 -3.90 -3.20 -0.31
N ALA A 85 -4.71 -3.46 -1.33
CA ALA A 85 -5.90 -2.66 -1.57
C ALA A 85 -7.07 -3.18 -0.74
N VAL A 86 -7.42 -2.42 0.29
CA VAL A 86 -8.56 -2.76 1.13
C VAL A 86 -9.86 -2.36 0.43
N ASN A 87 -10.45 -3.32 -0.28
CA ASN A 87 -11.66 -3.09 -1.05
C ASN A 87 -11.94 -4.31 -1.92
N GLU A 88 -10.90 -4.75 -2.63
CA GLU A 88 -11.03 -5.87 -3.57
C GLU A 88 -10.11 -7.02 -3.17
N ASP A 89 -9.20 -6.76 -2.23
CA ASP A 89 -8.19 -7.74 -1.80
C ASP A 89 -7.23 -8.02 -2.95
N LYS A 90 -6.17 -7.23 -3.01
CA LYS A 90 -5.21 -7.30 -4.10
C LYS A 90 -3.95 -6.50 -3.75
N GLU A 91 -2.82 -6.91 -4.28
CA GLU A 91 -1.59 -6.17 -4.08
C GLU A 91 -1.40 -5.17 -5.24
N LEU A 92 -1.02 -3.96 -4.90
CA LEU A 92 -0.79 -2.91 -5.87
C LEU A 92 0.57 -3.07 -6.53
N CYS A 93 1.61 -2.81 -5.75
CA CYS A 93 2.97 -2.88 -6.25
C CYS A 93 3.92 -3.20 -5.11
N HIS A 94 5.19 -3.27 -5.44
CA HIS A 94 6.23 -3.64 -4.48
C HIS A 94 7.22 -2.50 -4.31
N TYR A 95 8.32 -2.78 -3.60
CA TYR A 95 9.40 -1.80 -3.41
C TYR A 95 9.70 -1.05 -4.70
N PHE A 96 9.85 0.27 -4.58
CA PHE A 96 10.00 1.15 -5.74
C PHE A 96 8.66 1.27 -6.46
N LEU A 97 7.93 2.32 -6.08
CA LEU A 97 6.51 2.49 -6.42
C LEU A 97 6.22 2.38 -7.92
N ASP A 98 5.32 1.47 -8.26
CA ASP A 98 4.74 1.45 -9.60
C ASP A 98 3.63 2.50 -9.65
N SER A 99 3.97 3.68 -10.11
CA SER A 99 3.09 4.83 -10.01
C SER A 99 1.88 4.67 -10.92
N ASP A 100 2.06 4.08 -12.08
CA ASP A 100 0.97 3.85 -13.01
C ASP A 100 -0.10 2.95 -12.41
N VAL A 101 0.34 1.89 -11.76
CA VAL A 101 -0.58 0.91 -11.19
C VAL A 101 -1.41 1.51 -10.05
N ILE A 102 -0.75 2.22 -9.14
CA ILE A 102 -1.49 2.83 -8.04
C ILE A 102 -2.40 3.95 -8.56
N GLY A 103 -1.94 4.68 -9.56
CA GLY A 103 -2.76 5.72 -10.16
C GLY A 103 -4.02 5.16 -10.77
N ALA A 104 -3.90 3.98 -11.36
CA ALA A 104 -5.03 3.28 -11.95
C ALA A 104 -6.06 2.93 -10.87
N TYR A 105 -5.59 2.36 -9.77
CA TYR A 105 -6.46 1.95 -8.67
C TYR A 105 -7.02 3.14 -7.90
N LEU A 106 -6.21 4.20 -7.78
CA LEU A 106 -6.59 5.35 -6.97
C LEU A 106 -7.46 6.32 -7.76
N SER A 107 -7.93 5.90 -8.92
CA SER A 107 -8.90 6.68 -9.67
C SER A 107 -10.30 6.13 -9.41
N MET A 23 -23.07 17.15 -11.47
CA MET A 23 -22.54 16.64 -10.18
C MET A 23 -23.60 16.73 -9.10
N ASN A 24 -24.05 15.57 -8.63
CA ASN A 24 -25.06 15.51 -7.58
C ASN A 24 -24.54 14.69 -6.41
N ASN A 25 -23.71 13.69 -6.71
CA ASN A 25 -23.19 12.80 -5.68
C ASN A 25 -21.66 12.79 -5.69
N GLN A 26 -21.08 12.54 -4.53
CA GLN A 26 -19.64 12.39 -4.40
C GLN A 26 -19.31 11.04 -3.78
N VAL A 27 -18.12 10.53 -4.02
CA VAL A 27 -17.75 9.22 -3.51
C VAL A 27 -16.90 9.33 -2.26
N GLU A 28 -16.54 8.17 -1.72
CA GLU A 28 -15.74 8.08 -0.52
C GLU A 28 -14.37 7.48 -0.88
N PRO A 29 -13.38 7.53 0.04
CA PRO A 29 -12.01 7.09 -0.27
C PRO A 29 -11.89 5.57 -0.35
N ARG A 30 -10.89 5.12 -1.10
CA ARG A 30 -10.63 3.70 -1.27
C ARG A 30 -9.34 3.32 -0.55
N LYS A 31 -9.46 2.47 0.46
CA LYS A 31 -8.37 2.22 1.40
C LYS A 31 -7.26 1.35 0.80
N LEU A 32 -6.03 1.71 1.13
CA LEU A 32 -4.86 0.92 0.79
C LEU A 32 -4.21 0.35 2.04
N VAL A 33 -3.65 -0.84 1.92
CA VAL A 33 -2.89 -1.44 3.00
C VAL A 33 -1.46 -1.70 2.53
N VAL A 34 -0.51 -1.44 3.40
CA VAL A 34 0.88 -1.70 3.09
C VAL A 34 1.43 -2.81 4.00
N TYR A 35 1.87 -3.89 3.39
CA TYR A 35 2.51 -4.96 4.14
C TYR A 35 3.98 -4.63 4.34
N GLY A 36 4.37 -4.42 5.58
CA GLY A 36 5.73 -4.04 5.89
C GLY A 36 6.35 -4.99 6.89
N ARG A 37 7.55 -4.67 7.34
CA ARG A 37 8.25 -5.52 8.29
C ARG A 37 9.32 -4.72 9.03
N GLU A 38 9.66 -5.17 10.22
CA GLU A 38 10.73 -4.60 10.99
C GLU A 38 12.07 -5.00 10.39
N GLY A 39 12.39 -4.40 9.25
CA GLY A 39 13.62 -4.73 8.56
C GLY A 39 13.48 -4.59 7.07
N CYS A 40 13.18 -3.39 6.62
CA CYS A 40 13.07 -3.07 5.21
C CYS A 40 12.91 -1.57 5.05
N HIS A 41 13.91 -0.92 4.44
CA HIS A 41 13.94 0.53 4.34
C HIS A 41 12.88 1.05 3.37
N LEU A 42 12.63 0.30 2.30
CA LEU A 42 11.76 0.76 1.20
C LEU A 42 10.38 1.21 1.69
N CYS A 43 9.91 0.65 2.80
CA CYS A 43 8.64 1.03 3.37
C CYS A 43 8.58 2.54 3.64
N GLU A 44 9.73 3.12 3.97
CA GLU A 44 9.84 4.55 4.23
C GLU A 44 9.54 5.34 2.96
N GLU A 45 10.20 4.95 1.87
CA GLU A 45 10.03 5.58 0.57
C GLU A 45 8.56 5.57 0.15
N MET A 46 7.94 4.40 0.24
CA MET A 46 6.55 4.24 -0.15
C MET A 46 5.65 5.17 0.66
N ILE A 47 5.74 5.08 1.97
CA ILE A 47 4.89 5.86 2.86
C ILE A 47 5.01 7.36 2.56
N ALA A 48 6.24 7.86 2.51
CA ALA A 48 6.47 9.28 2.24
C ALA A 48 5.85 9.70 0.92
N SER A 49 5.92 8.81 -0.07
CA SER A 49 5.35 9.05 -1.38
C SER A 49 3.82 9.07 -1.32
N LEU A 50 3.26 8.10 -0.59
CA LEU A 50 1.82 7.96 -0.49
C LEU A 50 1.20 9.16 0.23
N ARG A 51 1.88 9.67 1.25
CA ARG A 51 1.37 10.79 2.05
C ARG A 51 1.11 12.01 1.17
N VAL A 52 1.96 12.19 0.16
CA VAL A 52 1.82 13.31 -0.76
C VAL A 52 0.69 13.04 -1.76
N LEU A 53 0.52 11.77 -2.13
CA LEU A 53 -0.54 11.38 -3.04
C LEU A 53 -1.90 11.49 -2.34
N GLN A 54 -1.90 11.28 -1.03
CA GLN A 54 -3.11 11.39 -0.21
C GLN A 54 -3.70 12.79 -0.30
N LYS A 55 -2.88 13.76 -0.69
CA LYS A 55 -3.33 15.15 -0.81
C LYS A 55 -4.06 15.36 -2.14
N LYS A 56 -3.87 14.41 -3.06
CA LYS A 56 -4.58 14.42 -4.32
C LYS A 56 -5.80 13.51 -4.23
N SER A 57 -5.55 12.30 -3.74
CA SER A 57 -6.58 11.30 -3.60
C SER A 57 -6.37 10.53 -2.30
N TRP A 58 -7.35 10.57 -1.40
CA TRP A 58 -7.22 9.90 -0.12
C TRP A 58 -7.48 8.42 -0.26
N PHE A 59 -6.58 7.62 0.31
CA PHE A 59 -6.70 6.17 0.25
C PHE A 59 -6.33 5.53 1.58
N GLU A 60 -6.29 6.34 2.65
CA GLU A 60 -5.88 5.86 3.97
C GLU A 60 -4.45 5.33 3.93
N LEU A 61 -3.95 4.88 5.07
CA LEU A 61 -2.67 4.22 5.09
C LEU A 61 -2.58 3.26 6.27
N GLU A 62 -2.59 1.97 5.98
CA GLU A 62 -2.50 0.95 7.01
C GLU A 62 -1.21 0.16 6.85
N VAL A 63 -0.35 0.21 7.85
CA VAL A 63 0.92 -0.50 7.80
C VAL A 63 0.87 -1.73 8.69
N ILE A 64 0.94 -2.89 8.07
CA ILE A 64 0.84 -4.15 8.80
C ILE A 64 2.16 -4.91 8.76
N ASN A 65 2.77 -5.07 9.93
CA ASN A 65 4.04 -5.75 10.07
C ASN A 65 3.89 -7.26 9.90
N ILE A 66 4.55 -7.80 8.89
CA ILE A 66 4.49 -9.22 8.59
C ILE A 66 5.50 -10.01 9.40
N ASP A 67 6.59 -9.35 9.80
CA ASP A 67 7.72 -10.05 10.44
C ASP A 67 7.32 -10.59 11.82
N GLY A 68 6.30 -9.98 12.41
CA GLY A 68 5.79 -10.46 13.68
C GLY A 68 4.75 -11.55 13.50
N ASN A 69 4.75 -12.15 12.31
CA ASN A 69 3.82 -13.22 11.96
C ASN A 69 4.53 -14.27 11.13
N GLU A 70 4.59 -15.49 11.62
CA GLU A 70 5.30 -16.58 10.95
C GLU A 70 4.82 -16.76 9.52
N HIS A 71 3.52 -16.60 9.31
CA HIS A 71 2.92 -16.86 8.02
C HIS A 71 3.21 -15.74 7.04
N LEU A 72 2.91 -14.51 7.44
CA LEU A 72 3.10 -13.36 6.57
C LEU A 72 4.58 -13.14 6.24
N THR A 73 5.46 -13.46 7.19
CA THR A 73 6.89 -13.37 6.94
C THR A 73 7.28 -14.26 5.77
N ARG A 74 6.89 -15.53 5.82
CA ARG A 74 7.22 -16.50 4.78
C ARG A 74 6.55 -16.13 3.46
N LEU A 75 5.38 -15.52 3.54
CA LEU A 75 4.63 -15.13 2.36
C LEU A 75 5.27 -13.97 1.61
N TYR A 76 5.63 -12.91 2.34
CA TYR A 76 6.03 -11.66 1.71
C TYR A 76 7.50 -11.31 1.94
N ASN A 77 8.28 -12.22 2.52
CA ASN A 77 9.70 -11.91 2.80
C ASN A 77 10.46 -11.58 1.53
N ASP A 78 11.27 -10.52 1.62
CA ASP A 78 12.14 -10.04 0.52
C ASP A 78 11.36 -9.31 -0.57
N ARG A 79 10.11 -9.70 -0.79
CA ARG A 79 9.34 -9.14 -1.87
C ARG A 79 8.17 -8.40 -1.27
N VAL A 80 8.43 -7.74 -0.14
CA VAL A 80 7.41 -7.06 0.57
C VAL A 80 7.01 -5.80 -0.16
N PRO A 81 7.56 -4.64 0.24
CA PRO A 81 6.84 -3.39 0.19
C PRO A 81 5.62 -3.43 -0.74
N VAL A 82 4.56 -4.07 -0.23
CA VAL A 82 3.44 -4.47 -1.07
C VAL A 82 2.18 -3.68 -0.74
N LEU A 83 1.59 -3.08 -1.77
CA LEU A 83 0.35 -2.35 -1.62
C LEU A 83 -0.84 -3.27 -1.84
N PHE A 84 -1.59 -3.52 -0.78
CA PHE A 84 -2.76 -4.36 -0.82
C PHE A 84 -3.99 -3.51 -1.10
N ALA A 85 -4.67 -3.82 -2.20
CA ALA A 85 -5.86 -3.10 -2.58
C ALA A 85 -7.06 -3.62 -1.82
N VAL A 86 -7.48 -2.87 -0.81
CA VAL A 86 -8.64 -3.23 -0.02
C VAL A 86 -9.88 -3.20 -0.90
N ASN A 87 -10.83 -4.09 -0.60
CA ASN A 87 -12.08 -4.26 -1.38
C ASN A 87 -11.86 -5.20 -2.56
N GLU A 88 -10.64 -5.23 -3.09
CA GLU A 88 -10.31 -6.15 -4.17
C GLU A 88 -9.66 -7.42 -3.65
N ASP A 89 -8.83 -7.26 -2.61
CA ASP A 89 -8.05 -8.37 -2.03
C ASP A 89 -6.98 -8.83 -3.02
N LYS A 90 -5.91 -8.04 -3.09
CA LYS A 90 -4.83 -8.25 -4.06
C LYS A 90 -3.75 -7.20 -3.87
N GLU A 91 -2.54 -7.48 -4.33
CA GLU A 91 -1.48 -6.48 -4.30
C GLU A 91 -1.43 -5.77 -5.65
N LEU A 92 -1.19 -4.46 -5.63
CA LEU A 92 -1.03 -3.70 -6.86
C LEU A 92 0.40 -3.80 -7.35
N CYS A 93 1.32 -3.24 -6.58
CA CYS A 93 2.72 -3.25 -6.92
C CYS A 93 3.54 -3.38 -5.65
N HIS A 94 4.84 -3.60 -5.79
CA HIS A 94 5.70 -3.84 -4.63
C HIS A 94 7.08 -3.21 -4.83
N TYR A 95 7.89 -3.29 -3.78
CA TYR A 95 9.28 -2.79 -3.77
C TYR A 95 9.34 -1.28 -3.57
N PHE A 96 9.14 -0.52 -4.63
CA PHE A 96 9.32 0.92 -4.57
C PHE A 96 8.00 1.64 -4.72
N LEU A 97 7.58 1.85 -5.95
CA LEU A 97 6.34 2.55 -6.25
C LEU A 97 6.14 2.67 -7.75
N ASP A 98 4.90 2.66 -8.18
CA ASP A 98 4.58 2.89 -9.58
C ASP A 98 3.31 3.73 -9.67
N SER A 99 3.47 4.97 -10.09
CA SER A 99 2.37 5.94 -10.12
C SER A 99 1.27 5.49 -11.08
N ASP A 100 1.65 4.73 -12.09
CA ASP A 100 0.73 4.31 -13.13
C ASP A 100 -0.23 3.22 -12.63
N VAL A 101 0.34 2.19 -12.01
CA VAL A 101 -0.46 1.08 -11.49
C VAL A 101 -1.40 1.51 -10.38
N ILE A 102 -0.89 2.27 -9.41
CA ILE A 102 -1.76 2.76 -8.35
C ILE A 102 -2.72 3.81 -8.89
N GLY A 103 -2.29 4.53 -9.92
CA GLY A 103 -3.14 5.49 -10.58
C GLY A 103 -4.31 4.82 -11.27
N ALA A 104 -4.16 3.52 -11.54
CA ALA A 104 -5.22 2.73 -12.15
C ALA A 104 -6.29 2.41 -11.11
N TYR A 105 -5.86 2.20 -9.87
CA TYR A 105 -6.76 1.88 -8.78
C TYR A 105 -7.32 3.14 -8.14
N LEU A 106 -6.48 4.14 -7.98
CA LEU A 106 -6.88 5.40 -7.35
C LEU A 106 -7.51 6.35 -8.35
N SER A 107 -7.86 5.84 -9.52
CA SER A 107 -8.52 6.64 -10.54
C SER A 107 -10.03 6.69 -10.24
N MET A 23 -27.05 18.10 -7.70
CA MET A 23 -26.46 16.74 -7.76
C MET A 23 -24.99 16.80 -7.38
N ASN A 24 -24.60 15.94 -6.43
CA ASN A 24 -23.21 15.81 -6.03
C ASN A 24 -22.93 14.36 -5.68
N ASN A 25 -22.04 13.73 -6.43
CA ASN A 25 -21.72 12.33 -6.20
C ASN A 25 -20.24 12.15 -5.94
N GLN A 26 -19.92 11.40 -4.90
CA GLN A 26 -18.53 11.14 -4.54
C GLN A 26 -18.36 9.65 -4.28
N VAL A 27 -17.12 9.20 -4.32
CA VAL A 27 -16.82 7.80 -4.05
C VAL A 27 -16.48 7.61 -2.58
N GLU A 28 -16.23 6.37 -2.21
CA GLU A 28 -15.88 6.04 -0.85
C GLU A 28 -14.38 5.76 -0.74
N PRO A 29 -13.79 5.89 0.45
CA PRO A 29 -12.36 5.73 0.64
C PRO A 29 -11.94 4.26 0.74
N ARG A 30 -11.07 3.87 -0.16
CA ARG A 30 -10.53 2.52 -0.17
C ARG A 30 -9.12 2.53 0.40
N LYS A 31 -8.93 1.80 1.49
CA LYS A 31 -7.69 1.84 2.23
C LYS A 31 -6.55 1.13 1.50
N LEU A 32 -5.38 1.74 1.54
CA LEU A 32 -4.16 1.09 1.08
C LEU A 32 -3.32 0.68 2.25
N VAL A 33 -3.07 -0.61 2.36
CA VAL A 33 -2.22 -1.13 3.40
C VAL A 33 -0.85 -1.45 2.86
N VAL A 34 0.17 -0.96 3.52
CA VAL A 34 1.53 -1.25 3.14
C VAL A 34 2.06 -2.40 3.97
N TYR A 35 2.19 -3.56 3.35
CA TYR A 35 2.81 -4.70 4.00
C TYR A 35 4.32 -4.57 3.93
N GLY A 36 4.93 -4.46 5.09
CA GLY A 36 6.37 -4.33 5.15
C GLY A 36 6.92 -4.97 6.39
N ARG A 37 8.04 -4.47 6.88
CA ARG A 37 8.62 -4.96 8.12
C ARG A 37 9.78 -4.08 8.56
N GLU A 38 10.18 -4.24 9.81
CA GLU A 38 11.33 -3.54 10.36
C GLU A 38 12.60 -3.94 9.61
N GLY A 39 13.38 -2.95 9.20
CA GLY A 39 14.63 -3.23 8.52
C GLY A 39 14.53 -3.06 7.02
N CYS A 40 13.33 -2.83 6.51
CA CYS A 40 13.14 -2.60 5.10
C CYS A 40 12.89 -1.12 4.84
N HIS A 41 13.92 -0.44 4.35
CA HIS A 41 13.87 1.00 4.15
C HIS A 41 12.83 1.37 3.09
N LEU A 42 12.66 0.50 2.10
CA LEU A 42 11.73 0.74 1.00
C LEU A 42 10.30 0.94 1.51
N CYS A 43 9.97 0.27 2.61
CA CYS A 43 8.64 0.40 3.20
C CYS A 43 8.39 1.85 3.62
N GLU A 44 9.41 2.46 4.21
CA GLU A 44 9.32 3.84 4.66
C GLU A 44 9.28 4.78 3.47
N GLU A 45 10.00 4.43 2.43
CA GLU A 45 10.05 5.23 1.20
C GLU A 45 8.70 5.22 0.51
N MET A 46 7.99 4.10 0.61
CA MET A 46 6.61 4.02 0.11
C MET A 46 5.70 4.94 0.90
N ILE A 47 5.85 4.94 2.22
CA ILE A 47 5.02 5.76 3.10
C ILE A 47 5.07 7.23 2.68
N ALA A 48 6.27 7.77 2.56
CA ALA A 48 6.46 9.17 2.18
C ALA A 48 5.84 9.46 0.81
N SER A 49 5.84 8.45 -0.05
CA SER A 49 5.27 8.59 -1.38
C SER A 49 3.75 8.62 -1.32
N LEU A 50 3.17 7.71 -0.55
CA LEU A 50 1.72 7.61 -0.42
C LEU A 50 1.13 8.85 0.25
N ARG A 51 1.87 9.40 1.20
CA ARG A 51 1.42 10.60 1.91
C ARG A 51 1.15 11.75 0.93
N VAL A 52 1.92 11.80 -0.13
CA VAL A 52 1.75 12.83 -1.14
C VAL A 52 0.56 12.51 -2.03
N LEU A 53 0.39 11.24 -2.38
CA LEU A 53 -0.75 10.81 -3.19
C LEU A 53 -2.06 11.06 -2.46
N GLN A 54 -2.03 10.90 -1.14
CA GLN A 54 -3.20 11.17 -0.29
C GLN A 54 -3.76 12.56 -0.53
N LYS A 55 -2.88 13.49 -0.91
CA LYS A 55 -3.25 14.87 -1.11
C LYS A 55 -3.98 15.07 -2.44
N LYS A 56 -3.95 14.05 -3.28
CA LYS A 56 -4.68 14.07 -4.54
C LYS A 56 -5.86 13.11 -4.46
N SER A 57 -5.59 11.92 -3.95
CA SER A 57 -6.56 10.85 -3.87
C SER A 57 -6.46 10.17 -2.51
N TRP A 58 -7.56 10.11 -1.79
CA TRP A 58 -7.55 9.57 -0.43
C TRP A 58 -7.67 8.05 -0.44
N PHE A 59 -6.82 7.39 0.35
CA PHE A 59 -6.85 5.95 0.50
C PHE A 59 -6.42 5.52 1.90
N GLU A 60 -6.48 6.47 2.85
CA GLU A 60 -6.04 6.22 4.22
C GLU A 60 -4.57 5.77 4.24
N LEU A 61 -4.10 5.30 5.39
CA LEU A 61 -2.75 4.75 5.49
C LEU A 61 -2.71 3.69 6.57
N GLU A 62 -2.14 2.54 6.25
CA GLU A 62 -1.98 1.47 7.22
C GLU A 62 -0.70 0.71 6.94
N VAL A 63 0.14 0.55 7.95
CA VAL A 63 1.41 -0.14 7.81
C VAL A 63 1.45 -1.37 8.70
N ILE A 64 1.61 -2.54 8.09
CA ILE A 64 1.54 -3.78 8.82
C ILE A 64 2.77 -4.65 8.54
N ASN A 65 3.44 -5.06 9.61
CA ASN A 65 4.64 -5.88 9.50
C ASN A 65 4.29 -7.32 9.19
N ILE A 66 4.89 -7.85 8.13
CA ILE A 66 4.63 -9.22 7.69
C ILE A 66 5.38 -10.23 8.55
N ASP A 67 6.47 -9.79 9.17
CA ASP A 67 7.34 -10.69 9.93
C ASP A 67 6.74 -10.99 11.30
N GLY A 68 5.64 -10.32 11.62
CA GLY A 68 4.92 -10.61 12.84
C GLY A 68 3.83 -11.63 12.63
N ASN A 69 3.61 -11.99 11.36
CA ASN A 69 2.56 -12.94 11.01
C ASN A 69 3.12 -14.08 10.18
N GLU A 70 2.92 -15.30 10.65
CA GLU A 70 3.41 -16.51 9.99
C GLU A 70 3.03 -16.54 8.50
N HIS A 71 1.76 -16.25 8.22
CA HIS A 71 1.27 -16.27 6.85
C HIS A 71 2.00 -15.25 5.99
N LEU A 72 2.10 -14.03 6.50
CA LEU A 72 2.64 -12.92 5.72
C LEU A 72 4.15 -13.03 5.56
N THR A 73 4.83 -13.60 6.54
CA THR A 73 6.28 -13.79 6.45
C THR A 73 6.62 -14.68 5.25
N ARG A 74 5.97 -15.83 5.20
CA ARG A 74 6.23 -16.82 4.14
C ARG A 74 5.92 -16.24 2.76
N LEU A 75 4.96 -15.33 2.72
CA LEU A 75 4.50 -14.75 1.47
C LEU A 75 5.37 -13.57 1.00
N TYR A 76 5.90 -12.77 1.92
CA TYR A 76 6.47 -11.48 1.56
C TYR A 76 7.79 -11.22 2.24
N ASN A 77 8.37 -12.25 2.86
CA ASN A 77 9.57 -12.10 3.69
C ASN A 77 10.67 -11.26 3.01
N ASP A 78 10.86 -11.41 1.71
CA ASP A 78 11.90 -10.66 1.01
C ASP A 78 11.36 -10.01 -0.25
N ARG A 79 10.04 -9.82 -0.28
CA ARG A 79 9.39 -9.28 -1.45
C ARG A 79 8.22 -8.46 -0.96
N VAL A 80 8.48 -7.66 0.08
CA VAL A 80 7.45 -6.94 0.75
C VAL A 80 7.02 -5.72 -0.04
N PRO A 81 7.53 -4.53 0.31
CA PRO A 81 6.77 -3.31 0.22
C PRO A 81 5.58 -3.40 -0.73
N VAL A 82 4.52 -4.03 -0.24
CA VAL A 82 3.37 -4.39 -1.07
C VAL A 82 2.14 -3.57 -0.70
N LEU A 83 1.62 -2.84 -1.67
CA LEU A 83 0.40 -2.07 -1.46
C LEU A 83 -0.82 -2.95 -1.64
N PHE A 84 -1.47 -3.25 -0.53
CA PHE A 84 -2.67 -4.07 -0.55
C PHE A 84 -3.91 -3.18 -0.63
N ALA A 85 -4.71 -3.41 -1.67
CA ALA A 85 -5.92 -2.64 -1.88
C ALA A 85 -7.07 -3.17 -1.03
N VAL A 86 -7.36 -2.48 0.06
CA VAL A 86 -8.45 -2.87 0.94
C VAL A 86 -9.79 -2.39 0.39
N ASN A 87 -10.36 -3.23 -0.47
CA ASN A 87 -11.64 -2.96 -1.12
C ASN A 87 -11.87 -4.03 -2.16
N GLU A 88 -10.87 -4.23 -3.00
CA GLU A 88 -10.93 -5.24 -4.05
C GLU A 88 -10.18 -6.49 -3.60
N ASP A 89 -9.31 -6.31 -2.59
CA ASP A 89 -8.50 -7.39 -2.03
C ASP A 89 -7.47 -7.88 -3.04
N LYS A 90 -6.39 -7.13 -3.20
CA LYS A 90 -5.27 -7.54 -4.05
C LYS A 90 -4.14 -6.53 -3.96
N GLU A 91 -2.92 -7.01 -4.13
CA GLU A 91 -1.73 -6.16 -4.07
C GLU A 91 -1.52 -5.46 -5.41
N LEU A 92 -1.12 -4.20 -5.36
CA LEU A 92 -0.88 -3.42 -6.57
C LEU A 92 0.58 -3.52 -7.01
N CYS A 93 1.42 -2.72 -6.39
CA CYS A 93 2.84 -2.71 -6.72
C CYS A 93 3.68 -3.02 -5.49
N HIS A 94 4.95 -3.35 -5.69
CA HIS A 94 5.80 -3.73 -4.58
C HIS A 94 7.24 -3.25 -4.76
N TYR A 95 8.02 -3.35 -3.67
CA TYR A 95 9.43 -2.94 -3.61
C TYR A 95 9.58 -1.42 -3.56
N PHE A 96 9.53 -0.77 -4.72
CA PHE A 96 9.75 0.66 -4.77
C PHE A 96 8.41 1.40 -4.83
N LEU A 97 7.83 1.45 -6.02
CA LEU A 97 6.53 2.06 -6.23
C LEU A 97 6.23 2.15 -7.73
N ASP A 98 4.97 2.02 -8.08
CA ASP A 98 4.54 2.29 -9.45
C ASP A 98 3.45 3.34 -9.42
N SER A 99 3.74 4.49 -10.01
CA SER A 99 2.85 5.65 -9.93
C SER A 99 1.73 5.58 -10.94
N ASP A 100 1.71 4.55 -11.77
CA ASP A 100 0.71 4.45 -12.83
C ASP A 100 -0.30 3.36 -12.50
N VAL A 101 0.17 2.25 -11.94
CA VAL A 101 -0.73 1.18 -11.52
C VAL A 101 -1.66 1.65 -10.42
N ILE A 102 -1.12 2.37 -9.45
CA ILE A 102 -1.94 2.93 -8.39
C ILE A 102 -2.83 4.04 -8.95
N GLY A 103 -2.34 4.73 -9.98
CA GLY A 103 -3.12 5.77 -10.62
C GLY A 103 -4.32 5.19 -11.35
N ALA A 104 -4.13 4.01 -11.91
CA ALA A 104 -5.20 3.30 -12.61
C ALA A 104 -6.24 2.79 -11.61
N TYR A 105 -5.77 2.37 -10.45
CA TYR A 105 -6.64 1.81 -9.43
C TYR A 105 -7.33 2.90 -8.62
N LEU A 106 -6.56 3.89 -8.17
CA LEU A 106 -7.07 4.90 -7.24
C LEU A 106 -7.89 5.97 -7.95
N SER A 107 -8.27 5.71 -9.19
CA SER A 107 -9.12 6.62 -9.93
C SER A 107 -10.39 5.90 -10.37
#